data_1QI1
#
_entry.id   1QI1
#
_cell.length_a   158.500
_cell.length_b   158.500
_cell.length_c   282.800
_cell.angle_alpha   90.00
_cell.angle_beta   90.00
_cell.angle_gamma   120.00
#
_symmetry.space_group_name_H-M   'P 32 2 1'
#
loop_
_entity.id
_entity.type
_entity.pdbx_description
1 polymer 'PROTEIN (NADP-DEPENDENT NONPHOSPHORYLATING GLYCERALDEHYDE-3-PHOSPHATE DEHYDROGENASE)'
2 non-polymer 'NADP NICOTINAMIDE-ADENINE-DINUCLEOTIDE PHOSPHATE'
3 non-polymer GLYCERALDEHYDE-3-PHOSPHATE
4 non-polymer SN-GLYCEROL-3-PHOSPHATE
#
_entity_poly.entity_id   1
_entity_poly.type   'polypeptide(L)'
_entity_poly.pdbx_seq_one_letter_code
;MTKQYKNYVNGEWKLSENEIKIYEPASGAELGSVPAMSTEEVDYVYASAKKAQPAWRALSYIERAAYLHKVADILMRDKE
KIGAILSKEVAKGYKSAVSEVVRTAEIINYAAEEGLRMEGEVLEGGSFEAASKKKIAVVRREPVGLVLAISPFNYPVNLA
GSKIAPALIAGNVIAFKPPTQGSISGLLLAEAFAEAGLPAGVFNTITGRGSEIGDYIVEHQAVNFINFTGSTGIGERIGK
MAGMRPIMLELGGKDSAIVLEDADLELTAKNIIAGAFGYSGQRSTAVKRVLVMESVADELVEKIREKVLALTIGNPEDDA
DITPLIDTKSADYVEGLINDANDKGATALTEIKREGNLICPILFDKVTTDMRLAWEEPFGPVLPIIRVTSVEEAIEISNK
SEYGLQASIFTNDFPRAFGIAEQLEVGTVHINNKTQRGTDNFPFLGAKKSGAGIQGVKYSIEAMTTVKSVVFDIK
;
_entity_poly.pdbx_strand_id   A,B,C,D
#
loop_
_chem_comp.id
_chem_comp.type
_chem_comp.name
_chem_comp.formula
G3H non-polymer GLYCERALDEHYDE-3-PHOSPHATE 'C3 H7 O6 P'
G3P non-polymer SN-GLYCEROL-3-PHOSPHATE 'C3 H9 O6 P'
NAP non-polymer 'NADP NICOTINAMIDE-ADENINE-DINUCLEOTIDE PHOSPHATE' 'C21 H28 N7 O17 P3'
#
# COMPACT_ATOMS: atom_id res chain seq x y z
N THR A 2 -40.84 7.15 -33.01
CA THR A 2 -41.00 7.49 -31.56
C THR A 2 -40.48 6.38 -30.62
N LYS A 3 -41.02 5.18 -30.81
CA LYS A 3 -40.65 4.04 -29.99
C LYS A 3 -41.10 4.30 -28.55
N GLN A 4 -40.67 5.43 -28.00
CA GLN A 4 -41.01 5.83 -26.64
C GLN A 4 -40.30 4.99 -25.59
N TYR A 5 -39.02 5.31 -25.40
CA TYR A 5 -38.17 4.66 -24.42
C TYR A 5 -38.60 5.03 -23.00
N LYS A 6 -38.48 4.10 -22.07
CA LYS A 6 -38.87 4.35 -20.68
C LYS A 6 -37.67 4.30 -19.74
N ASN A 7 -37.82 4.92 -18.58
CA ASN A 7 -36.76 4.93 -17.58
C ASN A 7 -36.88 3.68 -16.75
N TYR A 8 -35.76 3.27 -16.17
CA TYR A 8 -35.74 2.10 -15.31
C TYR A 8 -35.77 2.63 -13.89
N VAL A 9 -36.92 2.51 -13.25
CA VAL A 9 -37.08 3.02 -11.89
C VAL A 9 -37.62 1.99 -10.90
N ASN A 10 -36.82 1.74 -9.88
CA ASN A 10 -37.17 0.79 -8.84
C ASN A 10 -37.65 -0.54 -9.42
N GLY A 11 -36.86 -1.07 -10.35
CA GLY A 11 -37.18 -2.34 -10.97
C GLY A 11 -38.25 -2.31 -12.05
N GLU A 12 -38.72 -1.12 -12.42
CA GLU A 12 -39.76 -1.00 -13.44
C GLU A 12 -39.46 0.05 -14.50
N TRP A 13 -39.97 -0.19 -15.71
CA TRP A 13 -39.79 0.72 -16.83
C TRP A 13 -40.99 1.65 -16.86
N LYS A 14 -40.73 2.97 -16.83
CA LYS A 14 -41.81 3.94 -16.80
C LYS A 14 -41.72 5.12 -17.75
N LEU A 15 -42.85 5.40 -18.39
CA LEU A 15 -42.99 6.53 -19.30
C LEU A 15 -43.40 7.74 -18.45
N SER A 16 -43.38 8.92 -19.05
CA SER A 16 -43.78 10.15 -18.33
C SER A 16 -44.84 10.87 -19.17
N GLU A 17 -45.55 11.83 -18.57
CA GLU A 17 -46.57 12.58 -19.29
C GLU A 17 -45.99 13.26 -20.53
N ASN A 18 -44.78 13.78 -20.38
CA ASN A 18 -44.11 14.47 -21.48
C ASN A 18 -42.89 13.67 -21.93
N GLU A 19 -42.54 13.85 -23.21
CA GLU A 19 -41.41 13.17 -23.81
C GLU A 19 -40.53 14.18 -24.53
N ILE A 20 -39.42 13.70 -25.05
CA ILE A 20 -38.46 14.52 -25.79
C ILE A 20 -38.08 13.65 -26.98
N LYS A 21 -38.29 14.14 -28.20
CA LYS A 21 -37.96 13.39 -29.41
C LYS A 21 -36.51 13.55 -29.79
N ILE A 22 -35.85 12.42 -30.07
CA ILE A 22 -34.44 12.42 -30.41
C ILE A 22 -34.25 12.18 -31.89
N TYR A 23 -33.40 12.99 -32.53
CA TYR A 23 -33.13 12.87 -33.96
C TYR A 23 -31.66 12.59 -34.25
N GLU A 24 -31.39 11.94 -35.38
CA GLU A 24 -30.03 11.61 -35.77
C GLU A 24 -29.28 12.83 -36.29
N PRO A 25 -28.23 13.26 -35.56
CA PRO A 25 -27.42 14.43 -35.94
C PRO A 25 -27.07 14.53 -37.43
N ALA A 26 -26.83 13.39 -38.06
CA ALA A 26 -26.46 13.36 -39.48
C ALA A 26 -27.66 13.35 -40.44
N SER A 27 -28.49 12.31 -40.38
CA SER A 27 -29.63 12.20 -41.28
C SER A 27 -30.82 13.08 -40.88
N GLY A 28 -31.02 13.22 -39.58
CA GLY A 28 -32.13 14.02 -39.09
C GLY A 28 -33.32 13.18 -38.69
N ALA A 29 -33.26 11.89 -39.02
CA ALA A 29 -34.35 10.97 -38.71
C ALA A 29 -34.64 10.93 -37.22
N GLU A 30 -35.89 10.63 -36.89
CA GLU A 30 -36.29 10.56 -35.49
C GLU A 30 -35.96 9.16 -34.99
N LEU A 31 -35.08 9.07 -33.98
CA LEU A 31 -34.72 7.77 -33.40
C LEU A 31 -35.79 7.30 -32.45
N GLY A 32 -36.35 8.24 -31.71
CA GLY A 32 -37.39 7.89 -30.77
C GLY A 32 -37.61 9.02 -29.78
N SER A 33 -38.22 8.70 -28.65
CA SER A 33 -38.46 9.71 -27.64
C SER A 33 -38.20 9.19 -26.23
N VAL A 34 -37.53 9.99 -25.42
CA VAL A 34 -37.21 9.64 -24.05
C VAL A 34 -38.03 10.50 -23.10
N PRO A 35 -38.37 9.97 -21.90
CA PRO A 35 -39.14 10.69 -20.90
C PRO A 35 -38.62 12.06 -20.49
N ALA A 36 -39.55 12.93 -20.14
CA ALA A 36 -39.23 14.28 -19.68
C ALA A 36 -39.79 14.25 -18.26
N MET A 37 -39.00 13.72 -17.33
CA MET A 37 -39.41 13.59 -15.94
C MET A 37 -39.76 14.87 -15.24
N SER A 38 -40.53 14.71 -14.16
CA SER A 38 -40.96 15.79 -13.31
C SER A 38 -40.23 15.60 -11.98
N THR A 39 -40.05 16.68 -11.22
CA THR A 39 -39.37 16.56 -9.94
C THR A 39 -40.03 15.51 -9.04
N GLU A 40 -41.35 15.35 -9.17
CA GLU A 40 -42.09 14.35 -8.39
C GLU A 40 -41.53 12.96 -8.69
N GLU A 41 -41.26 12.74 -9.97
CA GLU A 41 -40.72 11.48 -10.43
C GLU A 41 -39.27 11.29 -9.97
N VAL A 42 -38.50 12.37 -10.03
CA VAL A 42 -37.11 12.37 -9.59
C VAL A 42 -37.06 12.01 -8.11
N ASP A 43 -38.08 12.40 -7.37
CA ASP A 43 -38.15 12.12 -5.95
C ASP A 43 -38.36 10.64 -5.66
N TYR A 44 -39.08 9.96 -6.55
CA TYR A 44 -39.35 8.53 -6.38
C TYR A 44 -38.11 7.71 -6.75
N VAL A 45 -37.36 8.18 -7.74
CA VAL A 45 -36.13 7.52 -8.13
C VAL A 45 -35.24 7.52 -6.88
N TYR A 46 -34.98 8.72 -6.35
CA TYR A 46 -34.14 8.87 -5.18
C TYR A 46 -34.66 8.11 -3.96
N ALA A 47 -35.98 8.16 -3.75
CA ALA A 47 -36.57 7.47 -2.60
C ALA A 47 -36.38 5.97 -2.71
N SER A 48 -36.52 5.45 -3.92
CA SER A 48 -36.34 4.02 -4.17
C SER A 48 -34.91 3.61 -3.86
N ALA A 49 -33.95 4.38 -4.37
CA ALA A 49 -32.53 4.13 -4.16
C ALA A 49 -32.14 4.10 -2.68
N LYS A 50 -32.44 5.17 -1.97
CA LYS A 50 -32.09 5.25 -0.55
C LYS A 50 -32.73 4.12 0.24
N LYS A 51 -33.89 3.69 -0.22
CA LYS A 51 -34.64 2.61 0.43
C LYS A 51 -33.93 1.28 0.26
N ALA A 52 -33.33 1.09 -0.90
CA ALA A 52 -32.63 -0.15 -1.24
C ALA A 52 -31.14 -0.19 -0.89
N GLN A 53 -30.54 0.96 -0.62
CA GLN A 53 -29.12 0.99 -0.29
C GLN A 53 -28.65 0.05 0.83
N PRO A 54 -29.33 0.06 1.98
CA PRO A 54 -28.94 -0.80 3.10
C PRO A 54 -28.68 -2.27 2.77
N ALA A 55 -29.63 -2.88 2.06
CA ALA A 55 -29.51 -4.29 1.70
C ALA A 55 -28.50 -4.60 0.59
N TRP A 56 -28.11 -3.58 -0.17
CA TRP A 56 -27.14 -3.76 -1.24
C TRP A 56 -25.79 -3.78 -0.54
N ARG A 57 -25.65 -2.88 0.43
CA ARG A 57 -24.43 -2.79 1.21
C ARG A 57 -24.28 -4.12 1.96
N ALA A 58 -25.41 -4.69 2.40
CA ALA A 58 -25.39 -5.95 3.15
C ALA A 58 -24.83 -7.12 2.36
N LEU A 59 -25.00 -7.12 1.05
CA LEU A 59 -24.48 -8.19 0.22
C LEU A 59 -22.97 -8.26 0.34
N SER A 60 -22.40 -9.37 -0.11
CA SER A 60 -20.96 -9.55 -0.08
C SER A 60 -20.36 -8.96 -1.38
N TYR A 61 -19.10 -8.57 -1.33
CA TYR A 61 -18.44 -8.02 -2.50
C TYR A 61 -18.50 -9.00 -3.65
N ILE A 62 -18.32 -10.28 -3.33
CA ILE A 62 -18.38 -11.32 -4.35
C ILE A 62 -19.74 -11.30 -5.10
N GLU A 63 -20.85 -11.17 -4.36
CA GLU A 63 -22.19 -11.11 -4.95
C GLU A 63 -22.41 -9.87 -5.81
N ARG A 64 -21.94 -8.71 -5.34
CA ARG A 64 -22.10 -7.48 -6.11
C ARG A 64 -21.25 -7.56 -7.39
N ALA A 65 -20.05 -8.13 -7.27
CA ALA A 65 -19.15 -8.29 -8.40
C ALA A 65 -19.76 -9.24 -9.42
N ALA A 66 -20.51 -10.22 -8.90
CA ALA A 66 -21.18 -11.20 -9.74
C ALA A 66 -22.16 -10.52 -10.71
N TYR A 67 -23.02 -9.63 -10.17
CA TYR A 67 -24.01 -8.89 -10.95
C TYR A 67 -23.33 -8.04 -12.02
N LEU A 68 -22.29 -7.32 -11.62
CA LEU A 68 -21.55 -6.45 -12.54
C LEU A 68 -20.99 -7.22 -13.72
N HIS A 69 -20.58 -8.47 -13.49
CA HIS A 69 -20.03 -9.29 -14.56
C HIS A 69 -21.16 -9.69 -15.51
N LYS A 70 -22.35 -9.97 -14.94
CA LYS A 70 -23.48 -10.36 -15.76
C LYS A 70 -23.86 -9.22 -16.70
N VAL A 71 -23.78 -7.99 -16.19
CA VAL A 71 -24.09 -6.80 -16.98
C VAL A 71 -23.15 -6.70 -18.17
N ALA A 72 -21.85 -6.78 -17.90
CA ALA A 72 -20.85 -6.68 -18.95
C ALA A 72 -21.00 -7.79 -20.00
N ASP A 73 -21.37 -8.99 -19.54
CA ASP A 73 -21.55 -10.11 -20.46
C ASP A 73 -22.64 -9.75 -21.45
N ILE A 74 -23.78 -9.30 -20.92
CA ILE A 74 -24.91 -8.90 -21.75
C ILE A 74 -24.54 -7.79 -22.75
N LEU A 75 -23.76 -6.80 -22.29
CA LEU A 75 -23.32 -5.71 -23.16
C LEU A 75 -22.53 -6.25 -24.36
N MET A 76 -21.62 -7.18 -24.09
CA MET A 76 -20.81 -7.78 -25.13
C MET A 76 -21.71 -8.55 -26.09
N ARG A 77 -22.75 -9.17 -25.54
CA ARG A 77 -23.70 -9.92 -26.36
C ARG A 77 -24.41 -9.00 -27.34
N ASP A 78 -25.03 -7.95 -26.83
CA ASP A 78 -25.76 -7.00 -27.66
C ASP A 78 -24.91 -5.79 -28.07
N LYS A 79 -23.63 -6.01 -28.40
CA LYS A 79 -22.79 -4.88 -28.76
C LYS A 79 -23.12 -4.25 -30.10
N GLU A 80 -23.57 -5.06 -31.06
CA GLU A 80 -23.93 -4.53 -32.37
C GLU A 80 -25.26 -3.78 -32.31
N LYS A 81 -26.23 -4.36 -31.60
CA LYS A 81 -27.54 -3.73 -31.46
C LYS A 81 -27.37 -2.33 -30.90
N ILE A 82 -26.75 -2.24 -29.72
CA ILE A 82 -26.51 -0.95 -29.06
C ILE A 82 -25.61 -0.04 -29.91
N GLY A 83 -24.58 -0.61 -30.52
CA GLY A 83 -23.68 0.17 -31.33
C GLY A 83 -24.38 0.85 -32.50
N ALA A 84 -25.27 0.10 -33.15
CA ALA A 84 -26.02 0.62 -34.30
C ALA A 84 -26.77 1.90 -33.96
N ILE A 85 -27.44 1.91 -32.82
CA ILE A 85 -28.20 3.09 -32.37
C ILE A 85 -27.30 4.20 -31.88
N LEU A 86 -26.42 3.89 -30.93
CA LEU A 86 -25.48 4.86 -30.38
C LEU A 86 -24.77 5.60 -31.52
N SER A 87 -24.44 4.86 -32.59
CA SER A 87 -23.76 5.44 -33.75
C SER A 87 -24.59 6.52 -34.39
N LYS A 88 -25.90 6.26 -34.50
CA LYS A 88 -26.87 7.19 -35.07
C LYS A 88 -27.19 8.38 -34.16
N GLU A 89 -27.40 8.10 -32.87
CA GLU A 89 -27.77 9.12 -31.92
C GLU A 89 -26.75 10.24 -31.73
N VAL A 90 -25.46 9.92 -31.80
CA VAL A 90 -24.45 10.96 -31.61
C VAL A 90 -23.46 11.13 -32.76
N ALA A 91 -23.86 10.70 -33.96
CA ALA A 91 -23.03 10.82 -35.17
C ALA A 91 -21.62 10.28 -35.02
N LYS A 92 -21.52 9.08 -34.44
CA LYS A 92 -20.24 8.43 -34.24
C LYS A 92 -20.17 7.30 -35.25
N GLY A 93 -18.98 7.00 -35.74
CA GLY A 93 -18.83 5.92 -36.71
C GLY A 93 -19.29 4.59 -36.13
N TYR A 94 -19.95 3.77 -36.94
CA TYR A 94 -20.44 2.49 -36.45
C TYR A 94 -19.43 1.65 -35.66
N LYS A 95 -18.34 1.25 -36.30
CA LYS A 95 -17.34 0.45 -35.63
C LYS A 95 -16.93 1.08 -34.31
N SER A 96 -16.63 2.38 -34.36
CA SER A 96 -16.23 3.13 -33.17
C SER A 96 -17.29 3.09 -32.08
N ALA A 97 -18.55 3.18 -32.47
CA ALA A 97 -19.64 3.14 -31.50
C ALA A 97 -19.67 1.78 -30.84
N VAL A 98 -19.34 0.73 -31.59
CA VAL A 98 -19.35 -0.62 -31.03
C VAL A 98 -18.20 -0.74 -30.03
N SER A 99 -17.10 -0.10 -30.35
CA SER A 99 -15.93 -0.15 -29.47
C SER A 99 -16.33 0.44 -28.13
N GLU A 100 -17.10 1.54 -28.14
CA GLU A 100 -17.51 2.19 -26.91
C GLU A 100 -18.26 1.23 -25.99
N VAL A 101 -19.11 0.38 -26.59
CA VAL A 101 -19.87 -0.61 -25.83
C VAL A 101 -18.93 -1.64 -25.25
N VAL A 102 -17.93 -2.05 -26.03
CA VAL A 102 -16.95 -3.04 -25.58
C VAL A 102 -16.10 -2.48 -24.43
N ARG A 103 -15.56 -1.29 -24.61
CA ARG A 103 -14.74 -0.68 -23.57
C ARG A 103 -15.53 -0.47 -22.27
N THR A 104 -16.86 -0.38 -22.39
CA THR A 104 -17.71 -0.19 -21.22
C THR A 104 -17.79 -1.51 -20.46
N ALA A 105 -17.88 -2.61 -21.22
CA ALA A 105 -17.93 -3.94 -20.61
C ALA A 105 -16.62 -4.16 -19.87
N GLU A 106 -15.51 -3.78 -20.51
CA GLU A 106 -14.20 -3.90 -19.90
C GLU A 106 -14.15 -3.16 -18.57
N ILE A 107 -14.49 -1.87 -18.57
CA ILE A 107 -14.48 -1.07 -17.34
C ILE A 107 -15.38 -1.66 -16.26
N ILE A 108 -16.55 -2.16 -16.66
CA ILE A 108 -17.47 -2.75 -15.70
C ILE A 108 -16.86 -3.98 -15.02
N ASN A 109 -16.27 -4.88 -15.82
CA ASN A 109 -15.62 -6.09 -15.30
C ASN A 109 -14.41 -5.70 -14.43
N TYR A 110 -13.57 -4.77 -14.92
CA TYR A 110 -12.39 -4.36 -14.18
C TYR A 110 -12.76 -3.76 -12.85
N ALA A 111 -13.80 -2.93 -12.86
CA ALA A 111 -14.28 -2.28 -11.65
C ALA A 111 -14.80 -3.34 -10.68
N ALA A 112 -15.43 -4.38 -11.20
CA ALA A 112 -15.98 -5.46 -10.38
C ALA A 112 -14.92 -6.24 -9.60
N GLU A 113 -13.82 -6.59 -10.27
CA GLU A 113 -12.74 -7.33 -9.63
C GLU A 113 -11.86 -6.47 -8.75
N GLU A 114 -11.65 -5.23 -9.18
CA GLU A 114 -10.84 -4.28 -8.43
C GLU A 114 -11.53 -3.95 -7.10
N GLY A 115 -12.86 -3.95 -7.13
CA GLY A 115 -13.65 -3.64 -5.96
C GLY A 115 -13.64 -4.62 -4.82
N LEU A 116 -13.55 -5.91 -5.10
CA LEU A 116 -13.57 -6.89 -4.02
C LEU A 116 -12.19 -7.15 -3.42
N ARG A 117 -11.18 -6.47 -3.94
CA ARG A 117 -9.82 -6.62 -3.44
C ARG A 117 -9.36 -5.34 -2.77
N MET A 118 -10.30 -4.46 -2.47
CA MET A 118 -10.01 -3.18 -1.82
C MET A 118 -10.02 -3.47 -0.33
N GLU A 119 -8.88 -3.26 0.34
CA GLU A 119 -8.79 -3.56 1.76
C GLU A 119 -8.52 -2.44 2.76
N GLY A 120 -8.67 -2.79 4.03
CA GLY A 120 -8.49 -1.85 5.12
C GLY A 120 -7.10 -1.89 5.70
N GLU A 121 -6.94 -1.22 6.84
CA GLU A 121 -5.66 -1.13 7.55
C GLU A 121 -5.86 -1.09 9.07
N VAL A 122 -4.83 -1.51 9.80
CA VAL A 122 -4.86 -1.57 11.25
C VAL A 122 -3.75 -0.63 11.70
N LEU A 123 -4.06 0.29 12.61
CA LEU A 123 -3.03 1.24 13.06
C LEU A 123 -2.66 1.12 14.53
N GLU A 124 -1.40 1.42 14.84
CA GLU A 124 -0.89 1.28 16.19
C GLU A 124 -0.86 2.59 16.98
N GLY A 125 -1.46 2.59 18.17
CA GLY A 125 -1.42 3.78 18.99
C GLY A 125 0.02 4.07 19.40
N GLY A 126 0.83 3.01 19.49
CA GLY A 126 2.22 3.10 19.87
C GLY A 126 3.14 3.77 18.87
N SER A 127 2.66 3.96 17.64
CA SER A 127 3.47 4.65 16.62
C SER A 127 3.49 6.15 16.92
N PHE A 128 2.47 6.62 17.63
CA PHE A 128 2.35 8.02 17.98
C PHE A 128 2.75 8.31 19.41
N GLU A 129 2.22 7.54 20.36
CA GLU A 129 2.60 7.76 21.74
C GLU A 129 2.52 6.51 22.59
N ALA A 130 3.64 6.27 23.29
CA ALA A 130 3.81 5.10 24.15
C ALA A 130 2.60 4.71 24.97
N ALA A 131 1.99 5.70 25.63
CA ALA A 131 0.83 5.47 26.48
C ALA A 131 -0.35 4.84 25.76
N SER A 132 -0.35 4.89 24.43
CA SER A 132 -1.46 4.34 23.64
C SER A 132 -1.03 3.12 22.84
N LYS A 133 0.04 2.46 23.29
CA LYS A 133 0.57 1.29 22.58
C LYS A 133 -0.40 0.11 22.46
N LYS A 134 -1.35 -0.01 23.39
CA LYS A 134 -2.33 -1.10 23.37
C LYS A 134 -3.62 -0.73 22.65
N LYS A 135 -3.62 0.44 22.04
CA LYS A 135 -4.79 0.96 21.35
C LYS A 135 -4.61 0.80 19.86
N ILE A 136 -5.57 0.17 19.21
CA ILE A 136 -5.48 -0.03 17.76
C ILE A 136 -6.72 0.44 17.02
N ALA A 137 -6.54 0.80 15.75
CA ALA A 137 -7.64 1.28 14.90
C ALA A 137 -7.86 0.38 13.70
N VAL A 138 -8.98 -0.34 13.69
CA VAL A 138 -9.35 -1.24 12.59
C VAL A 138 -10.13 -0.41 11.57
N VAL A 139 -9.45 0.03 10.52
CA VAL A 139 -10.06 0.89 9.50
C VAL A 139 -10.57 0.20 8.24
N ARG A 140 -11.88 0.24 8.00
CA ARG A 140 -12.47 -0.39 6.81
C ARG A 140 -13.24 0.62 5.97
N ARG A 141 -13.27 0.43 4.65
CA ARG A 141 -14.00 1.31 3.76
C ARG A 141 -15.50 1.10 3.83
N GLU A 142 -16.27 2.11 3.41
CA GLU A 142 -17.74 2.04 3.38
C GLU A 142 -18.23 2.91 2.21
N PRO A 143 -19.42 2.60 1.67
CA PRO A 143 -19.96 3.41 0.56
C PRO A 143 -20.50 4.75 1.06
N VAL A 144 -20.60 5.73 0.17
CA VAL A 144 -21.11 7.03 0.57
C VAL A 144 -22.63 7.07 0.54
N GLY A 145 -23.23 6.16 -0.24
CA GLY A 145 -24.68 6.10 -0.31
C GLY A 145 -25.26 6.11 -1.71
N LEU A 146 -25.93 7.20 -2.07
CA LEU A 146 -26.53 7.36 -3.39
C LEU A 146 -25.57 8.19 -4.21
N VAL A 147 -25.26 7.71 -5.41
CA VAL A 147 -24.34 8.40 -6.30
C VAL A 147 -25.09 8.81 -7.57
N LEU A 148 -24.93 10.07 -7.95
CA LEU A 148 -25.57 10.60 -9.14
C LEU A 148 -24.54 10.62 -10.26
N ALA A 149 -24.79 9.85 -11.31
CA ALA A 149 -23.87 9.79 -12.44
C ALA A 149 -24.47 10.49 -13.67
N ILE A 150 -23.70 11.41 -14.24
CA ILE A 150 -24.12 12.18 -15.41
C ILE A 150 -23.05 12.05 -16.52
N SER A 151 -23.37 11.30 -17.59
CA SER A 151 -22.42 11.11 -18.68
C SER A 151 -22.58 12.16 -19.80
N PRO A 152 -21.52 12.36 -20.62
CA PRO A 152 -21.48 13.31 -21.73
C PRO A 152 -22.07 12.75 -23.02
N PHE A 153 -22.26 13.60 -24.03
CA PHE A 153 -22.83 13.16 -25.30
C PHE A 153 -21.86 12.36 -26.14
N ASN A 154 -20.56 12.64 -26.02
CA ASN A 154 -19.56 11.94 -26.81
C ASN A 154 -19.24 10.51 -26.36
N TYR A 155 -19.60 10.19 -25.10
CA TYR A 155 -19.41 8.87 -24.52
C TYR A 155 -20.52 8.63 -23.54
N PRO A 156 -21.78 8.63 -24.02
CA PRO A 156 -22.96 8.43 -23.17
C PRO A 156 -22.98 7.10 -22.42
N VAL A 157 -22.32 6.10 -23.00
CA VAL A 157 -22.25 4.77 -22.41
C VAL A 157 -20.95 4.56 -21.67
N ASN A 158 -19.81 4.72 -22.36
CA ASN A 158 -18.49 4.50 -21.75
C ASN A 158 -18.25 5.33 -20.51
N LEU A 159 -18.59 6.61 -20.59
CA LEU A 159 -18.39 7.51 -19.46
C LEU A 159 -19.54 7.46 -18.45
N ALA A 160 -20.34 6.40 -18.55
CA ALA A 160 -21.46 6.20 -17.63
C ALA A 160 -21.08 4.98 -16.80
N GLY A 161 -20.59 3.94 -17.48
CA GLY A 161 -20.17 2.74 -16.79
C GLY A 161 -18.94 3.02 -15.94
N SER A 162 -18.10 3.96 -16.40
CA SER A 162 -16.89 4.31 -15.67
C SER A 162 -17.21 4.92 -14.31
N LYS A 163 -18.49 5.28 -14.11
CA LYS A 163 -18.97 5.87 -12.86
C LYS A 163 -19.84 4.86 -12.12
N ILE A 164 -20.70 4.17 -12.87
CA ILE A 164 -21.64 3.19 -12.33
C ILE A 164 -21.00 1.97 -11.67
N ALA A 165 -20.12 1.27 -12.40
CA ALA A 165 -19.47 0.08 -11.88
C ALA A 165 -18.62 0.30 -10.63
N PRO A 166 -17.70 1.30 -10.65
CA PRO A 166 -16.90 1.51 -9.44
C PRO A 166 -17.75 1.88 -8.23
N ALA A 167 -18.86 2.56 -8.48
CA ALA A 167 -19.76 2.98 -7.43
C ALA A 167 -20.54 1.83 -6.82
N LEU A 168 -21.14 1.00 -7.67
CA LEU A 168 -21.95 -0.13 -7.22
C LEU A 168 -21.19 -1.24 -6.47
N ILE A 169 -20.00 -1.59 -6.94
CA ILE A 169 -19.23 -2.65 -6.30
C ILE A 169 -18.90 -2.34 -4.85
N ALA A 170 -18.76 -1.06 -4.55
CA ALA A 170 -18.42 -0.61 -3.20
C ALA A 170 -19.60 -0.61 -2.24
N GLY A 171 -20.81 -0.70 -2.78
CA GLY A 171 -21.99 -0.68 -1.93
C GLY A 171 -22.90 0.53 -2.09
N ASN A 172 -22.62 1.40 -3.07
CA ASN A 172 -23.44 2.58 -3.31
C ASN A 172 -24.59 2.23 -4.24
N VAL A 173 -25.61 3.10 -4.30
CA VAL A 173 -26.74 2.92 -5.21
C VAL A 173 -26.59 4.00 -6.30
N ILE A 174 -27.22 3.80 -7.46
CA ILE A 174 -27.04 4.75 -8.54
C ILE A 174 -28.30 5.32 -9.17
N ALA A 175 -28.16 6.57 -9.62
CA ALA A 175 -29.22 7.32 -10.31
C ALA A 175 -28.51 7.86 -11.55
N PHE A 176 -28.69 7.18 -12.67
CA PHE A 176 -28.05 7.54 -13.93
C PHE A 176 -28.82 8.57 -14.75
N LYS A 177 -28.14 9.66 -15.09
CA LYS A 177 -28.69 10.75 -15.89
C LYS A 177 -27.84 10.95 -17.14
N PRO A 178 -28.19 10.28 -18.25
CA PRO A 178 -27.45 10.38 -19.52
C PRO A 178 -27.73 11.71 -20.19
N PRO A 179 -26.94 12.09 -21.20
CA PRO A 179 -27.20 13.36 -21.88
C PRO A 179 -28.46 13.17 -22.74
N THR A 180 -29.28 14.21 -22.90
CA THR A 180 -30.50 14.09 -23.71
C THR A 180 -30.13 13.55 -25.10
N GLN A 181 -29.09 14.11 -25.70
CA GLN A 181 -28.62 13.59 -27.00
C GLN A 181 -27.69 12.44 -26.61
N GLY A 182 -28.25 11.25 -26.54
CA GLY A 182 -27.50 10.08 -26.14
C GLY A 182 -28.29 9.38 -25.04
N SER A 183 -29.55 9.80 -24.85
CA SER A 183 -30.42 9.23 -23.83
C SER A 183 -31.04 7.90 -24.23
N ILE A 184 -31.07 7.61 -25.52
CA ILE A 184 -31.60 6.33 -25.95
C ILE A 184 -30.51 5.31 -25.64
N SER A 185 -29.29 5.63 -26.05
CA SER A 185 -28.13 4.78 -25.79
C SER A 185 -27.95 4.59 -24.28
N GLY A 186 -28.19 5.65 -23.53
CA GLY A 186 -28.08 5.58 -22.08
C GLY A 186 -29.11 4.64 -21.53
N LEU A 187 -30.30 4.63 -22.14
CA LEU A 187 -31.37 3.74 -21.68
C LEU A 187 -31.15 2.32 -22.21
N LEU A 188 -30.37 2.19 -23.28
CA LEU A 188 -30.05 0.90 -23.84
C LEU A 188 -29.10 0.24 -22.85
N LEU A 189 -28.23 1.03 -22.23
CA LEU A 189 -27.29 0.53 -21.23
C LEU A 189 -28.09 0.05 -20.02
N ALA A 190 -29.09 0.84 -19.61
CA ALA A 190 -29.92 0.50 -18.45
C ALA A 190 -30.59 -0.85 -18.64
N GLU A 191 -30.86 -1.22 -19.88
CA GLU A 191 -31.48 -2.50 -20.17
C GLU A 191 -30.60 -3.66 -19.68
N ALA A 192 -29.28 -3.47 -19.80
CA ALA A 192 -28.31 -4.47 -19.37
C ALA A 192 -28.38 -4.67 -17.87
N PHE A 193 -28.46 -3.56 -17.14
CA PHE A 193 -28.55 -3.62 -15.68
C PHE A 193 -29.86 -4.23 -15.24
N ALA A 194 -30.91 -4.08 -16.04
CA ALA A 194 -32.21 -4.63 -15.74
C ALA A 194 -32.20 -6.16 -15.93
N GLU A 195 -31.63 -6.63 -17.04
CA GLU A 195 -31.55 -8.08 -17.33
C GLU A 195 -30.65 -8.81 -16.34
N ALA A 196 -29.56 -8.16 -15.94
CA ALA A 196 -28.61 -8.72 -14.98
C ALA A 196 -29.30 -9.07 -13.70
N GLY A 197 -30.45 -8.44 -13.47
CA GLY A 197 -31.23 -8.73 -12.30
C GLY A 197 -30.87 -8.13 -10.96
N LEU A 198 -30.12 -7.02 -10.95
CA LEU A 198 -29.77 -6.37 -9.68
C LEU A 198 -31.05 -6.05 -8.91
N PRO A 199 -30.99 -6.06 -7.57
CA PRO A 199 -32.18 -5.76 -6.77
C PRO A 199 -32.83 -4.45 -7.16
N ALA A 200 -34.17 -4.39 -7.11
CA ALA A 200 -34.92 -3.17 -7.44
C ALA A 200 -34.49 -1.99 -6.58
N GLY A 201 -34.21 -0.85 -7.22
CA GLY A 201 -33.81 0.33 -6.47
C GLY A 201 -32.30 0.59 -6.43
N VAL A 202 -31.52 -0.43 -6.76
CA VAL A 202 -30.06 -0.31 -6.77
C VAL A 202 -29.52 0.54 -7.94
N PHE A 203 -30.07 0.32 -9.13
CA PHE A 203 -29.66 1.08 -10.31
C PHE A 203 -30.88 1.75 -10.92
N ASN A 204 -30.83 3.09 -11.07
CA ASN A 204 -31.95 3.82 -11.63
C ASN A 204 -31.53 4.87 -12.64
N THR A 205 -32.41 5.15 -13.60
CA THR A 205 -32.14 6.16 -14.61
C THR A 205 -33.10 7.34 -14.47
N ILE A 206 -32.61 8.52 -14.84
CA ILE A 206 -33.39 9.75 -14.80
C ILE A 206 -33.17 10.44 -16.14
N THR A 207 -34.23 10.67 -16.89
CA THR A 207 -34.11 11.38 -18.16
C THR A 207 -35.01 12.60 -18.15
N GLY A 208 -34.69 13.57 -19.00
CA GLY A 208 -35.49 14.76 -19.05
C GLY A 208 -34.66 16.00 -19.36
N ARG A 209 -35.36 17.10 -19.60
CA ARG A 209 -34.73 18.37 -19.94
C ARG A 209 -33.73 18.81 -18.90
N GLY A 210 -32.45 18.75 -19.29
CA GLY A 210 -31.36 19.15 -18.40
C GLY A 210 -31.55 20.55 -17.83
N SER A 211 -32.50 21.29 -18.41
CA SER A 211 -32.83 22.64 -17.95
C SER A 211 -33.96 22.50 -16.95
N GLU A 212 -35.04 21.82 -17.36
CA GLU A 212 -36.19 21.60 -16.49
C GLU A 212 -35.84 20.89 -15.18
N ILE A 213 -34.93 19.91 -15.23
CA ILE A 213 -34.56 19.17 -14.02
C ILE A 213 -33.11 19.22 -13.57
N GLY A 214 -32.24 19.80 -14.38
CA GLY A 214 -30.82 19.87 -14.04
C GLY A 214 -30.43 20.17 -12.60
N ASP A 215 -30.61 21.43 -12.16
CA ASP A 215 -30.22 21.83 -10.82
C ASP A 215 -30.94 21.04 -9.76
N TYR A 216 -32.19 20.68 -10.06
CA TYR A 216 -33.02 19.93 -9.11
C TYR A 216 -32.36 18.63 -8.67
N ILE A 217 -31.93 17.83 -9.64
CA ILE A 217 -31.33 16.54 -9.36
C ILE A 217 -30.00 16.65 -8.62
N VAL A 218 -29.24 17.71 -8.85
CA VAL A 218 -27.97 17.89 -8.18
C VAL A 218 -28.16 18.38 -6.74
N GLU A 219 -29.00 19.40 -6.58
CA GLU A 219 -29.25 20.01 -5.28
C GLU A 219 -30.03 19.15 -4.30
N HIS A 220 -30.72 18.15 -4.80
CA HIS A 220 -31.51 17.25 -3.95
C HIS A 220 -30.68 16.76 -2.77
N GLN A 221 -31.24 16.80 -1.57
CA GLN A 221 -30.55 16.36 -0.36
C GLN A 221 -30.29 14.85 -0.24
N ALA A 222 -30.95 14.06 -1.09
CA ALA A 222 -30.78 12.60 -1.08
C ALA A 222 -29.48 12.15 -1.73
N VAL A 223 -28.95 12.98 -2.63
CA VAL A 223 -27.72 12.66 -3.35
C VAL A 223 -26.52 12.89 -2.43
N ASN A 224 -25.67 11.87 -2.30
CA ASN A 224 -24.48 11.97 -1.45
C ASN A 224 -23.18 12.26 -2.18
N PHE A 225 -23.17 12.03 -3.49
CA PHE A 225 -21.95 12.23 -4.29
C PHE A 225 -22.38 12.56 -5.71
N ILE A 226 -21.77 13.58 -6.33
CA ILE A 226 -22.11 13.94 -7.72
C ILE A 226 -20.92 13.67 -8.64
N ASN A 227 -21.13 12.72 -9.56
CA ASN A 227 -20.11 12.30 -10.53
C ASN A 227 -20.54 12.82 -11.89
N PHE A 228 -19.83 13.82 -12.38
CA PHE A 228 -20.21 14.48 -13.63
C PHE A 228 -19.11 14.58 -14.67
N THR A 229 -19.54 14.62 -15.92
CA THR A 229 -18.62 14.77 -17.06
C THR A 229 -19.34 15.63 -18.10
N GLY A 230 -18.80 16.82 -18.34
CA GLY A 230 -19.39 17.75 -19.30
C GLY A 230 -18.59 19.03 -19.41
N SER A 231 -19.25 20.14 -19.72
CA SER A 231 -18.59 21.43 -19.87
C SER A 231 -18.18 22.06 -18.55
N THR A 232 -17.20 22.96 -18.63
CA THR A 232 -16.70 23.65 -17.45
C THR A 232 -17.84 24.43 -16.78
N GLY A 233 -18.67 25.09 -17.60
CA GLY A 233 -19.79 25.86 -17.08
C GLY A 233 -20.68 25.13 -16.10
N ILE A 234 -21.12 23.92 -16.46
CA ILE A 234 -21.97 23.17 -15.56
C ILE A 234 -21.15 22.60 -14.40
N GLY A 235 -19.94 22.18 -14.71
CA GLY A 235 -19.09 21.63 -13.69
C GLY A 235 -18.98 22.59 -12.53
N GLU A 236 -18.77 23.87 -12.88
CA GLU A 236 -18.64 24.93 -11.89
C GLU A 236 -19.92 25.08 -11.07
N ARG A 237 -21.07 25.05 -11.73
CA ARG A 237 -22.37 25.16 -11.04
C ARG A 237 -22.51 24.02 -10.06
N ILE A 238 -22.13 22.81 -10.51
CA ILE A 238 -22.22 21.62 -9.70
C ILE A 238 -21.35 21.69 -8.45
N GLY A 239 -20.17 22.30 -8.58
CA GLY A 239 -19.28 22.42 -7.44
C GLY A 239 -19.86 23.28 -6.33
N LYS A 240 -20.74 24.19 -6.72
CA LYS A 240 -21.38 25.09 -5.78
C LYS A 240 -22.66 24.45 -5.24
N MET A 241 -23.43 23.82 -6.13
CA MET A 241 -24.68 23.15 -5.75
C MET A 241 -24.41 21.94 -4.89
N ALA A 242 -23.19 21.41 -4.99
CA ALA A 242 -22.82 20.24 -4.21
C ALA A 242 -22.73 20.63 -2.74
N GLY A 243 -22.26 21.85 -2.50
CA GLY A 243 -22.13 22.32 -1.13
C GLY A 243 -20.85 21.77 -0.58
N MET A 244 -20.96 20.92 0.44
CA MET A 244 -19.77 20.29 0.98
C MET A 244 -19.78 18.78 0.71
N ARG A 245 -20.70 18.35 -0.16
CA ARG A 245 -20.84 16.97 -0.56
C ARG A 245 -19.72 16.69 -1.55
N PRO A 246 -19.21 15.45 -1.58
CA PRO A 246 -18.12 15.09 -2.50
C PRO A 246 -18.56 15.05 -3.94
N ILE A 247 -17.61 15.33 -4.83
CA ILE A 247 -17.87 15.36 -6.27
C ILE A 247 -16.66 14.83 -7.09
N MET A 248 -16.92 14.56 -8.36
CA MET A 248 -15.91 14.09 -9.30
C MET A 248 -16.31 14.83 -10.56
N LEU A 249 -15.41 15.64 -11.09
CA LEU A 249 -15.74 16.42 -12.27
C LEU A 249 -14.67 16.33 -13.32
N GLU A 250 -15.04 15.94 -14.54
CA GLU A 250 -14.09 15.92 -15.65
C GLU A 250 -14.63 16.94 -16.63
N LEU A 251 -14.02 18.13 -16.62
CA LEU A 251 -14.46 19.23 -17.47
C LEU A 251 -13.72 19.26 -18.81
N GLY A 252 -13.49 20.46 -19.36
CA GLY A 252 -12.84 20.54 -20.65
C GLY A 252 -11.32 20.42 -20.67
N GLY A 253 -10.75 20.63 -21.85
CA GLY A 253 -9.32 20.56 -21.98
C GLY A 253 -8.83 21.18 -23.28
N LYS A 254 -7.58 21.65 -23.26
CA LYS A 254 -6.94 22.25 -24.41
C LYS A 254 -5.51 21.69 -24.45
N ASP A 255 -5.44 20.35 -24.49
CA ASP A 255 -4.18 19.58 -24.47
C ASP A 255 -3.15 19.96 -25.51
N SER A 256 -1.95 20.32 -25.05
CA SER A 256 -0.88 20.71 -25.95
C SER A 256 0.01 19.53 -26.29
N ALA A 257 0.77 19.68 -27.36
CA ALA A 257 1.69 18.65 -27.82
C ALA A 257 2.99 19.38 -28.10
N ILE A 258 3.91 19.31 -27.16
CA ILE A 258 5.20 19.97 -27.29
C ILE A 258 6.15 19.15 -28.15
N VAL A 259 6.63 19.75 -29.23
CA VAL A 259 7.52 19.07 -30.15
C VAL A 259 8.93 19.69 -30.16
N LEU A 260 9.88 19.02 -29.53
CA LEU A 260 11.26 19.50 -29.47
C LEU A 260 12.03 19.22 -30.76
N GLU A 261 13.15 19.90 -30.93
CA GLU A 261 13.99 19.77 -32.12
C GLU A 261 14.54 18.40 -32.44
N ASP A 262 14.56 17.49 -31.46
CA ASP A 262 15.08 16.14 -31.68
C ASP A 262 14.02 15.07 -31.87
N ALA A 263 12.76 15.49 -31.94
CA ALA A 263 11.64 14.57 -32.08
C ALA A 263 11.61 13.82 -33.39
N ASP A 264 10.90 12.69 -33.38
CA ASP A 264 10.72 11.84 -34.56
C ASP A 264 9.48 12.45 -35.27
N LEU A 265 9.73 13.39 -36.17
CA LEU A 265 8.65 14.09 -36.88
C LEU A 265 7.60 13.22 -37.53
N GLU A 266 7.97 12.04 -37.98
CA GLU A 266 6.99 11.14 -38.59
C GLU A 266 6.13 10.49 -37.51
N LEU A 267 6.79 10.00 -36.47
CA LEU A 267 6.09 9.38 -35.35
C LEU A 267 5.19 10.46 -34.73
N THR A 268 5.72 11.68 -34.68
CA THR A 268 4.98 12.81 -34.12
C THR A 268 3.76 13.18 -34.96
N ALA A 269 3.97 13.36 -36.26
CA ALA A 269 2.87 13.71 -37.17
C ALA A 269 1.75 12.68 -37.07
N LYS A 270 2.11 11.40 -36.97
CA LYS A 270 1.12 10.33 -36.87
C LYS A 270 0.29 10.44 -35.60
N ASN A 271 0.95 10.65 -34.47
CA ASN A 271 0.28 10.76 -33.17
C ASN A 271 -0.59 12.00 -33.03
N ILE A 272 -0.10 13.13 -33.52
CA ILE A 272 -0.83 14.38 -33.46
C ILE A 272 -2.10 14.33 -34.31
N ILE A 273 -2.04 13.69 -35.46
CA ILE A 273 -3.24 13.59 -36.31
C ILE A 273 -4.34 12.76 -35.66
N ALA A 274 -3.97 11.58 -35.19
CA ALA A 274 -4.91 10.66 -34.54
C ALA A 274 -5.50 11.22 -33.26
N GLY A 275 -4.75 12.11 -32.60
CA GLY A 275 -5.23 12.71 -31.36
C GLY A 275 -6.12 13.89 -31.66
N ALA A 276 -5.61 14.79 -32.49
CA ALA A 276 -6.32 16.01 -32.84
C ALA A 276 -7.64 15.78 -33.55
N PHE A 277 -7.63 14.92 -34.56
CA PHE A 277 -8.83 14.67 -35.35
C PHE A 277 -9.72 13.50 -34.98
N GLY A 278 -9.53 12.94 -33.79
CA GLY A 278 -10.36 11.82 -33.38
C GLY A 278 -11.76 12.28 -33.04
N TYR A 279 -12.75 11.69 -33.68
CA TYR A 279 -14.16 12.01 -33.46
C TYR A 279 -14.40 13.48 -33.78
N SER A 280 -13.73 13.95 -34.83
CA SER A 280 -13.87 15.32 -35.29
C SER A 280 -13.49 16.33 -34.21
N GLY A 281 -12.55 15.94 -33.35
CA GLY A 281 -12.10 16.83 -32.31
C GLY A 281 -13.05 16.89 -31.12
N GLN A 282 -14.09 16.07 -31.16
CA GLN A 282 -15.07 16.05 -30.07
C GLN A 282 -14.67 15.15 -28.90
N ARG A 283 -13.45 15.36 -28.43
CA ARG A 283 -12.87 14.60 -27.31
C ARG A 283 -12.15 15.58 -26.41
N SER A 284 -12.40 15.49 -25.11
CA SER A 284 -11.75 16.38 -24.15
C SER A 284 -10.27 16.13 -24.05
N THR A 285 -9.87 14.90 -24.36
CA THR A 285 -8.47 14.50 -24.30
C THR A 285 -7.74 14.52 -25.63
N ALA A 286 -8.31 15.19 -26.63
CA ALA A 286 -7.65 15.29 -27.94
C ALA A 286 -6.52 16.32 -27.91
N VAL A 287 -5.57 16.20 -28.83
CA VAL A 287 -4.46 17.14 -28.95
C VAL A 287 -5.07 18.42 -29.55
N LYS A 288 -5.18 19.49 -28.76
CA LYS A 288 -5.81 20.70 -29.26
C LYS A 288 -4.92 21.86 -29.69
N ARG A 289 -3.61 21.70 -29.53
CA ARG A 289 -2.66 22.76 -29.90
C ARG A 289 -1.24 22.21 -29.93
N VAL A 290 -0.52 22.54 -31.00
CA VAL A 290 0.85 22.07 -31.14
C VAL A 290 1.82 23.20 -30.86
N LEU A 291 2.73 22.97 -29.91
CA LEU A 291 3.74 23.97 -29.57
C LEU A 291 5.04 23.37 -30.09
N VAL A 292 5.36 23.66 -31.34
CA VAL A 292 6.57 23.14 -31.98
C VAL A 292 7.72 24.13 -32.08
N MET A 293 8.94 23.64 -31.82
CA MET A 293 10.15 24.46 -31.92
C MET A 293 10.29 24.85 -33.40
N GLU A 294 10.48 26.15 -33.63
CA GLU A 294 10.61 26.70 -34.98
C GLU A 294 11.44 25.90 -35.97
N SER A 295 12.65 25.49 -35.58
CA SER A 295 13.52 24.74 -36.50
C SER A 295 12.91 23.49 -37.17
N VAL A 296 11.91 22.86 -36.55
CA VAL A 296 11.28 21.68 -37.14
C VAL A 296 9.82 21.90 -37.52
N ALA A 297 9.33 23.12 -37.31
CA ALA A 297 7.94 23.48 -37.61
C ALA A 297 7.53 23.23 -39.05
N ASP A 298 8.31 23.74 -39.98
CA ASP A 298 8.00 23.55 -41.41
C ASP A 298 7.87 22.09 -41.82
N GLU A 299 8.87 21.27 -41.50
CA GLU A 299 8.84 19.86 -41.87
C GLU A 299 7.67 19.12 -41.25
N LEU A 300 7.50 19.31 -39.94
CA LEU A 300 6.43 18.68 -39.19
C LEU A 300 5.08 19.04 -39.78
N VAL A 301 4.84 20.35 -39.92
CA VAL A 301 3.60 20.84 -40.47
C VAL A 301 3.24 20.22 -41.82
N GLU A 302 4.24 20.02 -42.68
CA GLU A 302 3.97 19.42 -43.99
C GLU A 302 3.46 17.98 -43.86
N LYS A 303 4.03 17.23 -42.93
CA LYS A 303 3.60 15.85 -42.69
C LYS A 303 2.14 15.86 -42.25
N ILE A 304 1.85 16.64 -41.21
CA ILE A 304 0.49 16.75 -40.68
C ILE A 304 -0.48 17.11 -41.81
N ARG A 305 -0.07 18.06 -42.64
CA ARG A 305 -0.88 18.52 -43.76
C ARG A 305 -1.26 17.40 -44.72
N GLU A 306 -0.26 16.64 -45.16
CA GLU A 306 -0.48 15.52 -46.06
C GLU A 306 -1.37 14.45 -45.40
N LYS A 307 -1.12 14.22 -44.12
CA LYS A 307 -1.89 13.23 -43.37
C LYS A 307 -3.36 13.63 -43.21
N VAL A 308 -3.62 14.93 -43.04
CA VAL A 308 -4.98 15.43 -42.91
C VAL A 308 -5.75 15.11 -44.20
N LEU A 309 -5.10 15.35 -45.33
CA LEU A 309 -5.67 15.08 -46.64
C LEU A 309 -6.07 13.61 -46.86
N ALA A 310 -5.73 12.74 -45.90
CA ALA A 310 -6.05 11.33 -46.00
C ALA A 310 -7.23 10.94 -45.13
N LEU A 311 -7.70 11.87 -44.31
CA LEU A 311 -8.83 11.60 -43.42
C LEU A 311 -10.14 11.52 -44.21
N THR A 312 -10.88 10.43 -44.06
CA THR A 312 -12.15 10.27 -44.73
C THR A 312 -13.16 11.20 -44.08
N ILE A 313 -14.07 11.74 -44.88
CA ILE A 313 -15.08 12.67 -44.39
C ILE A 313 -16.45 12.19 -44.83
N GLY A 314 -17.39 12.08 -43.89
CA GLY A 314 -18.71 11.61 -44.27
C GLY A 314 -19.66 11.13 -43.20
N ASN A 315 -20.40 10.07 -43.50
CA ASN A 315 -21.40 9.50 -42.61
C ASN A 315 -20.95 8.40 -41.67
N PRO A 316 -21.58 8.33 -40.48
CA PRO A 316 -21.32 7.35 -39.43
C PRO A 316 -21.32 5.91 -39.96
N GLU A 317 -22.41 5.56 -40.63
CA GLU A 317 -22.56 4.23 -41.20
C GLU A 317 -21.42 3.88 -42.13
N ASP A 318 -20.65 4.89 -42.55
CA ASP A 318 -19.53 4.64 -43.44
C ASP A 318 -18.18 4.74 -42.73
N ASP A 319 -18.22 4.78 -41.41
CA ASP A 319 -17.00 4.88 -40.61
C ASP A 319 -16.02 5.96 -41.10
N ALA A 320 -16.58 7.15 -41.38
CA ALA A 320 -15.79 8.27 -41.84
C ALA A 320 -14.98 8.78 -40.67
N ASP A 321 -13.76 9.24 -40.94
CA ASP A 321 -12.92 9.78 -39.88
C ASP A 321 -13.60 11.02 -39.32
N ILE A 322 -14.03 11.90 -40.21
CA ILE A 322 -14.70 13.13 -39.83
C ILE A 322 -16.19 13.03 -40.16
N THR A 323 -17.01 13.09 -39.11
CA THR A 323 -18.46 13.02 -39.24
C THR A 323 -19.10 14.35 -38.77
N PRO A 324 -20.40 14.54 -39.04
CA PRO A 324 -21.12 15.76 -38.64
C PRO A 324 -21.04 16.01 -37.14
N LEU A 325 -20.80 17.27 -36.76
CA LEU A 325 -20.72 17.65 -35.36
C LEU A 325 -22.07 17.40 -34.70
N ILE A 326 -22.07 17.21 -33.39
CA ILE A 326 -23.28 16.91 -32.64
C ILE A 326 -24.48 17.78 -32.98
N ASP A 327 -24.27 19.07 -33.23
CA ASP A 327 -25.37 19.98 -33.59
C ASP A 327 -24.93 21.30 -34.21
N THR A 328 -25.92 22.10 -34.62
CA THR A 328 -25.66 23.39 -35.26
C THR A 328 -25.04 24.44 -34.34
N LYS A 329 -25.56 24.54 -33.12
CA LYS A 329 -25.03 25.47 -32.14
C LYS A 329 -23.52 25.29 -32.05
N SER A 330 -23.11 24.02 -32.12
CA SER A 330 -21.71 23.63 -32.02
C SER A 330 -20.92 23.95 -33.28
N ALA A 331 -21.38 23.46 -34.42
CA ALA A 331 -20.71 23.72 -35.68
C ALA A 331 -20.54 25.23 -35.91
N ASP A 332 -21.49 26.01 -35.42
CA ASP A 332 -21.44 27.47 -35.55
C ASP A 332 -20.27 27.98 -34.72
N TYR A 333 -20.24 27.60 -33.45
CA TYR A 333 -19.16 28.01 -32.54
C TYR A 333 -17.78 27.75 -33.14
N VAL A 334 -17.62 26.56 -33.73
CA VAL A 334 -16.36 26.18 -34.32
C VAL A 334 -16.06 27.16 -35.45
N GLU A 335 -17.08 27.42 -36.27
CA GLU A 335 -16.95 28.34 -37.40
C GLU A 335 -16.45 29.72 -36.96
N GLY A 336 -16.84 30.10 -35.75
CA GLY A 336 -16.42 31.37 -35.20
C GLY A 336 -14.92 31.39 -34.99
N LEU A 337 -14.45 30.39 -34.25
CA LEU A 337 -13.03 30.24 -33.95
C LEU A 337 -12.20 30.22 -35.24
N ILE A 338 -12.71 29.52 -36.27
CA ILE A 338 -12.03 29.41 -37.55
C ILE A 338 -11.82 30.82 -38.15
N ASN A 339 -12.93 31.53 -38.35
CA ASN A 339 -12.87 32.88 -38.92
C ASN A 339 -11.91 33.78 -38.14
N ASP A 340 -12.15 33.95 -36.84
CA ASP A 340 -11.27 34.76 -36.00
C ASP A 340 -9.77 34.55 -36.27
N ALA A 341 -9.36 33.29 -36.27
CA ALA A 341 -7.97 32.94 -36.51
C ALA A 341 -7.58 33.36 -37.91
N ASN A 342 -8.44 32.97 -38.86
CA ASN A 342 -8.23 33.27 -40.27
C ASN A 342 -8.06 34.78 -40.45
N ASP A 343 -8.97 35.55 -39.86
CA ASP A 343 -8.96 37.00 -39.94
C ASP A 343 -7.67 37.56 -39.36
N LYS A 344 -7.25 37.02 -38.24
CA LYS A 344 -6.05 37.49 -37.59
C LYS A 344 -4.73 37.09 -38.24
N GLY A 345 -4.78 36.42 -39.38
CA GLY A 345 -3.55 36.04 -40.04
C GLY A 345 -3.13 34.58 -40.03
N ALA A 346 -3.91 33.72 -39.34
CA ALA A 346 -3.60 32.28 -39.32
C ALA A 346 -3.57 31.80 -40.76
N THR A 347 -2.93 30.66 -40.99
CA THR A 347 -2.83 30.13 -42.35
C THR A 347 -3.44 28.73 -42.49
N ALA A 348 -4.63 28.67 -43.05
CA ALA A 348 -5.28 27.37 -43.25
C ALA A 348 -4.56 26.60 -44.37
N LEU A 349 -3.94 25.48 -44.01
CA LEU A 349 -3.21 24.65 -44.97
C LEU A 349 -4.14 23.65 -45.65
N THR A 350 -5.33 23.49 -45.09
CA THR A 350 -6.34 22.61 -45.68
C THR A 350 -7.58 23.47 -45.91
N GLU A 351 -8.47 23.01 -46.78
CA GLU A 351 -9.69 23.73 -47.14
C GLU A 351 -10.71 23.95 -46.04
N ILE A 352 -11.16 25.19 -45.90
CA ILE A 352 -12.20 25.54 -44.93
C ILE A 352 -13.52 25.32 -45.67
N LYS A 353 -14.35 24.43 -45.15
CA LYS A 353 -15.62 24.14 -45.82
C LYS A 353 -16.61 23.47 -44.87
N ARG A 354 -17.86 23.94 -44.87
CA ARG A 354 -18.88 23.37 -44.00
C ARG A 354 -20.09 22.93 -44.81
N GLU A 355 -20.50 21.68 -44.62
CA GLU A 355 -21.66 21.12 -45.31
C GLU A 355 -22.68 20.80 -44.23
N GLY A 356 -23.58 21.74 -43.95
CA GLY A 356 -24.59 21.52 -42.92
C GLY A 356 -23.90 21.65 -41.58
N ASN A 357 -23.61 20.52 -40.94
CA ASN A 357 -22.91 20.52 -39.67
C ASN A 357 -21.59 19.76 -39.80
N LEU A 358 -21.26 19.41 -41.04
CA LEU A 358 -20.03 18.71 -41.36
C LEU A 358 -18.94 19.71 -41.74
N ILE A 359 -18.05 19.99 -40.81
CA ILE A 359 -16.95 20.90 -41.07
C ILE A 359 -15.74 20.03 -41.42
N CYS A 360 -15.11 20.31 -42.54
CA CYS A 360 -13.94 19.56 -42.96
C CYS A 360 -12.75 19.91 -42.06
N PRO A 361 -11.84 18.95 -41.82
CA PRO A 361 -10.65 19.13 -40.97
C PRO A 361 -9.72 20.23 -41.46
N ILE A 362 -9.48 21.20 -40.60
CA ILE A 362 -8.62 22.33 -40.94
C ILE A 362 -7.33 22.35 -40.14
N LEU A 363 -6.24 22.66 -40.83
CA LEU A 363 -4.93 22.77 -40.22
C LEU A 363 -4.52 24.23 -40.32
N PHE A 364 -4.46 24.92 -39.18
CA PHE A 364 -4.06 26.34 -39.14
C PHE A 364 -2.61 26.48 -38.68
N ASP A 365 -1.75 26.93 -39.57
CA ASP A 365 -0.36 27.14 -39.21
C ASP A 365 -0.31 28.62 -38.85
N LYS A 366 0.80 29.05 -38.26
CA LYS A 366 1.00 30.45 -37.90
C LYS A 366 -0.01 31.02 -36.91
N VAL A 367 -0.69 30.17 -36.14
CA VAL A 367 -1.64 30.64 -35.14
C VAL A 367 -0.83 31.34 -34.06
N THR A 368 -1.42 32.34 -33.42
CA THR A 368 -0.72 33.06 -32.36
C THR A 368 -1.56 33.16 -31.11
N THR A 369 -0.92 33.70 -30.08
CA THR A 369 -1.52 33.87 -28.77
C THR A 369 -2.73 34.80 -28.76
N ASP A 370 -2.82 35.67 -29.77
CA ASP A 370 -3.93 36.64 -29.87
C ASP A 370 -5.15 36.11 -30.55
N MET A 371 -5.14 34.81 -30.86
CA MET A 371 -6.27 34.18 -31.55
C MET A 371 -7.08 33.35 -30.57
N ARG A 372 -8.39 33.29 -30.77
CA ARG A 372 -9.25 32.53 -29.88
C ARG A 372 -8.91 31.04 -29.97
N LEU A 373 -8.59 30.59 -31.18
CA LEU A 373 -8.25 29.19 -31.45
C LEU A 373 -7.08 28.69 -30.64
N ALA A 374 -6.21 29.61 -30.21
CA ALA A 374 -5.04 29.25 -29.42
C ALA A 374 -5.36 28.92 -27.96
N TRP A 375 -6.59 29.22 -27.50
CA TRP A 375 -6.95 28.95 -26.10
C TRP A 375 -8.31 28.27 -25.88
N GLU A 376 -9.33 28.70 -26.61
CA GLU A 376 -10.67 28.14 -26.49
C GLU A 376 -10.81 26.71 -27.06
N GLU A 377 -11.54 25.86 -26.34
CA GLU A 377 -11.76 24.46 -26.75
C GLU A 377 -12.86 24.40 -27.81
N PRO A 378 -12.48 24.17 -29.07
CA PRO A 378 -13.44 24.10 -30.18
C PRO A 378 -14.42 22.94 -30.15
N PHE A 379 -13.89 21.71 -30.05
CA PHE A 379 -14.70 20.49 -30.06
C PHE A 379 -15.21 20.31 -31.49
N GLY A 380 -14.28 20.55 -32.42
CA GLY A 380 -14.51 20.42 -33.85
C GLY A 380 -13.16 20.11 -34.48
N PRO A 381 -13.11 19.69 -35.77
CA PRO A 381 -11.85 19.35 -36.43
C PRO A 381 -10.99 20.51 -36.88
N VAL A 382 -10.43 21.25 -35.91
CA VAL A 382 -9.55 22.39 -36.23
C VAL A 382 -8.31 22.28 -35.34
N LEU A 383 -7.13 22.33 -35.94
CA LEU A 383 -5.89 22.21 -35.19
C LEU A 383 -4.92 23.38 -35.42
N PRO A 384 -4.60 24.14 -34.35
CA PRO A 384 -3.69 25.26 -34.46
C PRO A 384 -2.23 24.87 -34.19
N ILE A 385 -1.32 25.39 -34.98
CA ILE A 385 0.11 25.10 -34.81
C ILE A 385 0.77 26.39 -34.31
N ILE A 386 1.22 26.41 -33.06
CA ILE A 386 1.88 27.59 -32.50
C ILE A 386 3.38 27.33 -32.46
N ARG A 387 4.15 28.12 -33.20
CA ARG A 387 5.59 27.95 -33.29
C ARG A 387 6.35 28.67 -32.19
N VAL A 388 7.11 27.93 -31.39
CA VAL A 388 7.89 28.58 -30.33
C VAL A 388 9.37 28.54 -30.67
N THR A 389 10.17 29.23 -29.87
CA THR A 389 11.61 29.27 -30.10
C THR A 389 12.41 28.71 -28.92
N SER A 390 11.70 28.13 -27.94
CA SER A 390 12.34 27.54 -26.77
C SER A 390 11.40 26.70 -25.91
N VAL A 391 11.94 25.63 -25.33
CA VAL A 391 11.16 24.74 -24.48
C VAL A 391 10.58 25.56 -23.35
N GLU A 392 11.33 26.57 -22.96
CA GLU A 392 10.95 27.47 -21.88
C GLU A 392 9.64 28.19 -22.22
N GLU A 393 9.55 28.66 -23.46
CA GLU A 393 8.37 29.36 -23.95
C GLU A 393 7.18 28.44 -24.10
N ALA A 394 7.43 27.25 -24.63
CA ALA A 394 6.38 26.25 -24.84
C ALA A 394 5.72 25.90 -23.52
N ILE A 395 6.53 25.77 -22.46
CA ILE A 395 6.00 25.46 -21.12
C ILE A 395 5.12 26.61 -20.65
N GLU A 396 5.65 27.83 -20.80
CA GLU A 396 4.97 29.08 -20.42
C GLU A 396 3.61 29.19 -21.12
N ILE A 397 3.61 28.99 -22.43
CA ILE A 397 2.37 29.06 -23.21
C ILE A 397 1.44 27.93 -22.83
N SER A 398 2.00 26.74 -22.63
CA SER A 398 1.17 25.59 -22.26
C SER A 398 0.47 25.84 -20.95
N ASN A 399 1.22 26.25 -19.93
CA ASN A 399 0.66 26.51 -18.59
C ASN A 399 -0.32 27.67 -18.50
N LYS A 400 -0.22 28.61 -19.44
CA LYS A 400 -1.10 29.78 -19.45
C LYS A 400 -2.58 29.39 -19.55
N SER A 401 -2.88 28.33 -20.29
CA SER A 401 -4.25 27.87 -20.46
C SER A 401 -4.95 27.59 -19.15
N GLU A 402 -6.25 27.88 -19.15
CA GLU A 402 -7.13 27.70 -18.00
C GLU A 402 -7.39 26.21 -17.74
N TYR A 403 -6.95 25.39 -18.68
CA TYR A 403 -7.14 23.94 -18.63
C TYR A 403 -5.89 23.15 -18.25
N GLY A 404 -6.08 21.90 -17.87
CA GLY A 404 -4.94 21.07 -17.50
C GLY A 404 -5.20 19.58 -17.44
N LEU A 405 -5.81 19.03 -18.49
CA LEU A 405 -6.13 17.60 -18.54
C LEU A 405 -4.88 16.76 -18.77
N GLN A 406 -4.30 16.84 -19.97
CA GLN A 406 -3.09 16.10 -20.33
C GLN A 406 -2.16 16.91 -21.25
N ALA A 407 -0.98 16.37 -21.53
CA ALA A 407 -0.01 17.01 -22.41
C ALA A 407 0.85 15.95 -23.04
N SER A 408 1.53 16.31 -24.12
CA SER A 408 2.41 15.39 -24.83
C SER A 408 3.75 16.04 -25.06
N ILE A 409 4.80 15.24 -25.00
CA ILE A 409 6.15 15.75 -25.26
C ILE A 409 6.81 14.80 -26.24
N PHE A 410 7.14 15.30 -27.43
CA PHE A 410 7.79 14.47 -28.43
C PHE A 410 9.25 14.84 -28.51
N THR A 411 10.09 13.98 -27.92
CA THR A 411 11.52 14.21 -27.86
C THR A 411 12.22 12.87 -27.66
N ASN A 412 13.55 12.86 -27.72
CA ASN A 412 14.35 11.66 -27.48
C ASN A 412 15.06 11.74 -26.13
N ASP A 413 15.21 12.97 -25.63
CA ASP A 413 15.85 13.23 -24.34
C ASP A 413 14.81 13.00 -23.23
N PHE A 414 14.74 11.77 -22.74
CA PHE A 414 13.78 11.42 -21.71
C PHE A 414 13.95 12.11 -20.37
N PRO A 415 15.19 12.24 -19.89
CA PRO A 415 15.37 12.92 -18.60
C PRO A 415 14.84 14.33 -18.71
N ARG A 416 14.95 14.90 -19.91
CA ARG A 416 14.44 16.24 -20.16
C ARG A 416 12.92 16.18 -20.15
N ALA A 417 12.36 15.30 -20.98
CA ALA A 417 10.92 15.11 -21.07
C ALA A 417 10.34 14.94 -19.66
N PHE A 418 11.04 14.20 -18.81
CA PHE A 418 10.58 13.96 -17.44
C PHE A 418 10.64 15.22 -16.59
N GLY A 419 11.66 16.03 -16.85
CA GLY A 419 11.81 17.29 -16.12
C GLY A 419 10.73 18.29 -16.52
N ILE A 420 10.45 18.37 -17.83
CA ILE A 420 9.43 19.26 -18.38
C ILE A 420 8.08 18.84 -17.80
N ALA A 421 7.85 17.53 -17.81
CA ALA A 421 6.61 16.98 -17.30
C ALA A 421 6.26 17.46 -15.89
N GLU A 422 7.27 17.69 -15.07
CA GLU A 422 7.03 18.14 -13.69
C GLU A 422 6.51 19.56 -13.63
N GLN A 423 6.82 20.33 -14.68
CA GLN A 423 6.42 21.74 -14.79
C GLN A 423 5.07 21.98 -15.44
N LEU A 424 4.62 21.05 -16.28
CA LEU A 424 3.34 21.20 -16.95
C LEU A 424 2.20 21.00 -15.94
N GLU A 425 1.28 21.96 -15.91
CA GLU A 425 0.12 21.90 -15.00
C GLU A 425 -1.00 21.02 -15.53
N VAL A 426 -0.69 19.75 -15.74
CA VAL A 426 -1.68 18.80 -16.25
C VAL A 426 -1.75 17.58 -15.33
N GLY A 427 -2.70 16.69 -15.61
CA GLY A 427 -2.86 15.50 -14.80
C GLY A 427 -1.96 14.38 -15.30
N THR A 428 -1.70 14.38 -16.61
CA THR A 428 -0.89 13.33 -17.23
C THR A 428 -0.07 13.83 -18.41
N VAL A 429 1.14 13.33 -18.52
CA VAL A 429 2.02 13.69 -19.61
C VAL A 429 2.43 12.42 -20.32
N HIS A 430 2.23 12.41 -21.64
CA HIS A 430 2.60 11.27 -22.50
C HIS A 430 3.89 11.62 -23.24
N ILE A 431 4.94 10.82 -23.04
CA ILE A 431 6.21 11.07 -23.72
C ILE A 431 6.22 10.22 -24.99
N ASN A 432 6.09 10.87 -26.14
CA ASN A 432 6.05 10.22 -27.45
C ASN A 432 4.81 9.34 -27.70
N ASN A 433 3.67 10.02 -27.86
CA ASN A 433 2.35 9.43 -28.12
C ASN A 433 1.28 10.50 -27.90
N LYS A 434 0.19 10.43 -28.65
CA LYS A 434 -0.92 11.39 -28.54
C LYS A 434 -1.60 11.19 -27.20
N THR A 435 -2.20 12.24 -26.68
CA THR A 435 -2.90 12.14 -25.41
C THR A 435 -4.09 11.19 -25.57
N GLN A 436 -4.32 10.39 -24.53
CA GLN A 436 -5.40 9.43 -24.50
C GLN A 436 -5.71 9.13 -23.04
N ARG A 437 -6.89 8.60 -22.74
CA ARG A 437 -7.22 8.25 -21.36
C ARG A 437 -6.28 7.10 -20.95
N GLY A 438 -5.83 6.33 -21.95
CA GLY A 438 -4.87 5.23 -21.79
C GLY A 438 -5.09 4.17 -20.72
N THR A 439 -5.80 3.10 -21.09
CA THR A 439 -6.13 2.00 -20.17
C THR A 439 -6.71 2.56 -18.90
N ASP A 440 -8.00 2.34 -18.74
CA ASP A 440 -8.76 2.82 -17.61
C ASP A 440 -8.36 2.36 -16.22
N ASN A 441 -7.16 1.80 -16.09
CA ASN A 441 -6.67 1.35 -14.80
C ASN A 441 -5.71 2.43 -14.26
N PHE A 442 -5.11 3.20 -15.16
CA PHE A 442 -4.21 4.31 -14.82
C PHE A 442 -5.06 5.45 -14.23
N PRO A 443 -4.47 6.31 -13.39
CA PRO A 443 -5.24 7.42 -12.83
C PRO A 443 -5.50 8.46 -13.92
N PHE A 444 -6.67 9.08 -13.89
CA PHE A 444 -7.04 10.11 -14.87
C PHE A 444 -7.56 11.32 -14.09
N LEU A 445 -6.95 12.47 -14.31
CA LEU A 445 -7.34 13.68 -13.60
C LEU A 445 -6.97 14.92 -14.42
N GLY A 446 -7.47 16.06 -13.98
CA GLY A 446 -7.16 17.31 -14.67
C GLY A 446 -6.85 18.46 -13.74
N ALA A 447 -5.86 19.26 -14.10
CA ALA A 447 -5.50 20.40 -13.28
C ALA A 447 -6.38 21.61 -13.63
N LYS A 448 -6.38 22.63 -12.77
CA LYS A 448 -7.12 23.87 -13.00
C LYS A 448 -8.61 23.66 -13.33
N LYS A 449 -9.14 24.38 -14.30
CA LYS A 449 -10.56 24.27 -14.65
C LYS A 449 -10.96 22.97 -15.31
N SER A 450 -10.03 22.04 -15.43
CA SER A 450 -10.32 20.76 -16.08
C SER A 450 -11.03 19.74 -15.21
N GLY A 451 -11.26 20.06 -13.94
CA GLY A 451 -11.96 19.12 -13.09
C GLY A 451 -11.65 19.14 -11.62
N ALA A 452 -12.18 18.12 -10.94
CA ALA A 452 -11.98 17.92 -9.51
C ALA A 452 -12.13 16.42 -9.24
N GLY A 453 -11.09 15.83 -8.66
CA GLY A 453 -11.10 14.41 -8.35
C GLY A 453 -10.20 13.59 -9.26
N ILE A 454 -9.87 12.36 -8.84
CA ILE A 454 -9.02 11.47 -9.64
C ILE A 454 -9.82 10.25 -10.09
N GLN A 455 -9.73 9.94 -11.38
CA GLN A 455 -10.44 8.82 -11.96
C GLN A 455 -9.53 7.66 -12.29
N GLY A 456 -10.13 6.64 -12.90
CA GLY A 456 -9.40 5.42 -13.21
C GLY A 456 -10.10 4.45 -12.26
N VAL A 457 -10.43 3.26 -12.72
CA VAL A 457 -11.13 2.27 -11.90
C VAL A 457 -10.81 2.26 -10.41
N LYS A 458 -9.54 2.13 -10.04
CA LYS A 458 -9.17 2.08 -8.62
C LYS A 458 -9.49 3.36 -7.87
N TYR A 459 -9.09 4.49 -8.46
CA TYR A 459 -9.28 5.80 -7.86
C TYR A 459 -10.75 6.20 -7.77
N SER A 460 -11.56 5.75 -8.72
CA SER A 460 -12.99 6.05 -8.72
C SER A 460 -13.62 5.35 -7.54
N ILE A 461 -13.16 4.14 -7.26
CA ILE A 461 -13.70 3.36 -6.16
C ILE A 461 -13.35 3.97 -4.83
N GLU A 462 -12.15 4.49 -4.70
CA GLU A 462 -11.73 5.11 -3.44
C GLU A 462 -12.51 6.41 -3.21
N ALA A 463 -12.74 7.14 -4.30
CA ALA A 463 -13.45 8.41 -4.29
C ALA A 463 -14.89 8.32 -3.78
N MET A 464 -15.62 7.33 -4.28
CA MET A 464 -17.00 7.15 -3.89
C MET A 464 -17.17 6.24 -2.68
N THR A 465 -16.16 6.27 -1.81
CA THR A 465 -16.20 5.51 -0.56
C THR A 465 -15.61 6.35 0.55
N THR A 466 -16.04 6.03 1.75
CA THR A 466 -15.59 6.69 2.95
C THR A 466 -14.90 5.63 3.80
N VAL A 467 -14.63 5.95 5.05
CA VAL A 467 -13.94 5.07 5.94
C VAL A 467 -14.56 5.10 7.33
N LYS A 468 -14.71 3.94 7.96
CA LYS A 468 -15.25 3.85 9.31
C LYS A 468 -14.07 3.29 10.08
N SER A 469 -13.81 3.84 11.27
CA SER A 469 -12.70 3.39 12.08
C SER A 469 -13.09 2.95 13.49
N VAL A 470 -13.02 1.65 13.77
CA VAL A 470 -13.36 1.14 15.11
C VAL A 470 -12.10 1.04 15.92
N VAL A 471 -12.03 1.78 17.03
CA VAL A 471 -10.86 1.77 17.90
C VAL A 471 -11.12 1.04 19.21
N PHE A 472 -10.21 0.16 19.61
CA PHE A 472 -10.36 -0.57 20.87
C PHE A 472 -9.01 -0.85 21.52
N ASP A 473 -9.07 -1.20 22.81
CA ASP A 473 -7.88 -1.49 23.60
C ASP A 473 -7.66 -2.96 23.88
N ILE A 474 -6.49 -3.44 23.51
CA ILE A 474 -6.12 -4.85 23.70
C ILE A 474 -5.70 -5.07 25.14
N LYS A 475 -6.29 -6.07 25.78
CA LYS A 475 -5.94 -6.37 27.18
C LYS A 475 -4.81 -7.37 27.27
N THR B 2 -1.61 46.44 25.23
CA THR B 2 -1.69 46.42 23.72
C THR B 2 -0.63 45.52 23.09
N LYS B 3 0.63 45.78 23.43
CA LYS B 3 1.76 45.04 22.89
C LYS B 3 1.83 45.27 21.38
N GLN B 4 0.72 45.02 20.70
CA GLN B 4 0.62 45.19 19.26
C GLN B 4 1.39 44.14 18.48
N TYR B 5 0.80 42.96 18.41
CA TYR B 5 1.35 41.83 17.68
C TYR B 5 1.29 42.09 16.17
N LYS B 6 2.29 41.58 15.43
CA LYS B 6 2.35 41.78 14.00
C LYS B 6 2.23 40.46 13.26
N ASN B 7 1.82 40.53 12.00
CA ASN B 7 1.70 39.35 11.16
C ASN B 7 3.05 39.04 10.55
N TYR B 8 3.25 37.76 10.22
CA TYR B 8 4.49 37.34 9.61
C TYR B 8 4.18 37.24 8.13
N VAL B 9 4.70 38.17 7.34
CA VAL B 9 4.43 38.21 5.92
C VAL B 9 5.69 38.34 5.08
N ASN B 10 5.89 37.35 4.23
CA ASN B 10 7.04 37.31 3.34
C ASN B 10 8.35 37.57 4.07
N GLY B 11 8.55 36.85 5.17
CA GLY B 11 9.77 37.00 5.95
C GLY B 11 9.83 38.20 6.87
N GLU B 12 8.75 38.99 6.95
CA GLU B 12 8.75 40.19 7.80
C GLU B 12 7.50 40.31 8.67
N TRP B 13 7.69 40.92 9.84
CA TRP B 13 6.60 41.17 10.78
C TRP B 13 5.99 42.54 10.47
N LYS B 14 4.68 42.58 10.25
CA LYS B 14 4.02 43.83 9.88
C LYS B 14 2.73 44.18 10.61
N LEU B 15 2.64 45.44 11.03
CA LEU B 15 1.47 45.97 11.69
C LEU B 15 0.53 46.48 10.59
N SER B 16 -0.70 46.81 10.96
CA SER B 16 -1.66 47.34 9.99
C SER B 16 -2.21 48.68 10.53
N GLU B 17 -2.88 49.45 9.67
CA GLU B 17 -3.45 50.72 10.11
C GLU B 17 -4.43 50.54 11.27
N ASN B 18 -5.19 49.47 11.21
CA ASN B 18 -6.18 49.17 12.25
C ASN B 18 -5.77 47.93 13.01
N GLU B 19 -6.22 47.86 14.26
CA GLU B 19 -5.93 46.72 15.11
C GLU B 19 -7.22 46.22 15.75
N ILE B 20 -7.10 45.12 16.49
CA ILE B 20 -8.22 44.51 17.21
C ILE B 20 -7.65 44.17 18.57
N LYS B 21 -8.27 44.68 19.63
CA LYS B 21 -7.78 44.43 20.99
C LYS B 21 -8.35 43.12 21.53
N ILE B 22 -7.48 42.30 22.10
CA ILE B 22 -7.87 41.01 22.63
C ILE B 22 -7.89 41.02 24.15
N TYR B 23 -8.98 40.52 24.74
CA TYR B 23 -9.11 40.48 26.19
C TYR B 23 -9.27 39.05 26.73
N GLU B 24 -8.86 38.85 27.97
CA GLU B 24 -8.94 37.55 28.61
C GLU B 24 -10.39 37.19 28.96
N PRO B 25 -10.95 36.15 28.33
CA PRO B 25 -12.32 35.72 28.60
C PRO B 25 -12.71 35.67 30.07
N ALA B 26 -11.76 35.28 30.93
CA ALA B 26 -12.02 35.16 32.37
C ALA B 26 -11.87 36.47 33.14
N SER B 27 -10.66 37.03 33.17
CA SER B 27 -10.43 38.27 33.91
C SER B 27 -10.92 39.51 33.21
N GLY B 28 -10.81 39.54 31.89
CA GLY B 28 -11.25 40.69 31.12
C GLY B 28 -10.07 41.56 30.72
N ALA B 29 -8.89 41.27 31.28
CA ALA B 29 -7.69 42.03 30.98
C ALA B 29 -7.36 42.06 29.50
N GLU B 30 -6.72 43.13 29.07
CA GLU B 30 -6.36 43.27 27.66
C GLU B 30 -5.03 42.56 27.46
N LEU B 31 -5.01 41.51 26.63
CA LEU B 31 -3.78 40.77 26.35
C LEU B 31 -2.91 41.52 25.35
N GLY B 32 -3.58 42.17 24.41
CA GLY B 32 -2.85 42.93 23.40
C GLY B 32 -3.73 43.22 22.21
N SER B 33 -3.11 43.50 21.06
CA SER B 33 -3.88 43.78 19.87
C SER B 33 -3.23 43.18 18.64
N VAL B 34 -4.05 42.58 17.78
CA VAL B 34 -3.59 41.95 16.55
C VAL B 34 -4.10 42.77 15.36
N PRO B 35 -3.34 42.76 14.26
CA PRO B 35 -3.69 43.49 13.04
C PRO B 35 -5.08 43.21 12.48
N ALA B 36 -5.65 44.23 11.84
CA ALA B 36 -6.94 44.12 11.19
C ALA B 36 -6.58 44.41 9.74
N MET B 37 -6.14 43.38 9.03
CA MET B 37 -5.70 43.50 7.64
C MET B 37 -6.75 44.00 6.68
N SER B 38 -6.25 44.50 5.55
CA SER B 38 -7.05 45.02 4.46
C SER B 38 -6.86 44.06 3.31
N THR B 39 -7.84 43.99 2.41
CA THR B 39 -7.71 43.09 1.28
C THR B 39 -6.40 43.33 0.50
N GLU B 40 -5.95 44.58 0.45
CA GLU B 40 -4.71 44.92 -0.24
C GLU B 40 -3.56 44.13 0.39
N GLU B 41 -3.60 44.02 1.72
CA GLU B 41 -2.56 43.32 2.46
C GLU B 41 -2.68 41.82 2.26
N VAL B 42 -3.92 41.33 2.21
CA VAL B 42 -4.20 39.92 1.99
C VAL B 42 -3.63 39.53 0.63
N ASP B 43 -3.69 40.45 -0.32
CA ASP B 43 -3.18 40.21 -1.66
C ASP B 43 -1.66 40.06 -1.70
N TYR B 44 -0.96 40.74 -0.81
CA TYR B 44 0.50 40.65 -0.77
C TYR B 44 0.93 39.35 -0.10
N VAL B 45 0.16 38.90 0.88
CA VAL B 45 0.44 37.64 1.55
C VAL B 45 0.39 36.56 0.47
N TYR B 46 -0.75 36.50 -0.22
CA TYR B 46 -0.95 35.53 -1.28
C TYR B 46 0.08 35.66 -2.40
N ALA B 47 0.38 36.88 -2.81
CA ALA B 47 1.36 37.08 -3.88
C ALA B 47 2.74 36.60 -3.45
N SER B 48 3.08 36.82 -2.19
CA SER B 48 4.37 36.39 -1.67
C SER B 48 4.48 34.88 -1.69
N ALA B 49 3.41 34.22 -1.23
CA ALA B 49 3.33 32.76 -1.17
C ALA B 49 3.48 32.13 -2.55
N LYS B 50 2.61 32.51 -3.49
CA LYS B 50 2.66 31.96 -4.85
C LYS B 50 4.03 32.18 -5.51
N LYS B 51 4.68 33.27 -5.13
CA LYS B 51 5.98 33.62 -5.67
C LYS B 51 7.05 32.68 -5.18
N ALA B 52 6.92 32.27 -3.92
CA ALA B 52 7.89 31.40 -3.27
C ALA B 52 7.64 29.90 -3.41
N GLN B 53 6.42 29.53 -3.79
CA GLN B 53 6.06 28.12 -3.93
C GLN B 53 7.01 27.27 -4.79
N PRO B 54 7.37 27.72 -6.00
CA PRO B 54 8.25 26.97 -6.89
C PRO B 54 9.54 26.43 -6.26
N ALA B 55 10.28 27.31 -5.61
CA ALA B 55 11.54 26.94 -4.98
C ALA B 55 11.42 26.14 -3.70
N TRP B 56 10.22 26.10 -3.11
CA TRP B 56 9.98 25.33 -1.88
C TRP B 56 9.79 23.91 -2.38
N ARG B 57 9.00 23.81 -3.45
CA ARG B 57 8.76 22.53 -4.06
C ARG B 57 10.11 21.96 -4.53
N ALA B 58 10.99 22.84 -5.03
CA ALA B 58 12.29 22.42 -5.52
C ALA B 58 13.16 21.77 -4.45
N LEU B 59 12.98 22.15 -3.19
CA LEU B 59 13.79 21.54 -2.14
C LEU B 59 13.52 20.05 -2.03
N SER B 60 14.38 19.36 -1.30
CA SER B 60 14.23 17.92 -1.12
C SER B 60 13.34 17.69 0.11
N TYR B 61 12.65 16.56 0.16
CA TYR B 61 11.79 16.27 1.30
C TYR B 61 12.56 16.35 2.59
N ILE B 62 13.80 15.85 2.56
CA ILE B 62 14.66 15.83 3.72
C ILE B 62 14.86 17.25 4.25
N GLU B 63 15.10 18.21 3.35
CA GLU B 63 15.29 19.62 3.73
C GLU B 63 14.04 20.25 4.31
N ARG B 64 12.87 19.99 3.71
CA ARG B 64 11.62 20.54 4.22
C ARG B 64 11.30 19.93 5.59
N ALA B 65 11.59 18.63 5.75
CA ALA B 65 11.34 17.94 7.01
C ALA B 65 12.28 18.47 8.09
N ALA B 66 13.45 18.92 7.65
CA ALA B 66 14.44 19.47 8.57
C ALA B 66 13.92 20.73 9.24
N TYR B 67 13.36 21.65 8.45
CA TYR B 67 12.76 22.91 8.93
C TYR B 67 11.65 22.63 9.93
N LEU B 68 10.73 21.75 9.54
CA LEU B 68 9.60 21.38 10.38
C LEU B 68 10.03 20.88 11.75
N HIS B 69 11.15 20.15 11.81
CA HIS B 69 11.66 19.64 13.07
C HIS B 69 12.18 20.77 13.93
N LYS B 70 12.85 21.75 13.29
CA LYS B 70 13.37 22.91 13.99
C LYS B 70 12.24 23.69 14.64
N VAL B 71 11.12 23.81 13.92
CA VAL B 71 9.95 24.51 14.43
C VAL B 71 9.44 23.83 15.69
N ALA B 72 9.22 22.52 15.61
CA ALA B 72 8.72 21.76 16.76
C ALA B 72 9.68 21.84 17.95
N ASP B 73 10.98 21.85 17.68
CA ASP B 73 11.97 21.94 18.74
C ASP B 73 11.77 23.22 19.50
N ILE B 74 11.65 24.32 18.75
CA ILE B 74 11.44 25.64 19.32
C ILE B 74 10.15 25.68 20.16
N LEU B 75 9.08 25.11 19.63
CA LEU B 75 7.81 25.08 20.35
C LEU B 75 7.96 24.42 21.72
N MET B 76 8.66 23.29 21.74
CA MET B 76 8.88 22.57 23.00
C MET B 76 9.69 23.43 23.93
N ARG B 77 10.63 24.20 23.38
CA ARG B 77 11.47 25.07 24.18
C ARG B 77 10.64 26.12 24.91
N ASP B 78 9.86 26.88 24.13
CA ASP B 78 9.01 27.92 24.65
C ASP B 78 7.59 27.43 24.92
N LYS B 79 7.43 26.24 25.50
CA LYS B 79 6.07 25.74 25.74
C LYS B 79 5.36 26.43 26.90
N GLU B 80 6.11 26.85 27.90
CA GLU B 80 5.50 27.54 29.04
C GLU B 80 5.12 28.97 28.65
N LYS B 81 6.02 29.66 27.93
CA LYS B 81 5.76 31.02 27.50
C LYS B 81 4.45 31.06 26.73
N ILE B 82 4.38 30.27 25.66
CA ILE B 82 3.20 30.20 24.80
C ILE B 82 1.99 29.70 25.58
N GLY B 83 2.20 28.69 26.43
CA GLY B 83 1.12 28.14 27.22
C GLY B 83 0.45 29.15 28.14
N ALA B 84 1.28 29.98 28.80
CA ALA B 84 0.78 31.01 29.70
C ALA B 84 -0.20 31.95 29.01
N ILE B 85 0.13 32.40 27.82
CA ILE B 85 -0.73 33.30 27.07
C ILE B 85 -1.96 32.58 26.52
N LEU B 86 -1.74 31.49 25.78
CA LEU B 86 -2.84 30.74 25.19
C LEU B 86 -3.88 30.43 26.25
N SER B 87 -3.40 30.14 27.46
CA SER B 87 -4.29 29.82 28.58
C SER B 87 -5.25 30.96 28.88
N LYS B 88 -4.69 32.16 28.85
CA LYS B 88 -5.41 33.41 29.12
C LYS B 88 -6.33 33.81 27.99
N GLU B 89 -5.81 33.73 26.76
CA GLU B 89 -6.56 34.13 25.58
C GLU B 89 -7.85 33.37 25.36
N VAL B 90 -7.86 32.07 25.65
CA VAL B 90 -9.09 31.31 25.43
C VAL B 90 -9.70 30.62 26.66
N ALA B 91 -9.32 31.09 27.85
CA ALA B 91 -9.83 30.55 29.12
C ALA B 91 -9.62 29.04 29.28
N LYS B 92 -8.44 28.58 28.92
CA LYS B 92 -8.09 27.18 29.02
C LYS B 92 -7.16 27.03 30.20
N GLY B 93 -7.25 25.90 30.92
CA GLY B 93 -6.39 25.69 32.07
C GLY B 93 -4.93 25.75 31.68
N TYR B 94 -4.09 26.32 32.54
CA TYR B 94 -2.68 26.44 32.21
C TYR B 94 -2.03 25.16 31.72
N LYS B 95 -1.97 24.14 32.57
CA LYS B 95 -1.34 22.88 32.20
C LYS B 95 -1.87 22.40 30.84
N SER B 96 -3.19 22.44 30.69
CA SER B 96 -3.85 22.00 29.47
C SER B 96 -3.40 22.81 28.27
N ALA B 97 -3.19 24.10 28.47
CA ALA B 97 -2.76 24.97 27.38
C ALA B 97 -1.35 24.59 26.97
N VAL B 98 -0.54 24.17 27.93
CA VAL B 98 0.83 23.77 27.65
C VAL B 98 0.83 22.47 26.85
N SER B 99 -0.13 21.61 27.19
CA SER B 99 -0.27 20.34 26.51
C SER B 99 -0.55 20.61 25.05
N GLU B 100 -1.40 21.60 24.77
CA GLU B 100 -1.73 21.91 23.38
C GLU B 100 -0.48 22.27 22.56
N VAL B 101 0.46 22.97 23.19
CA VAL B 101 1.69 23.35 22.52
C VAL B 101 2.53 22.11 22.26
N VAL B 102 2.56 21.20 23.23
CA VAL B 102 3.34 19.96 23.09
C VAL B 102 2.76 19.06 22.00
N ARG B 103 1.46 18.82 22.02
CA ARG B 103 0.82 18.00 21.01
C ARG B 103 0.99 18.60 19.60
N THR B 104 1.22 19.90 19.52
CA THR B 104 1.41 20.58 18.24
C THR B 104 2.79 20.21 17.74
N ALA B 105 3.76 20.19 18.65
CA ALA B 105 5.13 19.85 18.29
C ALA B 105 5.13 18.41 17.78
N GLU B 106 4.40 17.54 18.47
CA GLU B 106 4.29 16.16 18.09
C GLU B 106 3.77 16.06 16.67
N ILE B 107 2.59 16.64 16.40
CA ILE B 107 2.00 16.61 15.06
C ILE B 107 2.93 17.16 13.97
N ILE B 108 3.70 18.20 14.31
CA ILE B 108 4.61 18.80 13.34
C ILE B 108 5.73 17.83 13.00
N ASN B 109 6.31 17.19 14.02
CA ASN B 109 7.37 16.22 13.83
C ASN B 109 6.84 14.99 13.07
N TYR B 110 5.69 14.47 13.51
CA TYR B 110 5.09 13.31 12.87
C TYR B 110 4.80 13.57 11.42
N ALA B 111 4.25 14.74 11.14
CA ALA B 111 3.94 15.13 9.78
C ALA B 111 5.22 15.23 8.96
N ALA B 112 6.31 15.69 9.58
CA ALA B 112 7.58 15.83 8.88
C ALA B 112 8.15 14.51 8.38
N GLU B 113 8.18 13.50 9.26
CA GLU B 113 8.71 12.18 8.91
C GLU B 113 7.80 11.37 8.04
N GLU B 114 6.50 11.53 8.24
CA GLU B 114 5.49 10.82 7.44
C GLU B 114 5.53 11.34 5.99
N GLY B 115 5.90 12.60 5.84
CA GLY B 115 5.92 13.23 4.53
C GLY B 115 7.01 12.82 3.60
N LEU B 116 8.19 12.49 4.13
CA LEU B 116 9.29 12.10 3.25
C LEU B 116 9.29 10.61 2.89
N ARG B 117 8.31 9.88 3.40
CA ARG B 117 8.19 8.44 3.14
C ARG B 117 6.94 8.17 2.32
N MET B 118 6.36 9.24 1.74
CA MET B 118 5.16 9.12 0.92
C MET B 118 5.66 8.80 -0.49
N GLU B 119 5.25 7.66 -1.03
CA GLU B 119 5.75 7.26 -2.34
C GLU B 119 4.75 7.09 -3.47
N GLY B 120 5.30 6.92 -4.67
CA GLY B 120 4.50 6.76 -5.87
C GLY B 120 4.28 5.31 -6.26
N GLU B 121 3.77 5.12 -7.48
CA GLU B 121 3.47 3.80 -8.00
C GLU B 121 3.71 3.70 -9.51
N VAL B 122 3.99 2.49 -9.99
CA VAL B 122 4.24 2.22 -11.41
C VAL B 122 3.13 1.29 -11.88
N LEU B 123 2.45 1.65 -12.95
CA LEU B 123 1.35 0.81 -13.41
C LEU B 123 1.59 0.15 -14.78
N GLU B 124 1.03 -1.04 -14.97
CA GLU B 124 1.20 -1.81 -16.19
C GLU B 124 0.07 -1.66 -17.19
N GLY B 125 0.39 -1.32 -18.43
CA GLY B 125 -0.65 -1.23 -19.44
C GLY B 125 -1.23 -2.61 -19.69
N GLY B 126 -0.39 -3.63 -19.50
CA GLY B 126 -0.78 -5.00 -19.69
C GLY B 126 -1.83 -5.55 -18.75
N SER B 127 -2.04 -4.88 -17.61
CA SER B 127 -3.04 -5.30 -16.64
C SER B 127 -4.44 -5.05 -17.20
N PHE B 128 -4.53 -4.13 -18.16
CA PHE B 128 -5.80 -3.75 -18.72
C PHE B 128 -5.97 -4.29 -20.11
N GLU B 129 -4.96 -4.13 -20.95
CA GLU B 129 -5.07 -4.66 -22.29
C GLU B 129 -3.73 -5.03 -22.90
N ALA B 130 -3.68 -6.26 -23.39
CA ALA B 130 -2.49 -6.85 -23.99
C ALA B 130 -1.70 -5.92 -24.88
N ALA B 131 -2.41 -5.25 -25.78
CA ALA B 131 -1.79 -4.32 -26.73
C ALA B 131 -1.00 -3.19 -26.09
N SER B 132 -1.25 -2.93 -24.80
CA SER B 132 -0.55 -1.88 -24.08
C SER B 132 0.42 -2.43 -23.03
N LYS B 133 0.86 -3.67 -23.21
CA LYS B 133 1.75 -4.30 -22.26
C LYS B 133 3.09 -3.62 -22.04
N LYS B 134 3.57 -2.88 -23.04
CA LYS B 134 4.86 -2.19 -22.97
C LYS B 134 4.75 -0.76 -22.50
N LYS B 135 3.53 -0.38 -22.13
CA LYS B 135 3.21 0.95 -21.69
C LYS B 135 3.12 0.99 -20.17
N ILE B 136 3.85 1.91 -19.55
CA ILE B 136 3.82 2.05 -18.10
C ILE B 136 3.57 3.47 -17.63
N ALA B 137 3.00 3.60 -16.43
CA ALA B 137 2.69 4.89 -15.85
C ALA B 137 3.44 5.14 -14.55
N VAL B 138 4.41 6.04 -14.58
CA VAL B 138 5.19 6.40 -13.39
C VAL B 138 4.44 7.52 -12.66
N VAL B 139 3.70 7.16 -11.63
CA VAL B 139 2.89 8.11 -10.86
C VAL B 139 3.52 8.67 -9.58
N ARG B 140 3.75 9.97 -9.52
CA ARG B 140 4.34 10.60 -8.34
C ARG B 140 3.41 11.71 -7.81
N ARG B 141 3.42 11.93 -6.51
CA ARG B 141 2.61 12.97 -5.89
C ARG B 141 3.21 14.35 -6.11
N GLU B 142 2.38 15.39 -5.98
CA GLU B 142 2.80 16.79 -6.14
C GLU B 142 1.92 17.64 -5.23
N PRO B 143 2.43 18.81 -4.78
CA PRO B 143 1.63 19.69 -3.92
C PRO B 143 0.55 20.42 -4.73
N VAL B 144 -0.50 20.88 -4.07
CA VAL B 144 -1.57 21.60 -4.76
C VAL B 144 -1.24 23.08 -4.96
N GLY B 145 -0.33 23.60 -4.13
CA GLY B 145 0.09 24.99 -4.25
C GLY B 145 0.03 25.80 -2.98
N LEU B 146 -0.92 26.74 -2.91
CA LEU B 146 -1.10 27.57 -1.73
C LEU B 146 -2.25 26.96 -0.94
N VAL B 147 -2.02 26.75 0.36
CA VAL B 147 -3.03 26.20 1.24
C VAL B 147 -3.44 27.24 2.29
N LEU B 148 -4.74 27.44 2.44
CA LEU B 148 -5.26 28.36 3.44
C LEU B 148 -5.71 27.55 4.66
N ALA B 149 -5.05 27.78 5.79
CA ALA B 149 -5.38 27.11 7.04
C ALA B 149 -6.07 28.05 8.02
N ILE B 150 -7.23 27.63 8.53
CA ILE B 150 -8.03 28.42 9.47
C ILE B 150 -8.33 27.57 10.71
N SER B 151 -7.68 27.89 11.84
CA SER B 151 -7.89 27.14 13.08
C SER B 151 -9.01 27.71 13.94
N PRO B 152 -9.58 26.90 14.86
CA PRO B 152 -10.67 27.27 15.78
C PRO B 152 -10.17 27.92 17.06
N PHE B 153 -11.09 28.48 17.85
CA PHE B 153 -10.72 29.14 19.10
C PHE B 153 -10.31 28.19 20.19
N ASN B 154 -10.87 26.97 20.18
CA ASN B 154 -10.56 25.99 21.22
C ASN B 154 -9.21 25.30 21.10
N TYR B 155 -8.63 25.36 19.89
CA TYR B 155 -7.32 24.77 19.62
C TYR B 155 -6.68 25.63 18.53
N PRO B 156 -6.44 26.92 18.82
CA PRO B 156 -5.84 27.86 17.87
C PRO B 156 -4.46 27.47 17.40
N VAL B 157 -3.75 26.70 18.22
CA VAL B 157 -2.40 26.22 17.90
C VAL B 157 -2.39 24.77 17.39
N ASN B 158 -2.91 23.85 18.18
CA ASN B 158 -2.94 22.43 17.79
C ASN B 158 -3.64 22.18 16.46
N LEU B 159 -4.81 22.80 16.27
CA LEU B 159 -5.56 22.63 15.04
C LEU B 159 -5.08 23.56 13.92
N ALA B 160 -3.88 24.09 14.09
CA ALA B 160 -3.28 24.95 13.09
C ALA B 160 -2.08 24.17 12.55
N GLY B 161 -1.30 23.59 13.47
CA GLY B 161 -0.16 22.80 13.07
C GLY B 161 -0.61 21.55 12.33
N SER B 162 -1.75 21.00 12.73
CA SER B 162 -2.30 19.82 12.12
C SER B 162 -2.63 20.03 10.65
N LYS B 163 -2.59 21.28 10.21
CA LYS B 163 -2.87 21.64 8.82
C LYS B 163 -1.60 22.14 8.16
N ILE B 164 -0.84 22.92 8.92
CA ILE B 164 0.40 23.50 8.43
C ILE B 164 1.51 22.50 8.11
N ALA B 165 1.88 21.66 9.07
CA ALA B 165 2.92 20.68 8.85
C ALA B 165 2.67 19.69 7.69
N PRO B 166 1.51 19.00 7.65
CA PRO B 166 1.26 18.08 6.55
C PRO B 166 1.30 18.78 5.20
N ALA B 167 0.85 20.04 5.16
CA ALA B 167 0.84 20.82 3.93
C ALA B 167 2.23 21.23 3.46
N LEU B 168 3.05 21.74 4.37
CA LEU B 168 4.39 22.19 4.02
C LEU B 168 5.39 21.11 3.60
N ILE B 169 5.36 19.96 4.27
CA ILE B 169 6.28 18.86 3.93
C ILE B 169 6.08 18.36 2.49
N ALA B 170 4.86 18.45 2.00
CA ALA B 170 4.53 18.01 0.66
C ALA B 170 4.98 18.97 -0.43
N GLY B 171 5.28 20.20 -0.04
CA GLY B 171 5.69 21.20 -1.02
C GLY B 171 4.72 22.35 -1.24
N ASN B 172 3.70 22.45 -0.39
CA ASN B 172 2.71 23.54 -0.49
C ASN B 172 3.21 24.72 0.33
N VAL B 173 2.61 25.90 0.10
CA VAL B 173 2.94 27.13 0.86
C VAL B 173 1.71 27.43 1.71
N ILE B 174 1.91 28.14 2.81
CA ILE B 174 0.81 28.39 3.73
C ILE B 174 0.44 29.84 4.06
N ALA B 175 -0.84 30.06 4.31
CA ALA B 175 -1.40 31.35 4.69
C ALA B 175 -2.28 31.03 5.90
N PHE B 176 -1.72 31.22 7.09
CA PHE B 176 -2.40 30.92 8.35
C PHE B 176 -3.33 32.00 8.86
N LYS B 177 -4.60 31.65 9.08
CA LYS B 177 -5.60 32.58 9.58
C LYS B 177 -6.20 32.04 10.87
N PRO B 178 -5.61 32.42 12.01
CA PRO B 178 -6.09 31.96 13.34
C PRO B 178 -7.39 32.64 13.73
N PRO B 179 -8.08 32.13 14.76
CA PRO B 179 -9.34 32.77 15.14
C PRO B 179 -8.96 34.09 15.83
N THR B 180 -9.78 35.14 15.69
CA THR B 180 -9.47 36.42 16.34
C THR B 180 -9.23 36.17 17.82
N GLN B 181 -10.14 35.44 18.48
CA GLN B 181 -9.94 35.10 19.88
C GLN B 181 -9.01 33.89 19.84
N GLY B 182 -7.71 34.16 19.89
CA GLY B 182 -6.72 33.11 19.82
C GLY B 182 -5.69 33.51 18.77
N SER B 183 -5.77 34.77 18.33
CA SER B 183 -4.85 35.29 17.32
C SER B 183 -3.48 35.66 17.87
N ILE B 184 -3.39 35.86 19.17
CA ILE B 184 -2.10 36.18 19.75
C ILE B 184 -1.35 34.86 19.78
N SER B 185 -2.02 33.81 20.28
CA SER B 185 -1.46 32.46 20.36
C SER B 185 -1.10 32.00 18.95
N GLY B 186 -1.96 32.31 18.00
CA GLY B 186 -1.71 31.95 16.62
C GLY B 186 -0.43 32.61 16.12
N LEU B 187 -0.22 33.85 16.53
CA LEU B 187 0.96 34.61 16.10
C LEU B 187 2.18 34.20 16.89
N LEU B 188 1.94 33.61 18.06
CA LEU B 188 3.03 33.12 18.90
C LEU B 188 3.59 31.88 18.20
N LEU B 189 2.71 31.11 17.56
CA LEU B 189 3.11 29.93 16.80
C LEU B 189 3.93 30.38 15.60
N ALA B 190 3.46 31.43 14.93
CA ALA B 190 4.16 31.96 13.75
C ALA B 190 5.58 32.34 14.08
N GLU B 191 5.82 32.70 15.34
CA GLU B 191 7.16 33.08 15.75
C GLU B 191 8.12 31.93 15.59
N ALA B 192 7.61 30.71 15.87
CA ALA B 192 8.39 29.47 15.77
C ALA B 192 8.80 29.23 14.33
N PHE B 193 7.86 29.38 13.40
CA PHE B 193 8.15 29.22 11.98
C PHE B 193 9.14 30.28 11.49
N ALA B 194 9.13 31.44 12.13
CA ALA B 194 10.03 32.52 11.75
C ALA B 194 11.45 32.21 12.20
N GLU B 195 11.60 31.78 13.45
CA GLU B 195 12.92 31.45 13.99
C GLU B 195 13.55 30.24 13.27
N ALA B 196 12.72 29.25 12.93
CA ALA B 196 13.16 28.05 12.23
C ALA B 196 13.88 28.40 10.94
N GLY B 197 13.60 29.59 10.43
CA GLY B 197 14.26 30.05 9.22
C GLY B 197 13.75 29.62 7.85
N LEU B 198 12.53 29.09 7.75
CA LEU B 198 11.99 28.71 6.44
C LEU B 198 12.11 29.91 5.47
N PRO B 199 12.28 29.62 4.18
CA PRO B 199 12.40 30.68 3.17
C PRO B 199 11.20 31.68 3.23
N ALA B 200 11.48 32.95 2.96
CA ALA B 200 10.46 34.00 2.98
C ALA B 200 9.35 33.69 2.00
N GLY B 201 8.10 33.80 2.44
CA GLY B 201 6.96 33.55 1.57
C GLY B 201 6.36 32.16 1.70
N VAL B 202 7.10 31.23 2.29
CA VAL B 202 6.63 29.85 2.48
C VAL B 202 5.52 29.74 3.53
N PHE B 203 5.69 30.42 4.67
CA PHE B 203 4.69 30.42 5.75
C PHE B 203 4.27 31.86 6.06
N ASN B 204 2.97 32.13 5.98
CA ASN B 204 2.45 33.45 6.24
C ASN B 204 1.20 33.43 7.10
N THR B 205 0.99 34.52 7.85
CA THR B 205 -0.19 34.68 8.71
C THR B 205 -1.07 35.83 8.22
N ILE B 206 -2.37 35.70 8.45
CA ILE B 206 -3.34 36.69 8.06
C ILE B 206 -4.25 36.85 9.25
N THR B 207 -4.31 38.07 9.81
CA THR B 207 -5.22 38.32 10.94
C THR B 207 -6.15 39.44 10.57
N GLY B 208 -7.28 39.49 11.26
CA GLY B 208 -8.24 40.53 10.99
C GLY B 208 -9.67 40.06 11.17
N ARG B 209 -10.58 41.02 11.12
CA ARG B 209 -12.00 40.78 11.29
C ARG B 209 -12.52 39.71 10.36
N GLY B 210 -12.84 38.54 10.92
CA GLY B 210 -13.36 37.44 10.14
C GLY B 210 -14.57 37.82 9.30
N SER B 211 -15.14 38.99 9.60
CA SER B 211 -16.29 39.53 8.87
C SER B 211 -15.73 40.41 7.76
N GLU B 212 -14.89 41.37 8.14
CA GLU B 212 -14.26 42.27 7.19
C GLU B 212 -13.49 41.54 6.07
N ILE B 213 -12.77 40.47 6.42
CA ILE B 213 -11.98 39.75 5.42
C ILE B 213 -12.31 38.28 5.18
N GLY B 214 -13.22 37.71 5.98
CA GLY B 214 -13.58 36.31 5.82
C GLY B 214 -13.77 35.74 4.42
N ASP B 215 -14.86 36.10 3.77
CA ASP B 215 -15.15 35.61 2.42
C ASP B 215 -14.05 35.96 1.43
N TYR B 216 -13.45 37.13 1.62
CA TYR B 216 -12.39 37.58 0.73
C TYR B 216 -11.23 36.60 0.62
N ILE B 217 -10.72 36.16 1.77
CA ILE B 217 -9.59 35.24 1.80
C ILE B 217 -9.89 33.85 1.21
N VAL B 218 -11.14 33.39 1.38
CA VAL B 218 -11.54 32.09 0.85
C VAL B 218 -11.78 32.14 -0.66
N GLU B 219 -12.50 33.18 -1.10
CA GLU B 219 -12.84 33.33 -2.53
C GLU B 219 -11.68 33.70 -3.45
N HIS B 220 -10.61 34.20 -2.86
CA HIS B 220 -9.44 34.61 -3.62
C HIS B 220 -9.00 33.50 -4.57
N GLN B 221 -8.74 33.84 -5.83
CA GLN B 221 -8.31 32.85 -6.83
C GLN B 221 -6.91 32.26 -6.64
N ALA B 222 -6.12 32.87 -5.75
CA ALA B 222 -4.76 32.39 -5.47
C ALA B 222 -4.73 31.16 -4.57
N VAL B 223 -5.77 30.99 -3.78
CA VAL B 223 -5.90 29.87 -2.86
C VAL B 223 -6.30 28.60 -3.62
N ASN B 224 -5.49 27.54 -3.47
CA ASN B 224 -5.75 26.27 -4.16
C ASN B 224 -6.46 25.23 -3.32
N PHE B 225 -6.42 25.38 -1.99
CA PHE B 225 -7.03 24.42 -1.08
C PHE B 225 -7.45 25.14 0.19
N ILE B 226 -8.67 24.90 0.68
CA ILE B 226 -9.12 25.53 1.93
C ILE B 226 -9.27 24.49 3.05
N ASN B 227 -8.45 24.64 4.09
CA ASN B 227 -8.45 23.75 5.24
C ASN B 227 -9.03 24.52 6.42
N PHE B 228 -10.24 24.15 6.80
CA PHE B 228 -10.96 24.87 7.84
C PHE B 228 -11.47 24.02 8.99
N THR B 229 -11.56 24.65 10.16
CA THR B 229 -12.11 24.03 11.37
C THR B 229 -12.90 25.08 12.13
N GLY B 230 -14.22 24.88 12.21
CA GLY B 230 -15.10 25.80 12.90
C GLY B 230 -16.53 25.34 12.87
N SER B 231 -17.47 26.27 12.88
CA SER B 231 -18.90 25.95 12.88
C SER B 231 -19.42 25.44 11.55
N THR B 232 -20.54 24.73 11.61
CA THR B 232 -21.16 24.19 10.41
C THR B 232 -21.51 25.32 9.45
N GLY B 233 -22.05 26.41 10.01
CA GLY B 233 -22.45 27.57 9.22
C GLY B 233 -21.39 28.10 8.27
N ILE B 234 -20.19 28.31 8.78
CA ILE B 234 -19.12 28.81 7.93
C ILE B 234 -18.63 27.71 7.02
N GLY B 235 -18.55 26.50 7.57
CA GLY B 235 -18.10 25.38 6.76
C GLY B 235 -18.89 25.28 5.49
N GLU B 236 -20.21 25.40 5.63
CA GLU B 236 -21.10 25.34 4.49
C GLU B 236 -20.82 26.47 3.49
N ARG B 237 -20.60 27.69 3.98
CA ARG B 237 -20.28 28.83 3.11
C ARG B 237 -19.00 28.54 2.35
N ILE B 238 -18.02 28.00 3.07
CA ILE B 238 -16.73 27.68 2.47
C ILE B 238 -16.84 26.64 1.37
N GLY B 239 -17.73 25.67 1.54
CA GLY B 239 -17.92 24.65 0.53
C GLY B 239 -18.42 25.20 -0.79
N LYS B 240 -19.15 26.30 -0.71
CA LYS B 240 -19.72 26.96 -1.87
C LYS B 240 -18.73 27.95 -2.46
N MET B 241 -18.03 28.66 -1.56
CA MET B 241 -17.04 29.66 -1.97
C MET B 241 -15.80 29.01 -2.55
N ALA B 242 -15.61 27.75 -2.22
CA ALA B 242 -14.47 26.99 -2.72
C ALA B 242 -14.66 26.71 -4.21
N GLY B 243 -15.91 26.52 -4.61
CA GLY B 243 -16.23 26.23 -6.00
C GLY B 243 -15.93 24.79 -6.26
N MET B 244 -14.92 24.52 -7.09
CA MET B 244 -14.52 23.15 -7.36
C MET B 244 -13.11 22.91 -6.84
N ARG B 245 -12.62 23.84 -6.02
CA ARG B 245 -11.31 23.72 -5.42
C ARG B 245 -11.47 22.77 -4.25
N PRO B 246 -10.43 21.99 -3.95
CA PRO B 246 -10.47 21.04 -2.83
C PRO B 246 -10.56 21.72 -1.46
N ILE B 247 -11.19 21.03 -0.51
CA ILE B 247 -11.34 21.53 0.85
C ILE B 247 -11.25 20.40 1.89
N MET B 248 -11.09 20.81 3.14
CA MET B 248 -11.03 19.91 4.28
C MET B 248 -11.82 20.69 5.31
N LEU B 249 -12.90 20.11 5.82
CA LEU B 249 -13.74 20.79 6.78
C LEU B 249 -14.06 19.93 7.98
N GLU B 250 -13.77 20.43 9.19
CA GLU B 250 -14.13 19.69 10.40
C GLU B 250 -15.13 20.60 11.09
N LEU B 251 -16.41 20.26 10.94
CA LEU B 251 -17.47 21.07 11.51
C LEU B 251 -17.87 20.58 12.92
N GLY B 252 -19.14 20.72 13.26
CA GLY B 252 -19.58 20.34 14.59
C GLY B 252 -19.84 18.88 14.84
N GLY B 253 -20.35 18.58 16.02
CA GLY B 253 -20.64 17.21 16.38
C GLY B 253 -21.52 17.10 17.61
N LYS B 254 -22.33 16.04 17.63
CA LYS B 254 -23.23 15.75 18.75
C LYS B 254 -23.02 14.25 19.08
N ASP B 255 -21.76 13.90 19.37
CA ASP B 255 -21.35 12.52 19.66
C ASP B 255 -22.13 11.80 20.75
N SER B 256 -22.69 10.64 20.40
CA SER B 256 -23.45 9.85 21.35
C SER B 256 -22.59 8.80 22.01
N ALA B 257 -23.07 8.29 23.14
CA ALA B 257 -22.39 7.27 23.88
C ALA B 257 -23.45 6.25 24.20
N ILE B 258 -23.45 5.15 23.43
CA ILE B 258 -24.43 4.09 23.62
C ILE B 258 -23.98 3.15 24.74
N VAL B 259 -24.84 3.00 25.75
CA VAL B 259 -24.54 2.16 26.89
C VAL B 259 -25.48 0.97 26.97
N LEU B 260 -24.97 -0.23 26.64
CA LEU B 260 -25.76 -1.45 26.67
C LEU B 260 -25.86 -2.04 28.08
N GLU B 261 -26.85 -2.91 28.28
CA GLU B 261 -27.10 -3.55 29.56
C GLU B 261 -25.96 -4.32 30.20
N ASP B 262 -24.95 -4.70 29.41
CA ASP B 262 -23.81 -5.47 29.93
C ASP B 262 -22.55 -4.65 30.14
N ALA B 263 -22.67 -3.34 29.99
CA ALA B 263 -21.54 -2.43 30.13
C ALA B 263 -20.98 -2.34 31.54
N ASP B 264 -19.71 -1.96 31.63
CA ASP B 264 -19.03 -1.74 32.91
C ASP B 264 -19.40 -0.30 33.35
N LEU B 265 -20.51 -0.17 34.07
CA LEU B 265 -21.01 1.12 34.50
C LEU B 265 -20.00 2.07 35.15
N GLU B 266 -19.01 1.54 35.84
CA GLU B 266 -18.02 2.40 36.45
C GLU B 266 -17.07 2.90 35.39
N LEU B 267 -16.57 1.97 34.58
CA LEU B 267 -15.66 2.30 33.49
C LEU B 267 -16.38 3.27 32.56
N THR B 268 -17.68 3.05 32.39
CA THR B 268 -18.48 3.91 31.53
C THR B 268 -18.66 5.30 32.14
N ALA B 269 -19.03 5.37 33.41
CA ALA B 269 -19.25 6.66 34.05
C ALA B 269 -17.98 7.50 33.99
N LYS B 270 -16.84 6.85 34.19
CA LYS B 270 -15.55 7.53 34.14
C LYS B 270 -15.27 8.14 32.77
N ASN B 271 -15.47 7.36 31.71
CA ASN B 271 -15.22 7.82 30.34
C ASN B 271 -16.17 8.90 29.86
N ILE B 272 -17.45 8.76 30.20
CA ILE B 272 -18.46 9.73 29.81
C ILE B 272 -18.24 11.09 30.49
N ILE B 273 -17.78 11.08 31.74
CA ILE B 273 -17.53 12.34 32.42
C ILE B 273 -16.37 13.09 31.78
N ALA B 274 -15.26 12.40 31.57
CA ALA B 274 -14.06 12.98 30.97
C ALA B 274 -14.26 13.45 29.54
N GLY B 275 -15.21 12.83 28.85
CA GLY B 275 -15.48 13.20 27.48
C GLY B 275 -16.45 14.35 27.41
N ALA B 276 -17.56 14.20 28.11
CA ALA B 276 -18.60 15.22 28.15
C ALA B 276 -18.17 16.58 28.71
N PHE B 277 -17.50 16.56 29.86
CA PHE B 277 -17.07 17.81 30.51
C PHE B 277 -15.65 18.34 30.24
N GLY B 278 -15.00 17.85 29.20
CA GLY B 278 -13.66 18.29 28.90
C GLY B 278 -13.70 19.67 28.29
N TYR B 279 -12.96 20.59 28.88
CA TYR B 279 -12.90 21.99 28.43
C TYR B 279 -14.32 22.60 28.43
N SER B 280 -15.06 22.28 29.48
CA SER B 280 -16.42 22.78 29.66
C SER B 280 -17.32 22.43 28.47
N GLY B 281 -17.07 21.29 27.85
CA GLY B 281 -17.88 20.86 26.72
C GLY B 281 -17.53 21.58 25.44
N GLN B 282 -16.47 22.39 25.46
CA GLN B 282 -16.08 23.15 24.28
C GLN B 282 -15.14 22.37 23.35
N ARG B 283 -15.56 21.15 23.01
CA ARG B 283 -14.82 20.23 22.15
C ARG B 283 -15.81 19.60 21.20
N SER B 284 -15.49 19.60 19.90
CA SER B 284 -16.37 19.02 18.90
C SER B 284 -16.48 17.53 19.05
N THR B 285 -15.44 16.92 19.62
CA THR B 285 -15.38 15.48 19.84
C THR B 285 -15.77 15.02 21.24
N ALA B 286 -16.47 15.85 21.99
CA ALA B 286 -16.89 15.50 23.33
C ALA B 286 -18.16 14.64 23.27
N VAL B 287 -18.40 13.87 24.32
CA VAL B 287 -19.59 13.03 24.41
C VAL B 287 -20.74 13.99 24.67
N LYS B 288 -21.58 14.21 23.68
CA LYS B 288 -22.68 15.14 23.86
C LYS B 288 -24.07 14.62 24.21
N ARG B 289 -24.24 13.30 24.27
CA ARG B 289 -25.53 12.70 24.60
C ARG B 289 -25.36 11.22 24.93
N VAL B 290 -26.01 10.77 26.00
CA VAL B 290 -25.92 9.39 26.43
C VAL B 290 -27.20 8.65 26.08
N LEU B 291 -27.09 7.59 25.30
CA LEU B 291 -28.25 6.75 24.93
C LEU B 291 -28.08 5.46 25.70
N VAL B 292 -28.59 5.43 26.92
CA VAL B 292 -28.48 4.28 27.81
C VAL B 292 -29.72 3.42 27.90
N MET B 293 -29.53 2.11 27.89
CA MET B 293 -30.62 1.14 28.01
C MET B 293 -31.23 1.33 29.39
N GLU B 294 -32.55 1.49 29.42
CA GLU B 294 -33.30 1.71 30.64
C GLU B 294 -32.88 0.90 31.87
N SER B 295 -32.72 -0.40 31.73
CA SER B 295 -32.36 -1.24 32.86
C SER B 295 -31.11 -0.83 33.65
N VAL B 296 -30.19 -0.11 33.02
CA VAL B 296 -28.98 0.33 33.72
C VAL B 296 -28.86 1.86 33.85
N ALA B 297 -29.89 2.57 33.39
CA ALA B 297 -29.93 4.04 33.41
C ALA B 297 -29.80 4.60 34.81
N ASP B 298 -30.64 4.15 35.74
CA ASP B 298 -30.58 4.63 37.12
C ASP B 298 -29.21 4.50 37.78
N GLU B 299 -28.61 3.32 37.73
CA GLU B 299 -27.31 3.11 38.33
C GLU B 299 -26.22 3.95 37.70
N LEU B 300 -26.20 3.95 36.37
CA LEU B 300 -25.20 4.70 35.61
C LEU B 300 -25.30 6.17 35.94
N VAL B 301 -26.50 6.71 35.83
CA VAL B 301 -26.75 8.12 36.09
C VAL B 301 -26.25 8.56 37.48
N GLU B 302 -26.48 7.74 38.49
CA GLU B 302 -26.00 8.09 39.83
C GLU B 302 -24.47 8.22 39.88
N LYS B 303 -23.76 7.33 39.18
CA LYS B 303 -22.31 7.39 39.13
C LYS B 303 -21.89 8.72 38.51
N ILE B 304 -22.43 9.00 37.33
CA ILE B 304 -22.11 10.24 36.61
C ILE B 304 -22.36 11.45 37.50
N ARG B 305 -23.50 11.41 38.21
CA ARG B 305 -23.90 12.49 39.10
C ARG B 305 -22.86 12.75 40.18
N GLU B 306 -22.42 11.70 40.86
CA GLU B 306 -21.44 11.84 41.92
C GLU B 306 -20.12 12.34 41.35
N LYS B 307 -19.79 11.85 40.17
CA LYS B 307 -18.54 12.23 39.52
C LYS B 307 -18.51 13.69 39.10
N VAL B 308 -19.67 14.20 38.67
CA VAL B 308 -19.78 15.61 38.26
C VAL B 308 -19.47 16.47 39.48
N LEU B 309 -20.01 16.08 40.64
CA LEU B 309 -19.82 16.79 41.89
C LEU B 309 -18.35 16.88 42.29
N ALA B 310 -17.47 16.23 41.53
CA ALA B 310 -16.05 16.26 41.86
C ALA B 310 -15.23 17.12 40.92
N LEU B 311 -15.88 17.63 39.88
CA LEU B 311 -15.21 18.50 38.92
C LEU B 311 -14.94 19.89 39.53
N THR B 312 -13.69 20.31 39.48
CA THR B 312 -13.33 21.62 40.00
C THR B 312 -13.88 22.70 39.05
N ILE B 313 -14.33 23.82 39.62
CA ILE B 313 -14.89 24.92 38.84
C ILE B 313 -14.12 26.19 39.17
N GLY B 314 -13.64 26.90 38.16
CA GLY B 314 -12.91 28.12 38.43
C GLY B 314 -12.08 28.78 37.34
N ASN B 315 -10.91 29.26 37.74
CA ASN B 315 -10.03 29.97 36.82
C ASN B 315 -8.93 29.16 36.16
N PRO B 316 -8.58 29.55 34.94
CA PRO B 316 -7.54 28.90 34.14
C PRO B 316 -6.27 28.68 34.92
N GLU B 317 -5.74 29.76 35.47
CA GLU B 317 -4.50 29.70 36.23
C GLU B 317 -4.59 28.67 37.34
N ASP B 318 -5.81 28.26 37.68
CA ASP B 318 -5.99 27.27 38.74
C ASP B 318 -6.31 25.89 38.23
N ASP B 319 -6.13 25.68 36.92
CA ASP B 319 -6.40 24.41 36.29
C ASP B 319 -7.77 23.82 36.70
N ALA B 320 -8.78 24.66 36.67
CA ALA B 320 -10.11 24.22 37.04
C ALA B 320 -10.62 23.31 35.92
N ASP B 321 -11.45 22.33 36.26
CA ASP B 321 -12.00 21.43 35.26
C ASP B 321 -12.94 22.25 34.39
N ILE B 322 -13.80 23.01 35.06
CA ILE B 322 -14.76 23.88 34.40
C ILE B 322 -14.35 25.34 34.52
N THR B 323 -14.06 25.95 33.37
CA THR B 323 -13.65 27.35 33.28
C THR B 323 -14.69 28.17 32.50
N PRO B 324 -14.59 29.50 32.55
CA PRO B 324 -15.53 30.38 31.84
C PRO B 324 -15.57 30.11 30.35
N LEU B 325 -16.78 30.08 29.80
CA LEU B 325 -16.96 29.83 28.38
C LEU B 325 -16.30 30.96 27.59
N ILE B 326 -15.94 30.69 26.34
CA ILE B 326 -15.26 31.68 25.50
C ILE B 326 -15.84 33.10 25.54
N ASP B 327 -17.17 33.22 25.59
CA ASP B 327 -17.80 34.52 25.62
C ASP B 327 -19.27 34.51 26.05
N THR B 328 -19.86 35.69 26.14
CA THR B 328 -21.25 35.84 26.56
C THR B 328 -22.26 35.31 25.57
N LYS B 329 -22.06 35.61 24.30
CA LYS B 329 -22.96 35.15 23.24
C LYS B 329 -23.14 33.64 23.39
N SER B 330 -22.03 32.96 23.73
CA SER B 330 -21.99 31.52 23.91
C SER B 330 -22.70 31.08 25.18
N ALA B 331 -22.25 31.59 26.32
CA ALA B 331 -22.86 31.23 27.59
C ALA B 331 -24.37 31.45 27.56
N ASP B 332 -24.81 32.46 26.81
CA ASP B 332 -26.24 32.75 26.68
C ASP B 332 -26.90 31.59 25.96
N TYR B 333 -26.35 31.23 24.80
CA TYR B 333 -26.88 30.13 23.99
C TYR B 333 -27.07 28.86 24.79
N VAL B 334 -26.04 28.50 25.56
CA VAL B 334 -26.08 27.33 26.41
C VAL B 334 -27.25 27.49 27.38
N GLU B 335 -27.36 28.66 28.00
CA GLU B 335 -28.44 28.94 28.95
C GLU B 335 -29.83 28.69 28.33
N GLY B 336 -29.93 28.93 27.03
CA GLY B 336 -31.17 28.72 26.33
C GLY B 336 -31.54 27.26 26.33
N LEU B 337 -30.60 26.43 25.86
CA LEU B 337 -30.76 24.98 25.78
C LEU B 337 -31.12 24.43 27.16
N ILE B 338 -30.46 24.93 28.20
CA ILE B 338 -30.71 24.49 29.56
C ILE B 338 -32.17 24.70 29.93
N ASN B 339 -32.63 25.94 29.83
CA ASN B 339 -34.01 26.29 30.14
C ASN B 339 -35.02 25.43 29.38
N ASP B 340 -34.94 25.46 28.06
CA ASP B 340 -35.83 24.67 27.22
C ASP B 340 -36.00 23.23 27.72
N ALA B 341 -34.88 22.57 28.01
CA ALA B 341 -34.91 21.20 28.48
C ALA B 341 -35.63 21.17 29.81
N ASN B 342 -35.18 22.05 30.71
CA ASN B 342 -35.74 22.17 32.05
C ASN B 342 -37.26 22.38 31.99
N ASP B 343 -37.67 23.30 31.13
CA ASP B 343 -39.08 23.62 30.95
C ASP B 343 -39.86 22.40 30.47
N LYS B 344 -39.28 21.69 29.51
CA LYS B 344 -39.93 20.52 28.96
C LYS B 344 -39.98 19.28 29.84
N GLY B 345 -39.45 19.37 31.05
CA GLY B 345 -39.50 18.21 31.92
C GLY B 345 -38.20 17.54 32.26
N ALA B 346 -37.10 17.93 31.63
CA ALA B 346 -35.81 17.33 31.93
C ALA B 346 -35.55 17.45 33.43
N THR B 347 -34.64 16.64 33.97
CA THR B 347 -34.35 16.67 35.39
C THR B 347 -32.89 16.96 35.68
N ALA B 348 -32.57 18.18 36.09
CA ALA B 348 -31.20 18.54 36.40
C ALA B 348 -30.81 17.88 37.73
N LEU B 349 -29.84 16.99 37.66
CA LEU B 349 -29.37 16.29 38.85
C LEU B 349 -28.28 17.08 39.58
N THR B 350 -27.74 18.08 38.89
CA THR B 350 -26.73 18.94 39.49
C THR B 350 -27.29 20.38 39.40
N GLU B 351 -26.74 21.28 40.21
CA GLU B 351 -27.20 22.67 40.26
C GLU B 351 -27.00 23.50 39.01
N ILE B 352 -28.07 24.18 38.59
CA ILE B 352 -28.02 25.07 37.45
C ILE B 352 -27.58 26.43 38.03
N LYS B 353 -26.46 26.96 37.56
CA LYS B 353 -25.95 28.23 38.08
C LYS B 353 -24.93 28.86 37.15
N ARG B 354 -25.08 30.16 36.89
CA ARG B 354 -24.13 30.85 36.00
C ARG B 354 -23.50 32.05 36.70
N GLU B 355 -22.19 32.11 36.68
CA GLU B 355 -21.47 33.22 37.28
C GLU B 355 -20.76 33.95 36.16
N GLY B 356 -21.40 34.98 35.61
CA GLY B 356 -20.80 35.73 34.52
C GLY B 356 -20.91 34.86 33.30
N ASN B 357 -19.79 34.27 32.90
CA ASN B 357 -19.81 33.35 31.76
C ASN B 357 -19.43 31.93 32.20
N LEU B 358 -19.34 31.74 33.51
CA LEU B 358 -19.02 30.46 34.10
C LEU B 358 -20.31 29.72 34.44
N ILE B 359 -20.64 28.75 33.60
CA ILE B 359 -21.82 27.93 33.83
C ILE B 359 -21.36 26.64 34.48
N CYS B 360 -21.92 26.31 35.64
CA CYS B 360 -21.56 25.10 36.35
C CYS B 360 -22.05 23.91 35.55
N PRO B 361 -21.34 22.74 35.65
CA PRO B 361 -21.68 21.49 34.93
C PRO B 361 -23.03 20.90 35.34
N ILE B 362 -23.91 20.76 34.37
CA ILE B 362 -25.25 20.25 34.61
C ILE B 362 -25.47 18.87 34.01
N LEU B 363 -26.14 18.01 34.78
CA LEU B 363 -26.47 16.67 34.34
C LEU B 363 -27.99 16.61 34.24
N PHE B 364 -28.50 16.52 33.02
CA PHE B 364 -29.93 16.44 32.79
C PHE B 364 -30.36 15.01 32.49
N ASP B 365 -31.13 14.42 33.39
CA ASP B 365 -31.64 13.08 33.18
C ASP B 365 -33.02 13.30 32.59
N LYS B 366 -33.62 12.22 32.08
CA LYS B 366 -34.97 12.29 31.50
C LYS B 366 -35.12 13.22 30.29
N VAL B 367 -34.01 13.53 29.61
CA VAL B 367 -34.09 14.37 28.41
C VAL B 367 -34.80 13.56 27.34
N THR B 368 -35.52 14.23 26.45
CA THR B 368 -36.24 13.54 25.40
C THR B 368 -35.95 14.13 24.05
N THR B 369 -36.48 13.47 23.03
CA THR B 369 -36.30 13.85 21.65
C THR B 369 -36.90 15.21 21.31
N ASP B 370 -37.88 15.66 22.11
CA ASP B 370 -38.54 16.94 21.89
C ASP B 370 -37.82 18.13 22.49
N MET B 371 -36.63 17.90 23.04
CA MET B 371 -35.84 18.96 23.65
C MET B 371 -34.69 19.39 22.73
N ARG B 372 -34.35 20.66 22.76
CA ARG B 372 -33.27 21.17 21.92
C ARG B 372 -31.95 20.55 22.33
N LEU B 373 -31.79 20.31 23.64
CA LEU B 373 -30.57 19.74 24.19
C LEU B 373 -30.25 18.36 23.62
N ALA B 374 -31.28 17.65 23.17
CA ALA B 374 -31.13 16.32 22.62
C ALA B 374 -30.50 16.30 21.22
N TRP B 375 -30.44 17.46 20.55
CA TRP B 375 -29.87 17.52 19.19
C TRP B 375 -28.85 18.61 18.92
N GLU B 376 -29.12 19.82 19.42
CA GLU B 376 -28.22 20.97 19.24
C GLU B 376 -26.92 20.90 20.03
N GLU B 377 -25.82 21.26 19.37
CA GLU B 377 -24.48 21.25 19.98
C GLU B 377 -24.32 22.46 20.89
N PRO B 378 -24.36 22.26 22.21
CA PRO B 378 -24.22 23.36 23.18
C PRO B 378 -22.85 24.06 23.22
N PHE B 379 -21.80 23.27 23.40
CA PHE B 379 -20.44 23.79 23.53
C PHE B 379 -20.34 24.45 24.88
N GLY B 380 -20.94 23.79 25.87
CA GLY B 380 -20.96 24.22 27.25
C GLY B 380 -21.08 22.97 28.11
N PRO B 381 -20.84 23.04 29.43
CA PRO B 381 -20.93 21.88 30.32
C PRO B 381 -22.32 21.36 30.66
N VAL B 382 -23.04 20.86 29.67
CA VAL B 382 -24.40 20.33 29.89
C VAL B 382 -24.47 18.95 29.19
N LEU B 383 -24.90 17.93 29.94
CA LEU B 383 -24.97 16.58 29.39
C LEU B 383 -26.33 15.93 29.55
N PRO B 384 -27.02 15.66 28.42
CA PRO B 384 -28.35 15.03 28.44
C PRO B 384 -28.28 13.49 28.44
N ILE B 385 -29.11 12.87 29.26
CA ILE B 385 -29.16 11.42 29.33
C ILE B 385 -30.48 10.97 28.70
N ILE B 386 -30.43 10.34 27.54
CA ILE B 386 -31.66 9.85 26.86
C ILE B 386 -31.78 8.37 27.08
N ARG B 387 -32.84 7.94 27.77
CA ARG B 387 -33.04 6.52 28.09
C ARG B 387 -33.76 5.76 26.99
N VAL B 388 -33.12 4.73 26.44
CA VAL B 388 -33.76 3.92 25.41
C VAL B 388 -34.14 2.54 25.93
N THR B 389 -34.91 1.81 25.13
CA THR B 389 -35.32 0.47 25.54
C THR B 389 -34.80 -0.62 24.60
N SER B 390 -33.90 -0.25 23.69
CA SER B 390 -33.34 -1.20 22.74
C SER B 390 -32.20 -0.62 21.91
N VAL B 391 -31.20 -1.45 21.63
CA VAL B 391 -30.03 -1.07 20.83
C VAL B 391 -30.52 -0.55 19.49
N GLU B 392 -31.65 -1.07 19.06
CA GLU B 392 -32.26 -0.70 17.78
C GLU B 392 -32.66 0.77 17.79
N GLU B 393 -33.29 1.17 18.89
CA GLU B 393 -33.76 2.54 19.11
C GLU B 393 -32.58 3.50 19.26
N ALA B 394 -31.58 3.09 20.05
CA ALA B 394 -30.38 3.88 20.28
C ALA B 394 -29.71 4.21 18.95
N ILE B 395 -29.61 3.23 18.06
CA ILE B 395 -29.01 3.44 16.73
C ILE B 395 -29.84 4.44 15.94
N GLU B 396 -31.16 4.22 15.93
CA GLU B 396 -32.11 5.09 15.25
C GLU B 396 -31.98 6.55 15.72
N ILE B 397 -32.01 6.75 17.04
CA ILE B 397 -31.87 8.08 17.60
C ILE B 397 -30.50 8.67 17.29
N SER B 398 -29.46 7.86 17.44
CA SER B 398 -28.11 8.32 17.17
C SER B 398 -27.98 8.80 15.73
N ASN B 399 -28.42 7.99 14.77
CA ASN B 399 -28.32 8.36 13.36
C ASN B 399 -29.17 9.56 12.93
N LYS B 400 -30.24 9.83 13.67
CA LYS B 400 -31.15 10.92 13.37
C LYS B 400 -30.43 12.27 13.33
N SER B 401 -29.44 12.44 14.21
CA SER B 401 -28.70 13.69 14.26
C SER B 401 -28.09 14.07 12.92
N GLU B 402 -28.02 15.37 12.70
CA GLU B 402 -27.47 15.98 11.51
C GLU B 402 -25.94 15.86 11.49
N TYR B 403 -25.40 15.44 12.62
CA TYR B 403 -23.95 15.29 12.81
C TYR B 403 -23.45 13.84 12.75
N GLY B 404 -22.14 13.68 12.59
CA GLY B 404 -21.57 12.34 12.53
C GLY B 404 -20.07 12.28 12.68
N LEU B 405 -19.56 12.88 13.75
CA LEU B 405 -18.12 12.88 13.99
C LEU B 405 -17.66 11.53 14.53
N GLN B 406 -18.04 11.20 15.76
CA GLN B 406 -17.68 9.93 16.40
C GLN B 406 -18.82 9.39 17.26
N ALA B 407 -18.62 8.20 17.82
CA ALA B 407 -19.62 7.58 18.70
C ALA B 407 -18.89 6.63 19.62
N SER B 408 -19.57 6.23 20.69
CA SER B 408 -19.00 5.31 21.66
C SER B 408 -19.99 4.22 21.96
N ILE B 409 -19.47 3.02 22.18
CA ILE B 409 -20.33 1.90 22.54
C ILE B 409 -19.69 1.23 23.76
N PHE B 410 -20.43 1.22 24.86
CA PHE B 410 -19.94 0.59 26.08
C PHE B 410 -20.68 -0.72 26.28
N THR B 411 -19.97 -1.82 26.02
CA THR B 411 -20.53 -3.17 26.09
C THR B 411 -19.41 -4.19 26.18
N ASN B 412 -19.74 -5.43 26.46
CA ASN B 412 -18.75 -6.50 26.55
C ASN B 412 -18.80 -7.41 25.32
N ASP B 413 -19.95 -7.37 24.64
CA ASP B 413 -20.17 -8.15 23.43
C ASP B 413 -19.52 -7.39 22.23
N PHE B 414 -18.23 -7.64 21.99
CA PHE B 414 -17.51 -6.99 20.90
C PHE B 414 -18.03 -7.25 19.50
N PRO B 415 -18.41 -8.49 19.19
CA PRO B 415 -18.92 -8.74 17.83
C PRO B 415 -20.16 -7.89 17.61
N ARG B 416 -20.92 -7.68 18.67
CA ARG B 416 -22.11 -6.86 18.59
C ARG B 416 -21.67 -5.41 18.40
N ALA B 417 -20.80 -4.93 19.30
CA ALA B 417 -20.28 -3.58 19.21
C ALA B 417 -19.79 -3.30 17.80
N PHE B 418 -19.11 -4.27 17.19
CA PHE B 418 -18.57 -4.13 15.84
C PHE B 418 -19.68 -4.09 14.80
N GLY B 419 -20.76 -4.80 15.07
CA GLY B 419 -21.87 -4.80 14.14
C GLY B 419 -22.64 -3.49 14.19
N ILE B 420 -22.81 -2.96 15.41
CA ILE B 420 -23.50 -1.67 15.64
C ILE B 420 -22.69 -0.59 14.96
N ALA B 421 -21.38 -0.63 15.19
CA ALA B 421 -20.45 0.33 14.62
C ALA B 421 -20.62 0.51 13.13
N GLU B 422 -21.01 -0.54 12.42
CA GLU B 422 -21.16 -0.44 10.97
C GLU B 422 -22.39 0.35 10.60
N GLN B 423 -23.35 0.40 11.53
CA GLN B 423 -24.61 1.10 11.32
C GLN B 423 -24.63 2.56 11.71
N LEU B 424 -23.74 2.95 12.62
CA LEU B 424 -23.66 4.33 13.08
C LEU B 424 -23.06 5.21 12.00
N GLU B 425 -23.77 6.30 11.67
CA GLU B 425 -23.29 7.23 10.63
C GLU B 425 -22.24 8.22 11.13
N VAL B 426 -21.13 7.67 11.63
CA VAL B 426 -20.03 8.48 12.14
C VAL B 426 -18.72 8.14 11.44
N GLY B 427 -17.68 8.87 11.78
CA GLY B 427 -16.39 8.62 11.17
C GLY B 427 -15.58 7.63 11.98
N THR B 428 -15.83 7.59 13.29
CA THR B 428 -15.11 6.71 14.19
C THR B 428 -15.95 6.22 15.36
N VAL B 429 -15.78 4.96 15.70
CA VAL B 429 -16.52 4.39 16.82
C VAL B 429 -15.51 3.84 17.81
N HIS B 430 -15.65 4.25 19.07
CA HIS B 430 -14.77 3.80 20.15
C HIS B 430 -15.54 2.77 20.97
N ILE B 431 -14.98 1.57 21.10
CA ILE B 431 -15.62 0.52 21.89
C ILE B 431 -14.99 0.57 23.27
N ASN B 432 -15.77 1.01 24.27
CA ASN B 432 -15.33 1.16 25.67
C ASN B 432 -14.22 2.19 25.89
N ASN B 433 -14.60 3.46 25.76
CA ASN B 433 -13.74 4.64 25.94
C ASN B 433 -14.48 5.85 25.39
N LYS B 434 -14.25 7.02 26.00
CA LYS B 434 -14.87 8.27 25.57
C LYS B 434 -14.33 8.64 24.20
N THR B 435 -15.12 9.38 23.42
CA THR B 435 -14.67 9.80 22.09
C THR B 435 -13.49 10.76 22.25
N GLN B 436 -12.52 10.64 21.35
CA GLN B 436 -11.32 11.45 21.35
C GLN B 436 -10.75 11.41 19.93
N ARG B 437 -9.88 12.37 19.58
CA ARG B 437 -9.27 12.36 18.26
C ARG B 437 -8.32 11.15 18.21
N GLY B 438 -7.86 10.72 19.39
CA GLY B 438 -7.02 9.53 19.57
C GLY B 438 -5.80 9.32 18.68
N THR B 439 -4.65 9.80 19.14
CA THR B 439 -3.38 9.74 18.41
C THR B 439 -3.59 10.21 16.99
N ASP B 440 -2.98 11.35 16.69
CA ASP B 440 -3.13 11.99 15.40
C ASP B 440 -2.60 11.27 14.18
N ASN B 441 -2.33 9.97 14.33
CA ASN B 441 -1.87 9.16 13.21
C ASN B 441 -3.05 8.40 12.61
N PHE B 442 -4.08 8.16 13.44
CA PHE B 442 -5.31 7.50 13.03
C PHE B 442 -6.12 8.45 12.13
N PRO B 443 -6.96 7.90 11.24
CA PRO B 443 -7.75 8.81 10.39
C PRO B 443 -8.82 9.50 11.23
N PHE B 444 -9.14 10.75 10.91
CA PHE B 444 -10.18 11.50 11.63
C PHE B 444 -11.09 12.13 10.59
N LEU B 445 -12.38 11.85 10.70
CA LEU B 445 -13.34 12.35 9.72
C LEU B 445 -14.74 12.40 10.34
N GLY B 446 -15.68 13.03 9.63
CA GLY B 446 -17.03 13.13 10.13
C GLY B 446 -18.06 12.93 9.04
N ALA B 447 -19.15 12.25 9.37
CA ALA B 447 -20.20 12.01 8.41
C ALA B 447 -21.19 13.18 8.45
N LYS B 448 -22.05 13.24 7.42
CA LYS B 448 -23.09 14.27 7.33
C LYS B 448 -22.58 15.70 7.47
N LYS B 449 -23.29 16.55 8.20
CA LYS B 449 -22.87 17.94 8.38
C LYS B 449 -21.62 18.16 9.21
N SER B 450 -20.95 17.08 9.63
CA SER B 450 -19.76 17.21 10.45
C SER B 450 -18.47 17.50 9.69
N GLY B 451 -18.55 17.54 8.36
CA GLY B 451 -17.35 17.84 7.61
C GLY B 451 -17.23 17.30 6.21
N ALA B 452 -16.02 17.46 5.66
CA ALA B 452 -15.69 16.99 4.33
C ALA B 452 -14.18 16.76 4.32
N GLY B 453 -13.77 15.53 3.97
CA GLY B 453 -12.36 15.18 3.94
C GLY B 453 -11.93 14.30 5.10
N ILE B 454 -10.77 13.66 4.97
CA ILE B 454 -10.25 12.79 6.03
C ILE B 454 -8.96 13.37 6.59
N GLN B 455 -8.86 13.40 7.92
CA GLN B 455 -7.69 13.94 8.58
C GLN B 455 -6.84 12.87 9.23
N GLY B 456 -5.81 13.31 9.93
CA GLY B 456 -4.86 12.40 10.56
C GLY B 456 -3.62 12.68 9.73
N VAL B 457 -2.45 12.77 10.36
CA VAL B 457 -1.24 13.12 9.64
C VAL B 457 -1.08 12.60 8.21
N LYS B 458 -1.21 11.29 8.02
CA LYS B 458 -1.05 10.69 6.69
C LYS B 458 -2.12 11.13 5.69
N TYR B 459 -3.37 11.11 6.12
CA TYR B 459 -4.50 11.47 5.28
C TYR B 459 -4.52 12.94 4.91
N SER B 460 -3.99 13.78 5.80
CA SER B 460 -3.92 15.22 5.58
C SER B 460 -2.95 15.45 4.44
N ILE B 461 -1.83 14.74 4.49
CA ILE B 461 -0.82 14.86 3.48
C ILE B 461 -1.31 14.44 2.12
N GLU B 462 -2.08 13.36 2.06
CA GLU B 462 -2.59 12.90 0.77
C GLU B 462 -3.62 13.87 0.20
N ALA B 463 -4.40 14.47 1.10
CA ALA B 463 -5.46 15.42 0.75
C ALA B 463 -4.95 16.68 0.07
N MET B 464 -3.89 17.24 0.64
CA MET B 464 -3.33 18.46 0.12
C MET B 464 -2.25 18.22 -0.91
N THR B 465 -2.39 17.11 -1.64
CA THR B 465 -1.46 16.78 -2.73
C THR B 465 -2.24 16.21 -3.88
N THR B 466 -1.66 16.35 -5.06
CA THR B 466 -2.26 15.83 -6.27
C THR B 466 -1.27 14.80 -6.83
N VAL B 467 -1.51 14.37 -8.06
CA VAL B 467 -0.69 13.35 -8.68
C VAL B 467 -0.35 13.72 -10.12
N LYS B 468 0.90 13.50 -10.51
CA LYS B 468 1.33 13.76 -11.88
C LYS B 468 1.68 12.37 -12.38
N SER B 469 1.24 12.02 -13.59
CA SER B 469 1.52 10.71 -14.17
C SER B 469 2.22 10.75 -15.53
N VAL B 470 3.50 10.36 -15.56
CA VAL B 470 4.25 10.34 -16.81
C VAL B 470 4.16 8.94 -17.44
N VAL B 471 3.60 8.85 -18.62
CA VAL B 471 3.44 7.57 -19.32
C VAL B 471 4.38 7.44 -20.50
N PHE B 472 5.08 6.32 -20.59
CA PHE B 472 5.99 6.08 -21.70
C PHE B 472 6.02 4.60 -22.11
N ASP B 473 6.55 4.33 -23.31
CA ASP B 473 6.63 2.98 -23.87
C ASP B 473 8.03 2.41 -23.84
N ILE B 474 8.14 1.23 -23.24
CA ILE B 474 9.42 0.53 -23.12
C ILE B 474 9.76 -0.16 -24.43
N LYS B 475 10.96 0.06 -24.94
CA LYS B 475 11.37 -0.56 -26.19
C LYS B 475 12.08 -1.89 -25.94
N THR C 2 -5.67 -50.57 -14.51
CA THR C 2 -4.39 -49.85 -14.81
C THR C 2 -4.62 -48.47 -15.44
N LYS C 3 -5.37 -48.44 -16.54
CA LYS C 3 -5.64 -47.20 -17.26
C LYS C 3 -4.32 -46.65 -17.79
N GLN C 4 -3.35 -46.46 -16.91
CA GLN C 4 -2.04 -45.96 -17.29
C GLN C 4 -2.06 -44.48 -17.65
N TYR C 5 -2.10 -43.68 -16.60
CA TYR C 5 -2.11 -42.24 -16.70
C TYR C 5 -0.74 -41.72 -17.18
N LYS C 6 -0.74 -40.65 -17.95
CA LYS C 6 0.51 -40.09 -18.45
C LYS C 6 0.77 -38.69 -17.90
N ASN C 7 2.03 -38.27 -17.91
CA ASN C 7 2.41 -36.96 -17.45
C ASN C 7 2.22 -35.98 -18.58
N TYR C 8 2.01 -34.71 -18.23
CA TYR C 8 1.85 -33.67 -19.22
C TYR C 8 3.18 -32.96 -19.29
N VAL C 9 3.92 -33.22 -20.36
CA VAL C 9 5.24 -32.66 -20.54
C VAL C 9 5.43 -31.92 -21.86
N ASN C 10 5.73 -30.63 -21.76
CA ASN C 10 5.96 -29.77 -22.91
C ASN C 10 4.86 -29.93 -23.95
N GLY C 11 3.62 -29.82 -23.49
CA GLY C 11 2.48 -29.93 -24.37
C GLY C 11 2.07 -31.33 -24.78
N GLU C 12 2.72 -32.36 -24.24
CA GLU C 12 2.41 -33.75 -24.60
C GLU C 12 2.24 -34.68 -23.41
N TRP C 13 1.39 -35.69 -23.57
CA TRP C 13 1.16 -36.68 -22.53
C TRP C 13 2.10 -37.86 -22.76
N LYS C 14 2.90 -38.21 -21.76
CA LYS C 14 3.87 -39.27 -21.90
C LYS C 14 3.92 -40.30 -20.78
N LEU C 15 4.01 -41.57 -21.19
CA LEU C 15 4.16 -42.69 -20.29
C LEU C 15 5.66 -42.88 -20.03
N SER C 16 5.99 -43.74 -19.06
CA SER C 16 7.39 -44.03 -18.76
C SER C 16 7.63 -45.55 -18.82
N GLU C 17 8.90 -45.98 -18.84
CA GLU C 17 9.19 -47.40 -18.90
C GLU C 17 8.58 -48.11 -17.70
N ASN C 18 8.65 -47.47 -16.54
CA ASN C 18 8.11 -48.03 -15.32
C ASN C 18 6.90 -47.26 -14.84
N GLU C 19 6.02 -47.95 -14.13
CA GLU C 19 4.80 -47.35 -13.60
C GLU C 19 4.67 -47.67 -12.11
N ILE C 20 3.64 -47.09 -11.48
CA ILE C 20 3.35 -47.29 -10.07
C ILE C 20 1.86 -47.48 -10.04
N LYS C 21 1.40 -48.61 -9.49
CA LYS C 21 -0.03 -48.90 -9.43
C LYS C 21 -0.67 -48.28 -8.21
N ILE C 22 -1.79 -47.60 -8.41
CA ILE C 22 -2.50 -46.93 -7.31
C ILE C 22 -3.77 -47.69 -6.90
N TYR C 23 -3.93 -47.89 -5.60
CA TYR C 23 -5.10 -48.59 -5.08
C TYR C 23 -5.92 -47.74 -4.14
N GLU C 24 -7.22 -48.01 -4.08
CA GLU C 24 -8.14 -47.29 -3.23
C GLU C 24 -7.95 -47.64 -1.76
N PRO C 25 -7.50 -46.67 -0.93
CA PRO C 25 -7.27 -46.88 0.50
C PRO C 25 -8.35 -47.67 1.23
N ALA C 26 -9.61 -47.46 0.84
CA ALA C 26 -10.72 -48.17 1.47
C ALA C 26 -11.01 -49.56 0.89
N SER C 27 -11.42 -49.62 -0.37
CA SER C 27 -11.76 -50.90 -0.98
C SER C 27 -10.55 -51.75 -1.36
N GLY C 28 -9.47 -51.09 -1.79
CA GLY C 28 -8.27 -51.83 -2.18
C GLY C 28 -8.18 -51.97 -3.70
N ALA C 29 -9.26 -51.64 -4.40
CA ALA C 29 -9.26 -51.73 -5.85
C ALA C 29 -8.13 -50.94 -6.51
N GLU C 30 -7.73 -51.37 -7.69
CA GLU C 30 -6.66 -50.69 -8.41
C GLU C 30 -7.30 -49.57 -9.23
N LEU C 31 -6.94 -48.32 -8.93
CA LEU C 31 -7.48 -47.19 -9.69
C LEU C 31 -6.78 -47.06 -11.04
N GLY C 32 -5.47 -47.31 -11.03
CA GLY C 32 -4.71 -47.21 -12.25
C GLY C 32 -3.23 -47.16 -11.94
N SER C 33 -2.45 -46.67 -12.89
CA SER C 33 -1.02 -46.58 -12.67
C SER C 33 -0.46 -45.29 -13.24
N VAL C 34 0.43 -44.66 -12.49
CA VAL C 34 1.06 -43.40 -12.89
C VAL C 34 2.53 -43.63 -13.17
N PRO C 35 3.12 -42.86 -14.09
CA PRO C 35 4.53 -42.99 -14.46
C PRO C 35 5.51 -42.95 -13.29
N ALA C 36 6.63 -43.63 -13.47
CA ALA C 36 7.71 -43.66 -12.49
C ALA C 36 8.85 -43.09 -13.32
N MET C 37 8.94 -41.76 -13.35
CA MET C 37 9.94 -41.05 -14.14
C MET C 37 11.38 -41.33 -13.77
N SER C 38 12.25 -41.04 -14.72
CA SER C 38 13.67 -41.20 -14.57
C SER C 38 14.26 -39.78 -14.55
N THR C 39 15.41 -39.60 -13.92
CA THR C 39 16.02 -38.27 -13.87
C THR C 39 16.17 -37.70 -15.28
N GLU C 40 16.42 -38.56 -16.26
CA GLU C 40 16.55 -38.11 -17.66
C GLU C 40 15.28 -37.40 -18.10
N GLU C 41 14.15 -37.94 -17.69
CA GLU C 41 12.85 -37.40 -18.02
C GLU C 41 12.59 -36.13 -17.24
N VAL C 42 13.02 -36.11 -15.97
CA VAL C 42 12.88 -34.94 -15.11
C VAL C 42 13.66 -33.78 -15.75
N ASP C 43 14.78 -34.10 -16.40
CA ASP C 43 15.60 -33.09 -17.05
C ASP C 43 14.92 -32.46 -18.25
N TYR C 44 14.07 -33.21 -18.94
CA TYR C 44 13.38 -32.68 -20.11
C TYR C 44 12.20 -31.79 -19.67
N VAL C 45 11.57 -32.14 -18.54
CA VAL C 45 10.46 -31.35 -18.02
C VAL C 45 11.05 -29.97 -17.72
N TYR C 46 12.11 -29.94 -16.92
CA TYR C 46 12.77 -28.72 -16.56
C TYR C 46 13.29 -27.95 -17.76
N ALA C 47 13.93 -28.64 -18.70
CA ALA C 47 14.46 -27.98 -19.89
C ALA C 47 13.36 -27.35 -20.73
N SER C 48 12.20 -28.01 -20.77
CA SER C 48 11.06 -27.51 -21.52
C SER C 48 10.56 -26.22 -20.89
N ALA C 49 10.42 -26.25 -19.57
CA ALA C 49 9.94 -25.11 -18.78
C ALA C 49 10.85 -23.89 -18.94
N LYS C 50 12.13 -24.04 -18.64
CA LYS C 50 13.06 -22.92 -18.75
C LYS C 50 13.09 -22.34 -20.16
N LYS C 51 12.87 -23.21 -21.14
CA LYS C 51 12.86 -22.82 -22.55
C LYS C 51 11.66 -21.94 -22.86
N ALA C 52 10.52 -22.24 -22.25
CA ALA C 52 9.28 -21.52 -22.49
C ALA C 52 9.03 -20.33 -21.57
N GLN C 53 9.77 -20.22 -20.48
CA GLN C 53 9.60 -19.14 -19.52
C GLN C 53 9.62 -17.72 -20.11
N PRO C 54 10.63 -17.39 -20.93
CA PRO C 54 10.74 -16.06 -21.53
C PRO C 54 9.48 -15.52 -22.21
N ALA C 55 8.87 -16.34 -23.05
CA ALA C 55 7.67 -15.95 -23.79
C ALA C 55 6.39 -15.93 -22.99
N TRP C 56 6.41 -16.56 -21.82
CA TRP C 56 5.23 -16.58 -20.94
C TRP C 56 5.29 -15.23 -20.22
N ARG C 57 6.49 -14.86 -19.80
CA ARG C 57 6.72 -13.62 -19.13
C ARG C 57 6.33 -12.49 -20.08
N ALA C 58 6.66 -12.67 -21.36
CA ALA C 58 6.36 -11.67 -22.37
C ALA C 58 4.86 -11.37 -22.51
N LEU C 59 4.00 -12.36 -22.26
CA LEU C 59 2.58 -12.12 -22.38
C LEU C 59 2.15 -11.05 -21.41
N SER C 60 0.94 -10.53 -21.61
CA SER C 60 0.38 -9.52 -20.72
C SER C 60 -0.34 -10.23 -19.56
N TYR C 61 -0.46 -9.54 -18.42
CA TYR C 61 -1.13 -10.13 -17.27
C TYR C 61 -2.53 -10.55 -17.63
N ILE C 62 -3.18 -9.72 -18.44
CA ILE C 62 -4.55 -9.99 -18.86
C ILE C 62 -4.62 -11.35 -19.56
N GLU C 63 -3.67 -11.64 -20.46
CA GLU C 63 -3.64 -12.91 -21.20
C GLU C 63 -3.37 -14.11 -20.30
N ARG C 64 -2.45 -13.97 -19.35
CA ARG C 64 -2.14 -15.06 -18.44
C ARG C 64 -3.34 -15.32 -17.54
N ALA C 65 -4.01 -14.24 -17.13
CA ALA C 65 -5.19 -14.37 -16.27
C ALA C 65 -6.34 -15.03 -17.05
N ALA C 66 -6.33 -14.83 -18.35
CA ALA C 66 -7.34 -15.40 -19.22
C ALA C 66 -7.28 -16.91 -19.21
N TYR C 67 -6.08 -17.46 -19.39
CA TYR C 67 -5.83 -18.91 -19.36
C TYR C 67 -6.27 -19.51 -18.03
N LEU C 68 -5.82 -18.90 -16.93
CA LEU C 68 -6.15 -19.38 -15.59
C LEU C 68 -7.65 -19.49 -15.37
N HIS C 69 -8.41 -18.55 -15.94
CA HIS C 69 -9.86 -18.58 -15.79
C HIS C 69 -10.43 -19.76 -16.57
N LYS C 70 -9.87 -20.02 -17.76
CA LYS C 70 -10.33 -21.13 -18.58
C LYS C 70 -10.13 -22.46 -17.84
N VAL C 71 -9.00 -22.59 -17.15
CA VAL C 71 -8.68 -23.76 -16.36
C VAL C 71 -9.75 -23.98 -15.29
N ALA C 72 -10.02 -22.94 -14.49
CA ALA C 72 -11.01 -23.03 -13.44
C ALA C 72 -12.41 -23.35 -13.97
N ASP C 73 -12.75 -22.81 -15.14
CA ASP C 73 -14.04 -23.08 -15.74
C ASP C 73 -14.17 -24.56 -15.99
N ILE C 74 -13.14 -25.14 -16.62
CA ILE C 74 -13.10 -26.56 -16.93
C ILE C 74 -13.20 -27.42 -15.67
N LEU C 75 -12.50 -27.02 -14.61
CA LEU C 75 -12.55 -27.76 -13.34
C LEU C 75 -13.97 -27.83 -12.79
N MET C 76 -14.65 -26.69 -12.83
CA MET C 76 -16.02 -26.63 -12.36
C MET C 76 -16.91 -27.53 -13.23
N ARG C 77 -16.61 -27.60 -14.52
CA ARG C 77 -17.38 -28.42 -15.45
C ARG C 77 -17.28 -29.90 -15.08
N ASP C 78 -16.05 -30.37 -14.96
CA ASP C 78 -15.79 -31.77 -14.63
C ASP C 78 -15.54 -31.97 -13.13
N LYS C 79 -16.32 -31.30 -12.28
CA LYS C 79 -16.10 -31.44 -10.84
C LYS C 79 -16.53 -32.79 -10.28
N GLU C 80 -17.57 -33.38 -10.86
CA GLU C 80 -18.04 -34.67 -10.38
C GLU C 80 -17.10 -35.78 -10.85
N LYS C 81 -16.67 -35.71 -12.12
CA LYS C 81 -15.76 -36.71 -12.68
C LYS C 81 -14.51 -36.78 -11.80
N ILE C 82 -13.84 -35.65 -11.64
CA ILE C 82 -12.63 -35.57 -10.82
C ILE C 82 -12.91 -35.93 -9.37
N GLY C 83 -14.04 -35.44 -8.84
CA GLY C 83 -14.40 -35.72 -7.45
C GLY C 83 -14.56 -37.20 -7.16
N ALA C 84 -15.21 -37.93 -8.09
CA ALA C 84 -15.43 -39.35 -7.93
C ALA C 84 -14.12 -40.13 -7.74
N ILE C 85 -13.11 -39.81 -8.54
CA ILE C 85 -11.81 -40.48 -8.44
C ILE C 85 -11.02 -40.02 -7.23
N LEU C 86 -10.89 -38.71 -7.05
CA LEU C 86 -10.16 -38.13 -5.92
C LEU C 86 -10.68 -38.72 -4.63
N SER C 87 -11.99 -38.91 -4.55
CA SER C 87 -12.65 -39.47 -3.38
C SER C 87 -12.12 -40.87 -3.08
N LYS C 88 -11.95 -41.66 -4.14
CA LYS C 88 -11.46 -43.03 -4.06
C LYS C 88 -9.96 -43.11 -3.78
N GLU C 89 -9.19 -42.30 -4.49
CA GLU C 89 -7.75 -42.33 -4.34
C GLU C 89 -7.24 -42.01 -2.96
N VAL C 90 -7.89 -41.11 -2.24
CA VAL C 90 -7.41 -40.75 -0.91
C VAL C 90 -8.40 -40.97 0.24
N ALA C 91 -9.42 -41.80 0.01
CA ALA C 91 -10.43 -42.14 1.01
C ALA C 91 -11.12 -40.92 1.61
N LYS C 92 -11.50 -39.99 0.75
CA LYS C 92 -12.17 -38.77 1.16
C LYS C 92 -13.63 -38.91 0.75
N GLY C 93 -14.54 -38.35 1.55
CA GLY C 93 -15.96 -38.45 1.24
C GLY C 93 -16.26 -37.84 -0.11
N TYR C 94 -17.17 -38.45 -0.87
CA TYR C 94 -17.49 -37.95 -2.20
C TYR C 94 -17.75 -36.46 -2.26
N LYS C 95 -18.82 -36.01 -1.60
CA LYS C 95 -19.19 -34.59 -1.58
C LYS C 95 -17.98 -33.72 -1.25
N SER C 96 -17.28 -34.08 -0.18
CA SER C 96 -16.09 -33.35 0.24
C SER C 96 -15.03 -33.30 -0.85
N ALA C 97 -14.83 -34.40 -1.56
CA ALA C 97 -13.84 -34.45 -2.63
C ALA C 97 -14.25 -33.47 -3.73
N VAL C 98 -15.56 -33.34 -3.96
CA VAL C 98 -16.04 -32.45 -5.01
C VAL C 98 -15.79 -31.02 -4.58
N SER C 99 -15.89 -30.80 -3.28
CA SER C 99 -15.68 -29.48 -2.71
C SER C 99 -14.26 -29.08 -2.99
N GLU C 100 -13.33 -30.02 -2.82
CA GLU C 100 -11.92 -29.71 -3.05
C GLU C 100 -11.67 -29.18 -4.47
N VAL C 101 -12.36 -29.77 -5.44
CA VAL C 101 -12.23 -29.37 -6.83
C VAL C 101 -12.79 -27.97 -7.01
N VAL C 102 -13.91 -27.68 -6.37
CA VAL C 102 -14.52 -26.35 -6.45
C VAL C 102 -13.64 -25.26 -5.82
N ARG C 103 -13.16 -25.52 -4.60
CA ARG C 103 -12.30 -24.55 -3.92
C ARG C 103 -11.02 -24.31 -4.72
N THR C 104 -10.62 -25.29 -5.54
CA THR C 104 -9.42 -25.15 -6.34
C THR C 104 -9.72 -24.16 -7.46
N ALA C 105 -10.92 -24.27 -8.04
CA ALA C 105 -11.34 -23.38 -9.10
C ALA C 105 -11.36 -21.96 -8.55
N GLU C 106 -11.90 -21.82 -7.34
CA GLU C 106 -11.97 -20.53 -6.67
C GLU C 106 -10.56 -19.93 -6.54
N ILE C 107 -9.64 -20.67 -5.92
CA ILE C 107 -8.27 -20.19 -5.75
C ILE C 107 -7.60 -19.82 -7.07
N ILE C 108 -7.85 -20.58 -8.13
CA ILE C 108 -7.26 -20.30 -9.43
C ILE C 108 -7.77 -18.97 -9.99
N ASN C 109 -9.09 -18.75 -9.92
CA ASN C 109 -9.71 -17.51 -10.40
C ASN C 109 -9.25 -16.33 -9.53
N TYR C 110 -9.26 -16.51 -8.22
CA TYR C 110 -8.84 -15.43 -7.30
C TYR C 110 -7.42 -15.03 -7.55
N ALA C 111 -6.55 -16.03 -7.73
CA ALA C 111 -5.14 -15.81 -7.98
C ALA C 111 -4.99 -15.08 -9.32
N ALA C 112 -5.83 -15.42 -10.30
CA ALA C 112 -5.75 -14.80 -11.62
C ALA C 112 -6.02 -13.29 -11.58
N GLU C 113 -7.09 -12.88 -10.88
CA GLU C 113 -7.46 -11.47 -10.79
C GLU C 113 -6.58 -10.69 -9.85
N GLU C 114 -6.13 -11.35 -8.79
CA GLU C 114 -5.25 -10.71 -7.81
C GLU C 114 -3.90 -10.41 -8.47
N GLY C 115 -3.53 -11.25 -9.42
CA GLY C 115 -2.25 -11.10 -10.07
C GLY C 115 -2.08 -9.97 -11.03
N LEU C 116 -3.14 -9.57 -11.71
CA LEU C 116 -3.00 -8.47 -12.67
C LEU C 116 -3.17 -7.08 -12.06
N ARG C 117 -3.43 -7.04 -10.75
CA ARG C 117 -3.59 -5.78 -10.04
C ARG C 117 -2.43 -5.59 -9.06
N MET C 118 -1.36 -6.36 -9.24
CA MET C 118 -0.19 -6.26 -8.37
C MET C 118 0.65 -5.17 -8.99
N GLU C 119 0.94 -4.11 -8.23
CA GLU C 119 1.70 -2.99 -8.81
C GLU C 119 3.03 -2.63 -8.18
N GLY C 120 3.75 -1.74 -8.88
CA GLY C 120 5.06 -1.29 -8.46
C GLY C 120 5.04 -0.01 -7.64
N GLU C 121 6.22 0.56 -7.41
CA GLU C 121 6.36 1.79 -6.65
C GLU C 121 7.47 2.68 -7.18
N VAL C 122 7.35 3.98 -6.95
CA VAL C 122 8.35 4.97 -7.39
C VAL C 122 8.92 5.58 -6.13
N LEU C 123 10.24 5.59 -6.00
CA LEU C 123 10.85 6.13 -4.79
C LEU C 123 11.67 7.41 -5.03
N GLU C 124 11.71 8.29 -4.03
CA GLU C 124 12.42 9.57 -4.12
C GLU C 124 13.80 9.56 -3.48
N GLY C 125 14.81 9.98 -4.24
CA GLY C 125 16.15 10.05 -3.69
C GLY C 125 16.18 11.10 -2.58
N GLY C 126 15.30 12.11 -2.73
CA GLY C 126 15.20 13.21 -1.79
C GLY C 126 14.65 12.85 -0.42
N SER C 127 14.07 11.66 -0.28
CA SER C 127 13.55 11.22 1.01
C SER C 127 14.70 10.83 1.92
N PHE C 128 15.83 10.50 1.31
CA PHE C 128 16.99 10.08 2.04
C PHE C 128 18.07 11.14 2.12
N GLU C 129 18.40 11.76 0.98
CA GLU C 129 19.40 12.81 1.00
C GLU C 129 19.19 13.82 -0.11
N ALA C 130 19.19 15.09 0.30
CA ALA C 130 18.98 16.24 -0.57
C ALA C 130 19.68 16.15 -1.91
N ALA C 131 20.96 15.80 -1.88
CA ALA C 131 21.76 15.72 -3.08
C ALA C 131 21.23 14.77 -4.12
N SER C 132 20.35 13.85 -3.72
CA SER C 132 19.78 12.86 -4.65
C SER C 132 18.31 13.10 -4.92
N LYS C 133 17.86 14.33 -4.72
CA LYS C 133 16.47 14.68 -4.92
C LYS C 133 15.93 14.46 -6.32
N LYS C 134 16.81 14.52 -7.32
CA LYS C 134 16.42 14.33 -8.72
C LYS C 134 16.54 12.89 -9.20
N LYS C 135 16.89 12.02 -8.26
CA LYS C 135 17.06 10.60 -8.54
C LYS C 135 15.82 9.80 -8.08
N ILE C 136 15.26 9.00 -8.99
CA ILE C 136 14.10 8.20 -8.64
C ILE C 136 14.28 6.74 -9.02
N ALA C 137 13.60 5.86 -8.28
CA ALA C 137 13.66 4.44 -8.52
C ALA C 137 12.31 3.86 -8.94
N VAL C 138 12.20 3.44 -10.20
CA VAL C 138 10.96 2.84 -10.73
C VAL C 138 11.04 1.32 -10.45
N VAL C 139 10.38 0.87 -9.39
CA VAL C 139 10.42 -0.55 -8.98
C VAL C 139 9.24 -1.40 -9.44
N ARG C 140 9.51 -2.42 -10.24
CA ARG C 140 8.45 -3.32 -10.74
C ARG C 140 8.77 -4.77 -10.38
N ARG C 141 7.72 -5.57 -10.14
CA ARG C 141 7.90 -6.97 -9.81
C ARG C 141 8.26 -7.82 -11.05
N GLU C 142 8.86 -8.98 -10.82
CA GLU C 142 9.24 -9.90 -11.88
C GLU C 142 9.14 -11.32 -11.34
N PRO C 143 8.95 -12.33 -12.21
CA PRO C 143 8.85 -13.71 -11.74
C PRO C 143 10.23 -14.25 -11.38
N VAL C 144 10.26 -15.30 -10.58
CA VAL C 144 11.53 -15.91 -10.19
C VAL C 144 12.00 -16.92 -11.24
N GLY C 145 11.07 -17.43 -12.04
CA GLY C 145 11.43 -18.38 -13.08
C GLY C 145 10.63 -19.67 -13.09
N LEU C 146 11.30 -20.77 -12.75
CA LEU C 146 10.68 -22.09 -12.69
C LEU C 146 10.33 -22.35 -11.23
N VAL C 147 9.08 -22.71 -10.99
CA VAL C 147 8.60 -23.01 -9.65
C VAL C 147 8.21 -24.49 -9.55
N LEU C 148 8.72 -25.16 -8.51
CA LEU C 148 8.42 -26.55 -8.28
C LEU C 148 7.35 -26.63 -7.21
N ALA C 149 6.18 -27.16 -7.57
CA ALA C 149 5.08 -27.30 -6.64
C ALA C 149 4.86 -28.76 -6.29
N ILE C 150 4.79 -29.06 -4.99
CA ILE C 150 4.60 -30.41 -4.46
C ILE C 150 3.40 -30.42 -3.49
N SER C 151 2.28 -30.98 -3.91
CA SER C 151 1.10 -31.04 -3.05
C SER C 151 1.05 -32.28 -2.16
N PRO C 152 0.28 -32.23 -1.04
CA PRO C 152 0.11 -33.33 -0.07
C PRO C 152 -0.97 -34.33 -0.48
N PHE C 153 -1.09 -35.44 0.25
CA PHE C 153 -2.09 -36.46 -0.08
C PHE C 153 -3.50 -36.07 0.31
N ASN C 154 -3.63 -35.26 1.36
CA ASN C 154 -4.95 -34.85 1.83
C ASN C 154 -5.65 -33.80 1.01
N TYR C 155 -4.88 -33.09 0.20
CA TYR C 155 -5.39 -32.06 -0.71
C TYR C 155 -4.48 -32.04 -1.93
N PRO C 156 -4.43 -33.16 -2.67
CA PRO C 156 -3.59 -33.27 -3.87
C PRO C 156 -3.91 -32.25 -4.96
N VAL C 157 -5.16 -31.81 -4.99
CA VAL C 157 -5.63 -30.83 -5.98
C VAL C 157 -5.67 -29.39 -5.41
N ASN C 158 -6.42 -29.17 -4.32
CA ASN C 158 -6.53 -27.86 -3.70
C ASN C 158 -5.18 -27.25 -3.34
N LEU C 159 -4.32 -28.02 -2.69
CA LEU C 159 -3.00 -27.54 -2.30
C LEU C 159 -1.98 -27.60 -3.43
N ALA C 160 -2.47 -27.72 -4.66
CA ALA C 160 -1.62 -27.74 -5.83
C ALA C 160 -1.94 -26.46 -6.59
N GLY C 161 -3.24 -26.16 -6.72
CA GLY C 161 -3.68 -24.96 -7.41
C GLY C 161 -3.28 -23.73 -6.62
N SER C 162 -3.29 -23.87 -5.29
CA SER C 162 -2.91 -22.78 -4.41
C SER C 162 -1.46 -22.34 -4.62
N LYS C 163 -0.68 -23.15 -5.34
CA LYS C 163 0.72 -22.86 -5.64
C LYS C 163 0.85 -22.53 -7.12
N ILE C 164 0.17 -23.31 -7.96
CA ILE C 164 0.21 -23.14 -9.40
C ILE C 164 -0.32 -21.80 -9.93
N ALA C 165 -1.55 -21.45 -9.59
CA ALA C 165 -2.15 -20.20 -10.05
C ALA C 165 -1.38 -18.93 -9.65
N PRO C 166 -1.07 -18.75 -8.36
CA PRO C 166 -0.33 -17.55 -7.98
C PRO C 166 1.01 -17.46 -8.69
N ALA C 167 1.64 -18.60 -8.95
CA ALA C 167 2.93 -18.64 -9.61
C ALA C 167 2.86 -18.29 -11.11
N LEU C 168 1.88 -18.89 -11.82
CA LEU C 168 1.74 -18.66 -13.26
C LEU C 168 1.31 -17.24 -13.66
N ILE C 169 0.39 -16.64 -12.90
CA ILE C 169 -0.07 -15.31 -13.23
C ILE C 169 1.05 -14.28 -13.19
N ALA C 170 2.02 -14.52 -12.33
CA ALA C 170 3.15 -13.60 -12.19
C ALA C 170 4.18 -13.71 -13.30
N GLY C 171 4.12 -14.79 -14.09
CA GLY C 171 5.07 -15.00 -15.16
C GLY C 171 6.05 -16.16 -14.94
N ASN C 172 5.83 -16.98 -13.91
CA ASN C 172 6.71 -18.12 -13.63
C ASN C 172 6.20 -19.32 -14.42
N VAL C 173 7.02 -20.37 -14.55
CA VAL C 173 6.60 -21.61 -15.22
C VAL C 173 6.50 -22.66 -14.10
N ILE C 174 5.73 -23.72 -14.33
CA ILE C 174 5.52 -24.74 -13.31
C ILE C 174 5.87 -26.20 -13.62
N ALA C 175 6.33 -26.91 -12.59
CA ALA C 175 6.67 -28.33 -12.64
C ALA C 175 5.91 -28.91 -11.45
N PHE C 176 4.74 -29.48 -11.70
CA PHE C 176 3.89 -30.07 -10.67
C PHE C 176 4.21 -31.52 -10.29
N LYS C 177 4.50 -31.74 -9.01
CA LYS C 177 4.80 -33.07 -8.48
C LYS C 177 3.80 -33.44 -7.38
N PRO C 178 2.67 -34.09 -7.74
CA PRO C 178 1.63 -34.50 -6.80
C PRO C 178 2.10 -35.66 -5.94
N PRO C 179 1.39 -35.98 -4.85
CA PRO C 179 1.82 -37.10 -4.02
C PRO C 179 1.49 -38.37 -4.80
N THR C 180 2.29 -39.42 -4.65
CA THR C 180 2.03 -40.69 -5.34
C THR C 180 0.60 -41.13 -5.06
N GLN C 181 0.21 -41.11 -3.78
CA GLN C 181 -1.17 -41.45 -3.43
C GLN C 181 -1.93 -40.14 -3.63
N GLY C 182 -2.45 -39.97 -4.83
CA GLY C 182 -3.17 -38.76 -5.16
C GLY C 182 -2.61 -38.28 -6.48
N SER C 183 -1.81 -39.11 -7.15
CA SER C 183 -1.20 -38.74 -8.41
C SER C 183 -2.12 -38.85 -9.61
N ILE C 184 -3.21 -39.59 -9.44
CA ILE C 184 -4.16 -39.72 -10.53
C ILE C 184 -4.94 -38.41 -10.51
N SER C 185 -5.40 -38.02 -9.33
CA SER C 185 -6.14 -36.77 -9.12
C SER C 185 -5.26 -35.59 -9.55
N GLY C 186 -3.97 -35.68 -9.22
CA GLY C 186 -3.04 -34.64 -9.63
C GLY C 186 -2.94 -34.54 -11.14
N LEU C 187 -3.00 -35.69 -11.82
CA LEU C 187 -2.93 -35.72 -13.27
C LEU C 187 -4.27 -35.35 -13.88
N LEU C 188 -5.34 -35.54 -13.10
CA LEU C 188 -6.67 -35.16 -13.56
C LEU C 188 -6.72 -33.62 -13.62
N LEU C 189 -6.07 -32.98 -12.64
CA LEU C 189 -5.97 -31.52 -12.63
C LEU C 189 -5.16 -31.06 -13.87
N ALA C 190 -4.04 -31.73 -14.15
CA ALA C 190 -3.20 -31.37 -15.29
C ALA C 190 -3.99 -31.39 -16.58
N GLU C 191 -5.04 -32.19 -16.61
CA GLU C 191 -5.87 -32.28 -17.81
C GLU C 191 -6.52 -30.94 -18.08
N ALA C 192 -6.89 -30.25 -17.01
CA ALA C 192 -7.54 -28.94 -17.10
C ALA C 192 -6.61 -27.92 -17.70
N PHE C 193 -5.35 -27.94 -17.26
CA PHE C 193 -4.34 -27.01 -17.77
C PHE C 193 -4.01 -27.33 -19.22
N ALA C 194 -4.21 -28.58 -19.62
CA ALA C 194 -3.93 -28.98 -20.99
C ALA C 194 -5.02 -28.47 -21.92
N GLU C 195 -6.28 -28.64 -21.53
CA GLU C 195 -7.41 -28.22 -22.35
C GLU C 195 -7.47 -26.70 -22.45
N ALA C 196 -7.12 -26.00 -21.36
CA ALA C 196 -7.13 -24.54 -21.33
C ALA C 196 -6.23 -24.00 -22.43
N GLY C 197 -5.31 -24.82 -22.90
CA GLY C 197 -4.43 -24.42 -23.97
C GLY C 197 -3.21 -23.58 -23.68
N LEU C 198 -2.74 -23.52 -22.44
CA LEU C 198 -1.55 -22.73 -22.13
C LEU C 198 -0.39 -23.17 -23.04
N PRO C 199 0.53 -22.25 -23.39
CA PRO C 199 1.67 -22.58 -24.25
C PRO C 199 2.48 -23.79 -23.73
N ALA C 200 2.96 -24.63 -24.65
CA ALA C 200 3.74 -25.82 -24.28
C ALA C 200 4.94 -25.45 -23.46
N GLY C 201 5.16 -26.16 -22.36
CA GLY C 201 6.32 -25.90 -21.51
C GLY C 201 6.02 -25.05 -20.30
N VAL C 202 4.88 -24.35 -20.31
CA VAL C 202 4.49 -23.48 -19.21
C VAL C 202 4.07 -24.25 -17.96
N PHE C 203 3.25 -25.28 -18.14
CA PHE C 203 2.79 -26.11 -17.03
C PHE C 203 3.18 -27.57 -17.29
N ASN C 204 3.89 -28.18 -16.34
CA ASN C 204 4.31 -29.55 -16.49
C ASN C 204 4.16 -30.34 -15.21
N THR C 205 3.93 -31.65 -15.35
CA THR C 205 3.80 -32.56 -14.22
C THR C 205 4.97 -33.54 -14.17
N ILE C 206 5.30 -33.97 -12.97
CA ILE C 206 6.37 -34.91 -12.73
C ILE C 206 5.83 -35.92 -11.72
N THR C 207 5.76 -37.19 -12.11
CA THR C 207 5.30 -38.23 -11.21
C THR C 207 6.38 -39.28 -11.05
N GLY C 208 6.30 -40.02 -9.96
CA GLY C 208 7.29 -41.04 -9.72
C GLY C 208 7.62 -41.21 -8.25
N ARG C 209 8.37 -42.27 -7.98
CA ARG C 209 8.78 -42.62 -6.63
C ARG C 209 9.47 -41.46 -5.91
N GLY C 210 8.76 -40.89 -4.94
CA GLY C 210 9.28 -39.79 -4.16
C GLY C 210 10.63 -40.10 -3.55
N SER C 211 11.01 -41.38 -3.57
CA SER C 211 12.29 -41.83 -3.05
C SER C 211 13.26 -41.83 -4.22
N GLU C 212 12.88 -42.51 -5.30
CA GLU C 212 13.70 -42.59 -6.51
C GLU C 212 14.05 -41.21 -7.08
N ILE C 213 13.10 -40.28 -7.08
CA ILE C 213 13.35 -38.95 -7.65
C ILE C 213 13.22 -37.73 -6.71
N GLY C 214 12.78 -37.95 -5.48
CA GLY C 214 12.62 -36.85 -4.52
C GLY C 214 13.70 -35.79 -4.46
N ASP C 215 14.84 -36.10 -3.85
CA ASP C 215 15.94 -35.14 -3.74
C ASP C 215 16.40 -34.60 -5.09
N TYR C 216 16.36 -35.45 -6.11
CA TYR C 216 16.79 -35.04 -7.44
C TYR C 216 16.05 -33.83 -7.96
N ILE C 217 14.72 -33.86 -7.88
CA ILE C 217 13.90 -32.77 -8.39
C ILE C 217 14.08 -31.45 -7.60
N VAL C 218 14.36 -31.57 -6.30
CA VAL C 218 14.57 -30.38 -5.48
C VAL C 218 15.94 -29.77 -5.70
N GLU C 219 16.96 -30.63 -5.69
CA GLU C 219 18.35 -30.19 -5.84
C GLU C 219 18.74 -29.68 -7.22
N HIS C 220 17.93 -30.01 -8.22
CA HIS C 220 18.20 -29.61 -9.60
C HIS C 220 18.44 -28.12 -9.68
N GLN C 221 19.49 -27.72 -10.39
CA GLN C 221 19.83 -26.30 -10.53
C GLN C 221 18.86 -25.44 -11.36
N ALA C 222 17.97 -26.09 -12.09
CA ALA C 222 16.99 -25.39 -12.93
C ALA C 222 15.84 -24.82 -12.12
N VAL C 223 15.57 -25.40 -10.96
CA VAL C 223 14.50 -24.96 -10.08
C VAL C 223 14.88 -23.69 -9.34
N ASN C 224 14.06 -22.64 -9.44
CA ASN C 224 14.34 -21.35 -8.78
C ASN C 224 13.62 -21.12 -7.47
N PHE C 225 12.54 -21.86 -7.24
CA PHE C 225 11.74 -21.72 -6.03
C PHE C 225 11.07 -23.06 -5.71
N ILE C 226 11.13 -23.51 -4.45
CA ILE C 226 10.48 -24.77 -4.06
C ILE C 226 9.28 -24.52 -3.14
N ASN C 227 8.10 -24.88 -3.64
CA ASN C 227 6.85 -24.69 -2.92
C ASN C 227 6.38 -26.06 -2.53
N PHE C 228 6.46 -26.36 -1.23
CA PHE C 228 6.13 -27.67 -0.68
C PHE C 228 5.12 -27.70 0.45
N THR C 229 4.37 -28.79 0.51
CA THR C 229 3.38 -29.03 1.56
C THR C 229 3.45 -30.52 1.91
N GLY C 230 3.89 -30.81 3.14
CA GLY C 230 4.01 -32.17 3.61
C GLY C 230 4.49 -32.26 5.05
N SER C 231 5.19 -33.33 5.38
CA SER C 231 5.68 -33.52 6.74
C SER C 231 6.88 -32.63 7.06
N THR C 232 7.12 -32.46 8.36
CA THR C 232 8.25 -31.65 8.83
C THR C 232 9.57 -32.21 8.34
N GLY C 233 9.70 -33.54 8.40
CA GLY C 233 10.89 -34.24 7.99
C GLY C 233 11.38 -33.89 6.61
N ILE C 234 10.48 -33.90 5.62
CA ILE C 234 10.89 -33.56 4.26
C ILE C 234 11.10 -32.06 4.15
N GLY C 235 10.20 -31.31 4.78
CA GLY C 235 10.32 -29.87 4.75
C GLY C 235 11.72 -29.44 5.16
N GLU C 236 12.21 -30.03 6.23
CA GLU C 236 13.54 -29.73 6.72
C GLU C 236 14.61 -30.06 5.69
N ARG C 237 14.49 -31.21 5.03
CA ARG C 237 15.46 -31.62 4.01
C ARG C 237 15.45 -30.61 2.88
N ILE C 238 14.25 -30.19 2.50
CA ILE C 238 14.07 -29.22 1.41
C ILE C 238 14.72 -27.89 1.73
N GLY C 239 14.66 -27.49 2.98
CA GLY C 239 15.25 -26.23 3.38
C GLY C 239 16.76 -26.20 3.20
N LYS C 240 17.37 -27.38 3.30
CA LYS C 240 18.80 -27.54 3.17
C LYS C 240 19.17 -27.73 1.70
N MET C 241 18.37 -28.53 1.00
CA MET C 241 18.59 -28.82 -0.42
C MET C 241 18.31 -27.62 -1.28
N ALA C 242 17.55 -26.66 -0.73
CA ALA C 242 17.21 -25.45 -1.46
C ALA C 242 18.46 -24.58 -1.55
N GLY C 243 19.29 -24.64 -0.51
CA GLY C 243 20.51 -23.85 -0.49
C GLY C 243 20.13 -22.44 -0.10
N MET C 244 20.31 -21.50 -1.04
CA MET C 244 19.93 -20.12 -0.78
C MET C 244 18.79 -19.71 -1.69
N ARG C 245 18.18 -20.70 -2.34
CA ARG C 245 17.04 -20.48 -3.21
C ARG C 245 15.81 -20.32 -2.31
N PRO C 246 14.85 -19.49 -2.73
CA PRO C 246 13.63 -19.26 -1.96
C PRO C 246 12.75 -20.49 -1.87
N ILE C 247 12.01 -20.59 -0.77
CA ILE C 247 11.08 -21.70 -0.52
C ILE C 247 9.81 -21.27 0.21
N MET C 248 8.83 -22.15 0.19
CA MET C 248 7.56 -21.95 0.86
C MET C 248 7.30 -23.35 1.39
N LEU C 249 7.17 -23.47 2.71
CA LEU C 249 6.94 -24.75 3.33
C LEU C 249 5.79 -24.73 4.33
N GLU C 250 4.79 -25.60 4.15
CA GLU C 250 3.71 -25.69 5.13
C GLU C 250 3.85 -27.09 5.69
N LEU C 251 4.45 -27.17 6.87
CA LEU C 251 4.68 -28.45 7.53
C LEU C 251 3.53 -28.88 8.45
N GLY C 252 3.85 -29.57 9.54
CA GLY C 252 2.80 -30.03 10.43
C GLY C 252 2.23 -29.03 11.42
N GLY C 253 1.38 -29.52 12.31
CA GLY C 253 0.78 -28.68 13.31
C GLY C 253 0.09 -29.46 14.43
N LYS C 254 0.04 -28.85 15.61
CA LYS C 254 -0.61 -29.44 16.78
C LYS C 254 -1.44 -28.30 17.40
N ASP C 255 -2.36 -27.76 16.59
CA ASP C 255 -3.20 -26.64 16.99
C ASP C 255 -4.00 -26.84 18.27
N SER C 256 -3.86 -25.89 19.19
CA SER C 256 -4.57 -25.94 20.46
C SER C 256 -5.83 -25.12 20.39
N ALA C 257 -6.74 -25.39 21.33
CA ALA C 257 -8.00 -24.68 21.43
C ALA C 257 -8.14 -24.36 22.89
N ILE C 258 -7.82 -23.10 23.24
CA ILE C 258 -7.89 -22.64 24.62
C ILE C 258 -9.32 -22.29 24.98
N VAL C 259 -9.83 -22.92 26.03
CA VAL C 259 -11.20 -22.68 26.48
C VAL C 259 -11.25 -22.05 27.86
N LEU C 260 -11.56 -20.75 27.91
CA LEU C 260 -11.64 -20.02 29.17
C LEU C 260 -12.97 -20.25 29.90
N GLU C 261 -12.98 -19.95 31.21
CA GLU C 261 -14.15 -20.14 32.06
C GLU C 261 -15.43 -19.44 31.64
N ASP C 262 -15.33 -18.44 30.77
CA ASP C 262 -16.52 -17.70 30.33
C ASP C 262 -17.00 -18.07 28.95
N ALA C 263 -16.38 -19.08 28.36
CA ALA C 263 -16.71 -19.53 27.00
C ALA C 263 -18.11 -20.11 26.85
N ASP C 264 -18.61 -20.08 25.62
CA ASP C 264 -19.92 -20.64 25.27
C ASP C 264 -19.65 -22.12 25.01
N LEU C 265 -19.73 -22.93 26.06
CA LEU C 265 -19.43 -24.36 25.96
C LEU C 265 -20.12 -25.13 24.83
N GLU C 266 -21.33 -24.73 24.44
CA GLU C 266 -22.02 -25.40 23.34
C GLU C 266 -21.38 -24.98 22.02
N LEU C 267 -21.22 -23.68 21.83
CA LEU C 267 -20.60 -23.14 20.63
C LEU C 267 -19.19 -23.72 20.53
N THR C 268 -18.54 -23.87 21.68
CA THR C 268 -17.19 -24.40 21.73
C THR C 268 -17.15 -25.89 21.36
N ALA C 269 -18.01 -26.69 21.98
CA ALA C 269 -18.07 -28.12 21.69
C ALA C 269 -18.32 -28.34 20.21
N LYS C 270 -19.20 -27.55 19.62
CA LYS C 270 -19.50 -27.67 18.19
C LYS C 270 -18.27 -27.41 17.32
N ASN C 271 -17.55 -26.33 17.61
CA ASN C 271 -16.35 -25.96 16.83
C ASN C 271 -15.19 -26.92 16.98
N ILE C 272 -14.97 -27.37 18.20
CA ILE C 272 -13.88 -28.31 18.49
C ILE C 272 -14.10 -29.66 17.81
N ILE C 273 -15.35 -30.11 17.74
CA ILE C 273 -15.63 -31.40 17.09
C ILE C 273 -15.36 -31.32 15.59
N ALA C 274 -15.93 -30.32 14.93
CA ALA C 274 -15.77 -30.13 13.51
C ALA C 274 -14.32 -29.88 13.10
N GLY C 275 -13.53 -29.33 14.02
CA GLY C 275 -12.13 -29.06 13.73
C GLY C 275 -11.28 -30.27 13.95
N ALA C 276 -11.42 -30.85 15.14
CA ALA C 276 -10.67 -32.03 15.54
C ALA C 276 -10.90 -33.27 14.66
N PHE C 277 -12.17 -33.58 14.36
CA PHE C 277 -12.49 -34.75 13.58
C PHE C 277 -12.73 -34.60 12.10
N GLY C 278 -12.30 -33.48 11.52
CA GLY C 278 -12.49 -33.27 10.10
C GLY C 278 -11.52 -34.12 9.31
N TYR C 279 -12.05 -34.93 8.39
CA TYR C 279 -11.24 -35.82 7.55
C TYR C 279 -10.43 -36.78 8.44
N SER C 280 -11.07 -37.23 9.51
CA SER C 280 -10.50 -38.17 10.45
C SER C 280 -9.22 -37.64 11.07
N GLY C 281 -9.16 -36.32 11.26
CA GLY C 281 -7.98 -35.71 11.85
C GLY C 281 -6.81 -35.58 10.89
N GLN C 282 -7.03 -35.89 9.61
CA GLN C 282 -5.96 -35.81 8.62
C GLN C 282 -5.88 -34.43 7.97
N ARG C 283 -5.79 -33.41 8.82
CA ARG C 283 -5.70 -32.01 8.43
C ARG C 283 -4.66 -31.35 9.33
N SER C 284 -3.71 -30.62 8.73
CA SER C 284 -2.66 -29.95 9.49
C SER C 284 -3.23 -28.84 10.34
N THR C 285 -4.36 -28.30 9.89
CA THR C 285 -5.03 -27.21 10.58
C THR C 285 -6.19 -27.62 11.49
N ALA C 286 -6.25 -28.88 11.87
CA ALA C 286 -7.31 -29.36 12.74
C ALA C 286 -6.96 -29.09 14.18
N VAL C 287 -7.99 -29.03 15.03
CA VAL C 287 -7.82 -28.79 16.47
C VAL C 287 -7.24 -30.08 17.03
N LYS C 288 -5.96 -30.05 17.41
CA LYS C 288 -5.33 -31.26 17.91
C LYS C 288 -5.16 -31.44 19.42
N ARG C 289 -5.56 -30.44 20.20
CA ARG C 289 -5.46 -30.51 21.67
C ARG C 289 -6.28 -29.42 22.32
N VAL C 290 -7.05 -29.78 23.33
CA VAL C 290 -7.89 -28.82 24.03
C VAL C 290 -7.26 -28.45 25.37
N LEU C 291 -7.04 -27.15 25.60
CA LEU C 291 -6.46 -26.71 26.87
C LEU C 291 -7.61 -25.97 27.53
N VAL C 292 -8.40 -26.71 28.30
CA VAL C 292 -9.57 -26.14 28.98
C VAL C 292 -9.36 -25.87 30.47
N MET C 293 -9.90 -24.75 30.93
CA MET C 293 -9.83 -24.37 32.34
C MET C 293 -10.65 -25.38 33.13
N GLU C 294 -10.03 -25.93 34.15
CA GLU C 294 -10.64 -26.95 34.99
C GLU C 294 -12.11 -26.76 35.33
N SER C 295 -12.48 -25.56 35.79
CA SER C 295 -13.86 -25.32 36.18
C SER C 295 -14.95 -25.65 35.14
N VAL C 296 -14.59 -25.63 33.86
CA VAL C 296 -15.57 -25.94 32.81
C VAL C 296 -15.23 -27.20 32.02
N ALA C 297 -14.15 -27.88 32.41
CA ALA C 297 -13.70 -29.10 31.74
C ALA C 297 -14.76 -30.20 31.71
N ASP C 298 -15.33 -30.54 32.87
CA ASP C 298 -16.34 -31.58 32.94
C ASP C 298 -17.52 -31.35 32.00
N GLU C 299 -18.14 -30.18 32.08
CA GLU C 299 -19.31 -29.89 31.25
C GLU C 299 -18.98 -29.91 29.77
N LEU C 300 -17.88 -29.25 29.41
CA LEU C 300 -17.43 -29.17 28.03
C LEU C 300 -17.19 -30.56 27.49
N VAL C 301 -16.37 -31.34 28.19
CA VAL C 301 -16.04 -32.69 27.79
C VAL C 301 -17.28 -33.56 27.52
N GLU C 302 -18.30 -33.43 28.35
CA GLU C 302 -19.52 -34.21 28.13
C GLU C 302 -20.20 -33.85 26.80
N LYS C 303 -20.19 -32.57 26.44
CA LYS C 303 -20.80 -32.13 25.18
C LYS C 303 -20.04 -32.77 24.03
N ILE C 304 -18.71 -32.61 24.05
CA ILE C 304 -17.83 -33.17 23.03
C ILE C 304 -18.09 -34.65 22.89
N ARG C 305 -18.19 -35.33 24.04
CA ARG C 305 -18.43 -36.78 24.09
C ARG C 305 -19.70 -37.20 23.36
N GLU C 306 -20.81 -36.55 23.68
CA GLU C 306 -22.07 -36.85 23.04
C GLU C 306 -22.01 -36.55 21.55
N LYS C 307 -21.35 -35.45 21.19
CA LYS C 307 -21.21 -35.04 19.80
C LYS C 307 -20.39 -36.01 18.97
N VAL C 308 -19.37 -36.61 19.60
CA VAL C 308 -18.53 -37.59 18.93
C VAL C 308 -19.39 -38.81 18.54
N LEU C 309 -20.24 -39.22 19.48
CA LEU C 309 -21.14 -40.33 19.26
C LEU C 309 -22.10 -40.11 18.09
N ALA C 310 -22.08 -38.93 17.49
CA ALA C 310 -22.99 -38.67 16.39
C ALA C 310 -22.28 -38.69 15.04
N LEU C 311 -20.95 -38.79 15.08
CA LEU C 311 -20.14 -38.82 13.86
C LEU C 311 -20.32 -40.14 13.11
N THR C 312 -20.69 -40.06 11.84
CA THR C 312 -20.88 -41.24 11.02
C THR C 312 -19.50 -41.83 10.74
N ILE C 313 -19.41 -43.16 10.69
CA ILE C 313 -18.17 -43.88 10.44
C ILE C 313 -18.35 -44.82 9.26
N GLY C 314 -17.47 -44.77 8.27
CA GLY C 314 -17.65 -45.67 7.15
C GLY C 314 -16.91 -45.40 5.87
N ASN C 315 -17.60 -45.60 4.75
CA ASN C 315 -17.01 -45.44 3.43
C ASN C 315 -17.18 -44.09 2.73
N PRO C 316 -16.18 -43.70 1.93
CA PRO C 316 -16.16 -42.45 1.19
C PRO C 316 -17.44 -42.23 0.41
N GLU C 317 -17.81 -43.22 -0.40
CA GLU C 317 -19.01 -43.13 -1.22
C GLU C 317 -20.24 -42.87 -0.37
N ASP C 318 -20.14 -43.09 0.93
CA ASP C 318 -21.27 -42.85 1.83
C ASP C 318 -21.11 -41.56 2.63
N ASP C 319 -20.16 -40.73 2.25
CA ASP C 319 -19.91 -39.46 2.95
C ASP C 319 -19.85 -39.62 4.47
N ALA C 320 -19.11 -40.62 4.92
CA ALA C 320 -18.98 -40.87 6.34
C ALA C 320 -18.11 -39.77 6.91
N ASP C 321 -18.33 -39.42 8.17
CA ASP C 321 -17.54 -38.39 8.81
C ASP C 321 -16.15 -38.94 8.98
N ILE C 322 -16.09 -40.15 9.51
CA ILE C 322 -14.82 -40.84 9.73
C ILE C 322 -14.65 -41.96 8.71
N THR C 323 -13.61 -41.83 7.88
CA THR C 323 -13.27 -42.79 6.83
C THR C 323 -11.90 -43.42 7.12
N PRO C 324 -11.56 -44.50 6.40
CA PRO C 324 -10.26 -45.19 6.58
C PRO C 324 -9.10 -44.24 6.37
N LEU C 325 -8.09 -44.37 7.23
CA LEU C 325 -6.89 -43.53 7.14
C LEU C 325 -6.15 -43.85 5.84
N ILE C 326 -5.37 -42.90 5.34
CA ILE C 326 -4.66 -43.07 4.09
C ILE C 326 -3.95 -44.42 3.91
N ASP C 327 -3.35 -44.96 4.98
CA ASP C 327 -2.68 -46.25 4.91
C ASP C 327 -2.39 -46.93 6.25
N THR C 328 -1.86 -48.15 6.19
CA THR C 328 -1.57 -48.92 7.39
C THR C 328 -0.45 -48.34 8.24
N LYS C 329 0.62 -47.90 7.60
CA LYS C 329 1.75 -47.32 8.32
C LYS C 329 1.22 -46.22 9.22
N SER C 330 0.24 -45.48 8.71
CA SER C 330 -0.38 -44.37 9.42
C SER C 330 -1.30 -44.84 10.55
N ALA C 331 -2.28 -45.68 10.22
CA ALA C 331 -3.21 -46.17 11.23
C ALA C 331 -2.46 -46.84 12.37
N ASP C 332 -1.29 -47.41 12.07
CA ASP C 332 -0.47 -48.07 13.08
C ASP C 332 0.06 -47.01 14.02
N TYR C 333 0.70 -45.99 13.45
CA TYR C 333 1.27 -44.88 14.23
C TYR C 333 0.24 -44.28 15.20
N VAL C 334 -0.97 -44.04 14.70
CA VAL C 334 -2.05 -43.50 15.51
C VAL C 334 -2.30 -44.46 16.66
N GLU C 335 -2.41 -45.75 16.34
CA GLU C 335 -2.65 -46.78 17.35
C GLU C 335 -1.61 -46.72 18.48
N GLY C 336 -0.38 -46.35 18.12
CA GLY C 336 0.70 -46.23 19.08
C GLY C 336 0.39 -45.14 20.09
N LEU C 337 0.10 -43.95 19.57
CA LEU C 337 -0.24 -42.78 20.39
C LEU C 337 -1.42 -43.11 21.31
N ILE C 338 -2.41 -43.80 20.77
CA ILE C 338 -3.58 -44.18 21.55
C ILE C 338 -3.18 -45.00 22.78
N ASN C 339 -2.50 -46.12 22.54
CA ASN C 339 -2.05 -47.00 23.61
C ASN C 339 -1.25 -46.26 24.66
N ASP C 340 -0.16 -45.61 24.25
CA ASP C 340 0.68 -44.85 25.16
C ASP C 340 -0.11 -43.99 26.14
N ALA C 341 -1.04 -43.20 25.60
CA ALA C 341 -1.87 -42.34 26.41
C ALA C 341 -2.69 -43.19 27.37
N ASN C 342 -3.36 -44.19 26.79
CA ASN C 342 -4.20 -45.10 27.54
C ASN C 342 -3.42 -45.73 28.68
N ASP C 343 -2.23 -46.23 28.36
CA ASP C 343 -1.36 -46.86 29.36
C ASP C 343 -1.00 -45.90 30.46
N LYS C 344 -0.69 -44.67 30.08
CA LYS C 344 -0.29 -43.65 31.04
C LYS C 344 -1.42 -43.07 31.89
N GLY C 345 -2.64 -43.55 31.69
CA GLY C 345 -3.72 -43.06 32.52
C GLY C 345 -4.80 -42.25 31.84
N ALA C 346 -4.61 -41.93 30.57
CA ALA C 346 -5.61 -41.14 29.85
C ALA C 346 -6.95 -41.86 29.99
N THR C 347 -8.04 -41.17 29.73
CA THR C 347 -9.35 -41.78 29.85
C THR C 347 -10.16 -41.68 28.57
N ALA C 348 -10.25 -42.78 27.83
CA ALA C 348 -11.01 -42.80 26.58
C ALA C 348 -12.50 -42.77 26.91
N LEU C 349 -13.18 -41.71 26.52
CA LEU C 349 -14.60 -41.56 26.77
C LEU C 349 -15.42 -42.20 25.66
N THR C 350 -14.77 -42.49 24.56
CA THR C 350 -15.43 -43.16 23.43
C THR C 350 -14.65 -44.46 23.16
N GLU C 351 -15.29 -45.41 22.50
CA GLU C 351 -14.68 -46.71 22.21
C GLU C 351 -13.45 -46.72 21.32
N ILE C 352 -12.42 -47.42 21.81
CA ILE C 352 -11.19 -47.60 21.03
C ILE C 352 -11.43 -48.85 20.16
N LYS C 353 -11.35 -48.71 18.84
CA LYS C 353 -11.61 -49.83 17.94
C LYS C 353 -11.08 -49.56 16.54
N ARG C 354 -10.35 -50.51 15.97
CA ARG C 354 -9.80 -50.35 14.63
C ARG C 354 -10.28 -51.48 13.71
N GLU C 355 -10.82 -51.13 12.55
CA GLU C 355 -11.31 -52.09 11.58
C GLU C 355 -10.44 -51.89 10.35
N GLY C 356 -9.34 -52.64 10.27
CA GLY C 356 -8.46 -52.52 9.13
C GLY C 356 -7.66 -51.25 9.31
N ASN C 357 -8.04 -50.20 8.58
CA ASN C 357 -7.35 -48.93 8.73
C ASN C 357 -8.35 -47.89 9.21
N LEU C 358 -9.56 -48.34 9.54
CA LEU C 358 -10.60 -47.48 10.03
C LEU C 358 -10.57 -47.44 11.56
N ILE C 359 -10.01 -46.38 12.10
CA ILE C 359 -9.95 -46.20 13.55
C ILE C 359 -11.13 -45.30 13.92
N CYS C 360 -11.96 -45.75 14.87
CA CYS C 360 -13.10 -44.98 15.33
C CYS C 360 -12.61 -43.78 16.13
N PRO C 361 -13.36 -42.65 16.10
CA PRO C 361 -13.02 -41.41 16.80
C PRO C 361 -12.97 -41.56 18.32
N ILE C 362 -11.81 -41.25 18.88
CA ILE C 362 -11.57 -41.37 20.31
C ILE C 362 -11.41 -40.03 21.01
N LEU C 363 -12.04 -39.93 22.17
CA LEU C 363 -11.96 -38.73 22.99
C LEU C 363 -11.22 -39.13 24.26
N PHE C 364 -10.00 -38.62 24.43
CA PHE C 364 -9.21 -38.92 25.60
C PHE C 364 -9.24 -37.74 26.57
N ASP C 365 -9.83 -37.96 27.73
CA ASP C 365 -9.87 -36.93 28.76
C ASP C 365 -8.69 -37.26 29.67
N LYS C 366 -8.36 -36.34 30.56
CA LYS C 366 -7.25 -36.55 31.49
C LYS C 366 -5.89 -36.79 30.87
N VAL C 367 -5.68 -36.32 29.63
CA VAL C 367 -4.38 -36.46 28.98
C VAL C 367 -3.42 -35.51 29.71
N THR C 368 -2.15 -35.86 29.77
CA THR C 368 -1.17 -35.03 30.43
C THR C 368 0.03 -34.78 29.54
N THR C 369 0.91 -33.94 30.05
CA THR C 369 2.10 -33.53 29.37
C THR C 369 3.07 -34.66 29.09
N ASP C 370 3.00 -35.72 29.91
CA ASP C 370 3.89 -36.88 29.80
C ASP C 370 3.45 -37.90 28.77
N MET C 371 2.39 -37.58 28.04
CA MET C 371 1.86 -38.48 27.03
C MET C 371 2.27 -38.03 25.63
N ARG C 372 2.50 -38.98 24.72
CA ARG C 372 2.90 -38.63 23.37
C ARG C 372 1.78 -37.90 22.67
N LEU C 373 0.54 -38.29 22.96
CA LEU C 373 -0.65 -37.70 22.36
C LEU C 373 -0.77 -36.19 22.62
N ALA C 374 -0.17 -35.74 23.73
CA ALA C 374 -0.19 -34.32 24.10
C ALA C 374 0.71 -33.42 23.23
N TRP C 375 1.61 -34.01 22.44
CA TRP C 375 2.53 -33.23 21.59
C TRP C 375 2.66 -33.66 20.13
N GLU C 376 2.72 -34.98 19.90
CA GLU C 376 2.87 -35.54 18.56
C GLU C 376 1.62 -35.43 17.70
N GLU C 377 1.81 -35.06 16.43
CA GLU C 377 0.71 -34.92 15.48
C GLU C 377 0.26 -36.29 14.97
N PRO C 378 -0.92 -36.77 15.43
CA PRO C 378 -1.43 -38.08 15.03
C PRO C 378 -1.85 -38.23 13.56
N PHE C 379 -2.71 -37.32 13.11
CA PHE C 379 -3.24 -37.37 11.75
C PHE C 379 -4.20 -38.57 11.70
N GLY C 380 -4.99 -38.69 12.76
CA GLY C 380 -5.98 -39.74 12.93
C GLY C 380 -7.04 -39.16 13.86
N PRO C 381 -8.24 -39.78 13.96
CA PRO C 381 -9.32 -39.28 14.82
C PRO C 381 -9.17 -39.49 16.31
N VAL C 382 -8.19 -38.82 16.91
CA VAL C 382 -7.94 -38.92 18.36
C VAL C 382 -7.78 -37.50 18.92
N LEU C 383 -8.56 -37.17 19.95
CA LEU C 383 -8.51 -35.84 20.54
C LEU C 383 -8.23 -35.83 22.04
N PRO C 384 -7.07 -35.27 22.44
CA PRO C 384 -6.69 -35.19 23.86
C PRO C 384 -7.25 -33.92 24.53
N ILE C 385 -7.72 -34.06 25.77
CA ILE C 385 -8.26 -32.91 26.52
C ILE C 385 -7.29 -32.68 27.69
N ILE C 386 -6.54 -31.59 27.65
CA ILE C 386 -5.60 -31.27 28.73
C ILE C 386 -6.23 -30.19 29.60
N ARG C 387 -6.47 -30.50 30.88
CA ARG C 387 -7.08 -29.57 31.82
C ARG C 387 -6.08 -28.66 32.51
N VAL C 388 -6.25 -27.35 32.33
CA VAL C 388 -5.33 -26.40 32.98
C VAL C 388 -6.06 -25.66 34.09
N THR C 389 -5.30 -24.91 34.89
CA THR C 389 -5.89 -24.17 35.99
C THR C 389 -5.68 -22.67 35.84
N SER C 390 -5.16 -22.23 34.69
CA SER C 390 -4.91 -20.81 34.43
C SER C 390 -4.55 -20.52 32.99
N VAL C 391 -5.01 -19.39 32.49
CA VAL C 391 -4.74 -18.94 31.12
C VAL C 391 -3.23 -18.89 30.93
N GLU C 392 -2.53 -18.57 32.01
CA GLU C 392 -1.07 -18.46 32.02
C GLU C 392 -0.44 -19.82 31.68
N GLU C 393 -0.98 -20.88 32.28
CA GLU C 393 -0.52 -22.24 32.06
C GLU C 393 -0.86 -22.72 30.65
N ALA C 394 -2.08 -22.43 30.20
CA ALA C 394 -2.53 -22.81 28.87
C ALA C 394 -1.61 -22.23 27.80
N ILE C 395 -1.20 -20.97 27.98
CA ILE C 395 -0.30 -20.30 27.04
C ILE C 395 1.05 -21.01 27.04
N GLU C 396 1.56 -21.27 28.25
CA GLU C 396 2.83 -21.96 28.47
C GLU C 396 2.85 -23.32 27.77
N ILE C 397 1.81 -24.12 28.01
CA ILE C 397 1.70 -25.44 27.41
C ILE C 397 1.53 -25.32 25.91
N SER C 398 0.73 -24.36 25.47
CA SER C 398 0.52 -24.21 24.03
C SER C 398 1.83 -23.89 23.31
N ASN C 399 2.56 -22.90 23.81
CA ASN C 399 3.81 -22.48 23.20
C ASN C 399 4.93 -23.51 23.26
N LYS C 400 4.85 -24.44 24.19
CA LYS C 400 5.86 -25.49 24.36
C LYS C 400 6.01 -26.33 23.10
N SER C 401 4.90 -26.59 22.42
CA SER C 401 4.93 -27.38 21.20
C SER C 401 5.92 -26.85 20.16
N GLU C 402 6.49 -27.77 19.43
CA GLU C 402 7.45 -27.51 18.37
C GLU C 402 6.73 -26.93 17.14
N TYR C 403 5.40 -26.94 17.18
CA TYR C 403 4.58 -26.45 16.08
C TYR C 403 3.95 -25.08 16.34
N GLY C 404 3.44 -24.45 15.28
CA GLY C 404 2.83 -23.16 15.44
C GLY C 404 2.03 -22.70 14.24
N LEU C 405 1.10 -23.52 13.80
CA LEU C 405 0.26 -23.18 12.66
C LEU C 405 -0.83 -22.19 13.06
N GLN C 406 -1.80 -22.66 13.85
CA GLN C 406 -2.89 -21.81 14.31
C GLN C 406 -3.30 -22.14 15.76
N ALA C 407 -4.22 -21.36 16.31
CA ALA C 407 -4.73 -21.59 17.66
C ALA C 407 -6.13 -21.03 17.75
N SER C 408 -6.86 -21.45 18.78
CA SER C 408 -8.22 -20.98 19.01
C SER C 408 -8.40 -20.55 20.45
N ILE C 409 -9.21 -19.52 20.65
CA ILE C 409 -9.51 -19.02 21.98
C ILE C 409 -11.01 -18.85 22.06
N PHE C 410 -11.63 -19.57 22.98
CA PHE C 410 -13.07 -19.53 23.16
C PHE C 410 -13.33 -18.80 24.48
N THR C 411 -13.75 -17.55 24.35
CA THR C 411 -13.99 -16.69 25.49
C THR C 411 -14.91 -15.55 25.05
N ASN C 412 -15.38 -14.75 26.01
CA ASN C 412 -16.24 -13.59 25.70
C ASN C 412 -15.46 -12.28 25.86
N ASP C 413 -14.38 -12.36 26.63
CA ASP C 413 -13.51 -11.22 26.88
C ASP C 413 -12.56 -11.08 25.69
N PHE C 414 -12.99 -10.33 24.68
CA PHE C 414 -12.19 -10.11 23.48
C PHE C 414 -10.85 -9.38 23.68
N PRO C 415 -10.83 -8.32 24.51
CA PRO C 415 -9.55 -7.65 24.70
C PRO C 415 -8.55 -8.64 25.27
N ARG C 416 -9.06 -9.57 26.08
CA ARG C 416 -8.21 -10.58 26.67
C ARG C 416 -7.78 -11.54 25.58
N ALA C 417 -8.75 -12.04 24.83
CA ALA C 417 -8.48 -12.95 23.72
C ALA C 417 -7.40 -12.36 22.81
N PHE C 418 -7.51 -11.06 22.52
CA PHE C 418 -6.55 -10.37 21.67
C PHE C 418 -5.17 -10.27 22.31
N GLY C 419 -5.14 -10.14 23.64
CA GLY C 419 -3.89 -10.04 24.34
C GLY C 419 -3.19 -11.39 24.35
N ILE C 420 -3.98 -12.46 24.56
CA ILE C 420 -3.47 -13.84 24.58
C ILE C 420 -2.90 -14.14 23.22
N ALA C 421 -3.66 -13.78 22.20
CA ALA C 421 -3.27 -14.00 20.83
C ALA C 421 -1.87 -13.49 20.52
N GLU C 422 -1.47 -12.39 21.14
CA GLU C 422 -0.15 -11.84 20.86
C GLU C 422 0.95 -12.71 21.41
N GLN C 423 0.61 -13.51 22.42
CA GLN C 423 1.56 -14.39 23.10
C GLN C 423 1.71 -15.79 22.51
N LEU C 424 0.67 -16.24 21.82
CA LEU C 424 0.70 -17.55 21.19
C LEU C 424 1.64 -17.55 19.98
N GLU C 425 2.59 -18.49 19.96
CA GLU C 425 3.56 -18.60 18.85
C GLU C 425 2.97 -19.30 17.63
N VAL C 426 1.90 -18.75 17.08
CA VAL C 426 1.23 -19.32 15.91
C VAL C 426 1.14 -18.27 14.80
N GLY C 427 0.65 -18.71 13.64
CA GLY C 427 0.50 -17.79 12.53
C GLY C 427 -0.85 -17.10 12.57
N THR C 428 -1.86 -17.79 13.11
CA THR C 428 -3.20 -17.25 13.16
C THR C 428 -3.97 -17.69 14.39
N VAL C 429 -4.75 -16.76 14.97
CA VAL C 429 -5.54 -17.08 16.13
C VAL C 429 -6.99 -16.80 15.79
N HIS C 430 -7.86 -17.78 16.02
CA HIS C 430 -9.30 -17.64 15.77
C HIS C 430 -10.00 -17.46 17.13
N ILE C 431 -10.73 -16.36 17.28
CA ILE C 431 -11.44 -16.09 18.53
C ILE C 431 -12.85 -16.58 18.33
N ASN C 432 -13.21 -17.66 19.02
CA ASN C 432 -14.53 -18.30 18.92
C ASN C 432 -14.89 -18.90 17.55
N ASN C 433 -14.20 -20.00 17.23
CA ASN C 433 -14.35 -20.76 15.99
C ASN C 433 -13.17 -21.73 15.89
N LYS C 434 -13.39 -22.89 15.26
CA LYS C 434 -12.36 -23.90 15.08
C LYS C 434 -11.33 -23.38 14.09
N THR C 435 -10.09 -23.85 14.22
CA THR C 435 -9.04 -23.42 13.30
C THR C 435 -9.40 -23.90 11.89
N GLN C 436 -9.09 -23.07 10.91
CA GLN C 436 -9.36 -23.34 9.51
C GLN C 436 -8.43 -22.47 8.70
N ARG C 437 -8.24 -22.78 7.42
CA ARG C 437 -7.39 -21.94 6.57
C ARG C 437 -8.14 -20.61 6.37
N GLY C 438 -9.47 -20.68 6.45
CA GLY C 438 -10.37 -19.53 6.37
C GLY C 438 -10.22 -18.53 5.24
N THR C 439 -10.96 -18.76 4.16
CA THR C 439 -10.93 -17.94 2.94
C THR C 439 -9.48 -17.72 2.52
N ASP C 440 -9.13 -18.33 1.40
CA ASP C 440 -7.78 -18.28 0.90
C ASP C 440 -7.22 -16.93 0.49
N ASN C 441 -7.90 -15.86 0.91
CA ASN C 441 -7.42 -14.52 0.63
C ASN C 441 -6.63 -14.00 1.82
N PHE C 442 -6.94 -14.53 3.01
CA PHE C 442 -6.28 -14.17 4.27
C PHE C 442 -4.87 -14.76 4.27
N PRO C 443 -3.92 -14.17 5.00
CA PRO C 443 -2.57 -14.75 5.00
C PRO C 443 -2.59 -16.07 5.78
N PHE C 444 -1.76 -17.04 5.38
CA PHE C 444 -1.66 -18.33 6.07
C PHE C 444 -0.20 -18.65 6.25
N LEU C 445 0.19 -18.89 7.49
CA LEU C 445 1.58 -19.16 7.81
C LEU C 445 1.68 -19.95 9.11
N GLY C 446 2.89 -20.43 9.43
CA GLY C 446 3.08 -21.19 10.65
C GLY C 446 4.39 -20.82 11.33
N ALA C 447 4.37 -20.78 12.65
CA ALA C 447 5.56 -20.46 13.41
C ALA C 447 6.36 -21.74 13.68
N LYS C 448 7.60 -21.58 14.12
CA LYS C 448 8.47 -22.71 14.45
C LYS C 448 8.59 -23.78 13.36
N LYS C 449 8.55 -25.05 13.73
CA LYS C 449 8.69 -26.13 12.75
C LYS C 449 7.51 -26.30 11.81
N SER C 450 6.51 -25.42 11.89
CA SER C 450 5.34 -25.53 11.04
C SER C 450 5.49 -24.99 9.63
N GLY C 451 6.66 -24.45 9.31
CA GLY C 451 6.87 -23.93 7.98
C GLY C 451 7.83 -22.77 7.77
N ALA C 452 7.80 -22.23 6.56
CA ALA C 452 8.63 -21.10 6.16
C ALA C 452 7.89 -20.41 5.03
N GLY C 453 7.60 -19.12 5.19
CA GLY C 453 6.90 -18.35 4.17
C GLY C 453 5.47 -18.06 4.54
N ILE C 454 4.86 -17.10 3.84
CA ILE C 454 3.46 -16.74 4.09
C ILE C 454 2.62 -17.05 2.88
N GLN C 455 1.48 -17.69 3.11
CA GLN C 455 0.57 -18.06 2.04
C GLN C 455 -0.70 -17.25 2.01
N GLY C 456 -1.59 -17.59 1.10
CA GLY C 456 -2.82 -16.84 0.89
C GLY C 456 -2.57 -16.27 -0.49
N VAL C 457 -3.57 -16.30 -1.36
CA VAL C 457 -3.39 -15.82 -2.73
C VAL C 457 -2.43 -14.65 -2.97
N LYS C 458 -2.64 -13.52 -2.28
CA LYS C 458 -1.80 -12.34 -2.45
C LYS C 458 -0.36 -12.56 -2.02
N TYR C 459 -0.18 -13.14 -0.84
CA TYR C 459 1.14 -13.39 -0.30
C TYR C 459 1.94 -14.42 -1.10
N SER C 460 1.23 -15.39 -1.69
CA SER C 460 1.84 -16.44 -2.51
C SER C 460 2.44 -15.79 -3.73
N ILE C 461 1.69 -14.85 -4.30
CA ILE C 461 2.13 -14.13 -5.48
C ILE C 461 3.35 -13.29 -5.20
N GLU C 462 3.40 -12.65 -4.05
CA GLU C 462 4.55 -11.81 -3.74
C GLU C 462 5.78 -12.65 -3.49
N ALA C 463 5.58 -13.83 -2.90
CA ALA C 463 6.65 -14.76 -2.54
C ALA C 463 7.40 -15.30 -3.75
N MET C 464 6.63 -15.71 -4.76
CA MET C 464 7.22 -16.26 -5.96
C MET C 464 7.53 -15.23 -7.02
N THR C 465 7.83 -14.01 -6.56
CA THR C 465 8.23 -12.91 -7.44
C THR C 465 9.36 -12.15 -6.80
N THR C 466 10.14 -11.51 -7.65
CA THR C 466 11.25 -10.70 -7.22
C THR C 466 10.96 -9.26 -7.68
N VAL C 467 11.97 -8.40 -7.60
CA VAL C 467 11.80 -7.02 -7.94
C VAL C 467 12.97 -6.50 -8.75
N LYS C 468 12.69 -5.77 -9.80
CA LYS C 468 13.73 -5.15 -10.64
C LYS C 468 13.56 -3.65 -10.43
N SER C 469 14.66 -2.95 -10.17
CA SER C 469 14.61 -1.52 -9.90
C SER C 469 15.43 -0.65 -10.86
N VAL C 470 14.77 0.08 -11.75
CA VAL C 470 15.48 0.95 -12.69
C VAL C 470 15.60 2.35 -12.10
N VAL C 471 16.83 2.81 -11.89
CA VAL C 471 17.06 4.14 -11.32
C VAL C 471 17.61 5.14 -12.34
N PHE C 472 17.01 6.32 -12.39
CA PHE C 472 17.47 7.35 -13.31
C PHE C 472 17.32 8.75 -12.73
N ASP C 473 18.01 9.70 -13.36
CA ASP C 473 18.02 11.10 -12.93
C ASP C 473 17.19 12.01 -13.81
N ILE C 474 16.26 12.72 -13.18
CA ILE C 474 15.38 13.63 -13.90
C ILE C 474 16.12 14.95 -14.16
N LYS C 475 16.11 15.40 -15.41
CA LYS C 475 16.77 16.65 -15.77
C LYS C 475 15.80 17.82 -15.67
N THR D 2 47.91 -3.07 22.45
CA THR D 2 46.89 -4.12 22.76
C THR D 2 45.54 -3.51 23.10
N LYS D 3 45.53 -2.60 24.08
CA LYS D 3 44.31 -1.97 24.54
C LYS D 3 43.38 -3.04 25.15
N GLN D 4 43.09 -4.08 24.37
CA GLN D 4 42.24 -5.18 24.81
C GLN D 4 40.77 -4.81 24.88
N TYR D 5 40.17 -4.73 23.69
CA TYR D 5 38.76 -4.41 23.52
C TYR D 5 37.89 -5.56 24.06
N LYS D 6 36.73 -5.22 24.62
CA LYS D 6 35.83 -6.23 25.18
C LYS D 6 34.52 -6.25 24.44
N ASN D 7 33.81 -7.38 24.54
CA ASN D 7 32.51 -7.53 23.89
C ASN D 7 31.45 -6.97 24.80
N TYR D 8 30.35 -6.56 24.20
CA TYR D 8 29.23 -6.03 24.98
C TYR D 8 28.24 -7.16 25.07
N VAL D 9 28.15 -7.75 26.26
CA VAL D 9 27.27 -8.89 26.49
C VAL D 9 26.34 -8.71 27.68
N ASN D 10 25.05 -8.73 27.39
CA ASN D 10 24.00 -8.59 28.41
C ASN D 10 24.25 -7.40 29.31
N GLY D 11 24.49 -6.24 28.70
CA GLY D 11 24.75 -5.04 29.45
C GLY D 11 26.14 -4.89 30.04
N GLU D 12 27.05 -5.82 29.76
CA GLU D 12 28.40 -5.75 30.31
C GLU D 12 29.50 -5.98 29.29
N TRP D 13 30.65 -5.35 29.52
CA TRP D 13 31.82 -5.48 28.65
C TRP D 13 32.68 -6.60 29.20
N LYS D 14 32.97 -7.60 28.36
CA LYS D 14 33.74 -8.75 28.80
C LYS D 14 34.90 -9.20 27.92
N LEU D 15 36.02 -9.50 28.56
CA LEU D 15 37.21 -10.01 27.89
C LEU D 15 37.08 -11.53 27.85
N SER D 16 37.96 -12.19 27.11
CA SER D 16 37.95 -13.65 27.03
C SER D 16 39.34 -14.17 27.36
N GLU D 17 39.47 -15.47 27.64
CA GLU D 17 40.77 -16.06 27.96
C GLU D 17 41.78 -15.81 26.85
N ASN D 18 41.30 -15.91 25.61
CA ASN D 18 42.14 -15.70 24.44
C ASN D 18 41.73 -14.45 23.69
N GLU D 19 42.70 -13.84 23.02
CA GLU D 19 42.49 -12.64 22.25
C GLU D 19 43.04 -12.82 20.84
N ILE D 20 42.81 -11.81 20.00
CA ILE D 20 43.29 -11.77 18.62
C ILE D 20 43.84 -10.36 18.45
N LYS D 21 45.11 -10.24 18.08
CA LYS D 21 45.72 -8.93 17.89
C LYS D 21 45.46 -8.39 16.48
N ILE D 22 45.01 -7.14 16.42
CA ILE D 22 44.70 -6.50 15.14
C ILE D 22 45.78 -5.50 14.74
N TYR D 23 46.21 -5.57 13.47
CA TYR D 23 47.25 -4.69 12.96
C TYR D 23 46.75 -3.85 11.79
N GLU D 24 47.35 -2.68 11.61
CA GLU D 24 46.97 -1.77 10.53
C GLU D 24 47.48 -2.26 9.18
N PRO D 25 46.57 -2.62 8.27
CA PRO D 25 46.93 -3.11 6.94
C PRO D 25 48.04 -2.35 6.23
N ALA D 26 48.09 -1.04 6.43
CA ALA D 26 49.10 -0.20 5.80
C ALA D 26 50.42 -0.10 6.57
N SER D 27 50.39 0.43 7.79
CA SER D 27 51.61 0.59 8.57
C SER D 27 52.08 -0.71 9.22
N GLY D 28 51.14 -1.53 9.65
CA GLY D 28 51.51 -2.77 10.29
C GLY D 28 51.41 -2.67 11.81
N ALA D 29 51.22 -1.45 12.31
CA ALA D 29 51.13 -1.21 13.74
C ALA D 29 50.00 -2.01 14.38
N GLU D 30 50.16 -2.33 15.66
CA GLU D 30 49.14 -3.08 16.37
C GLU D 30 48.11 -2.11 16.89
N LEU D 31 46.87 -2.23 16.44
CA LEU D 31 45.79 -1.36 16.91
C LEU D 31 45.31 -1.80 18.27
N GLY D 32 45.26 -3.12 18.47
CA GLY D 32 44.81 -3.64 19.73
C GLY D 32 44.46 -5.10 19.62
N SER D 33 43.64 -5.60 20.53
CA SER D 33 43.24 -7.00 20.50
C SER D 33 41.79 -7.16 20.89
N VAL D 34 41.08 -8.00 20.13
CA VAL D 34 39.67 -8.29 20.38
C VAL D 34 39.51 -9.73 20.88
N PRO D 35 38.50 -9.99 21.71
CA PRO D 35 38.23 -11.31 22.27
C PRO D 35 38.11 -12.43 21.23
N ALA D 36 38.51 -13.63 21.66
CA ALA D 36 38.43 -14.83 20.84
C ALA D 36 37.49 -15.70 21.69
N MET D 37 36.20 -15.48 21.51
CA MET D 37 35.17 -16.18 22.26
C MET D 37 35.14 -17.68 22.11
N SER D 38 34.53 -18.33 23.10
CA SER D 38 34.37 -19.76 23.16
C SER D 38 32.88 -20.01 22.96
N THR D 39 32.52 -21.18 22.47
CA THR D 39 31.11 -21.47 22.26
C THR D 39 30.31 -21.28 23.56
N GLU D 40 30.95 -21.52 24.70
CA GLU D 40 30.28 -21.37 25.99
C GLU D 40 29.82 -19.92 26.14
N GLU D 41 30.69 -19.01 25.70
CA GLU D 41 30.43 -17.58 25.76
C GLU D 41 29.35 -17.20 24.76
N VAL D 42 29.43 -17.77 23.56
CA VAL D 42 28.45 -17.54 22.51
C VAL D 42 27.06 -17.95 23.01
N ASP D 43 27.03 -18.99 23.85
CA ASP D 43 25.76 -19.49 24.39
C ASP D 43 25.14 -18.50 25.35
N TYR D 44 25.97 -17.76 26.09
CA TYR D 44 25.47 -16.77 27.05
C TYR D 44 24.95 -15.53 26.33
N VAL D 45 25.60 -15.17 25.22
CA VAL D 45 25.17 -14.03 24.43
C VAL D 45 23.75 -14.36 23.96
N TYR D 46 23.60 -15.51 23.31
CA TYR D 46 22.30 -15.93 22.82
C TYR D 46 21.27 -16.10 23.91
N ALA D 47 21.68 -16.68 25.04
CA ALA D 47 20.74 -16.88 26.15
C ALA D 47 20.25 -15.55 26.69
N SER D 48 21.15 -14.56 26.76
CA SER D 48 20.82 -13.22 27.25
C SER D 48 19.79 -12.56 26.32
N ALA D 49 20.05 -12.65 25.03
CA ALA D 49 19.18 -12.08 24.00
C ALA D 49 17.78 -12.66 24.05
N LYS D 50 17.66 -13.97 23.96
CA LYS D 50 16.35 -14.60 23.98
C LYS D 50 15.58 -14.29 25.26
N LYS D 51 16.34 -14.09 26.35
CA LYS D 51 15.77 -13.79 27.65
C LYS D 51 15.15 -12.41 27.66
N ALA D 52 15.82 -11.47 26.98
CA ALA D 52 15.39 -10.08 26.91
C ALA D 52 14.41 -9.73 25.79
N GLN D 53 14.29 -10.60 24.78
CA GLN D 53 13.41 -10.35 23.66
C GLN D 53 11.96 -9.97 23.99
N PRO D 54 11.29 -10.76 24.85
CA PRO D 54 9.90 -10.49 25.22
C PRO D 54 9.56 -9.06 25.64
N ALA D 55 10.35 -8.51 26.54
CA ALA D 55 10.15 -7.15 27.05
C ALA D 55 10.55 -6.03 26.08
N TRP D 56 11.36 -6.35 25.07
CA TRP D 56 11.77 -5.38 24.07
C TRP D 56 10.59 -5.26 23.11
N ARG D 57 10.02 -6.41 22.79
CA ARG D 57 8.85 -6.46 21.94
C ARG D 57 7.71 -5.72 22.65
N ALA D 58 7.65 -5.84 23.98
CA ALA D 58 6.61 -5.19 24.76
C ALA D 58 6.63 -3.66 24.66
N LEU D 59 7.81 -3.08 24.49
CA LEU D 59 7.91 -1.64 24.37
C LEU D 59 7.11 -1.14 23.18
N SER D 60 6.90 0.16 23.13
CA SER D 60 6.17 0.76 22.04
C SER D 60 7.17 1.12 20.93
N TYR D 61 6.70 1.20 19.69
CA TYR D 61 7.59 1.54 18.59
C TYR D 61 8.29 2.86 18.85
N ILE D 62 7.53 3.83 19.38
CA ILE D 62 8.04 5.15 19.70
C ILE D 62 9.25 5.07 20.63
N GLU D 63 9.18 4.21 21.67
CA GLU D 63 10.27 4.01 22.62
C GLU D 63 11.48 3.34 21.99
N ARG D 64 11.25 2.34 21.13
CA ARG D 64 12.38 1.68 20.48
C ARG D 64 13.05 2.64 19.50
N ALA D 65 12.24 3.43 18.81
CA ALA D 65 12.77 4.40 17.85
C ALA D 65 13.57 5.47 18.59
N ALA D 66 13.16 5.76 19.83
CA ALA D 66 13.83 6.75 20.65
C ALA D 66 15.28 6.36 20.91
N TYR D 67 15.49 5.10 21.32
CA TYR D 67 16.81 4.55 21.59
C TYR D 67 17.70 4.63 20.35
N LEU D 68 17.13 4.18 19.23
CA LEU D 68 17.86 4.19 17.96
C LEU D 68 18.36 5.57 17.58
N HIS D 69 17.57 6.60 17.87
CA HIS D 69 17.97 7.98 17.58
C HIS D 69 19.12 8.39 18.49
N LYS D 70 19.06 7.99 19.76
CA LYS D 70 20.12 8.30 20.71
C LYS D 70 21.46 7.72 20.22
N VAL D 71 21.41 6.50 19.71
CA VAL D 71 22.60 5.82 19.19
C VAL D 71 23.20 6.64 18.04
N ALA D 72 22.38 6.98 17.05
CA ALA D 72 22.84 7.75 15.91
C ALA D 72 23.42 9.11 16.34
N ASP D 73 22.81 9.73 17.34
CA ASP D 73 23.29 11.03 17.81
C ASP D 73 24.70 10.86 18.32
N ILE D 74 24.92 9.82 19.13
CA ILE D 74 26.22 9.53 19.70
C ILE D 74 27.27 9.27 18.60
N LEU D 75 26.89 8.50 17.58
CA LEU D 75 27.80 8.20 16.48
C LEU D 75 28.27 9.49 15.80
N MET D 76 27.33 10.39 15.54
CA MET D 76 27.66 11.67 14.91
C MET D 76 28.60 12.45 15.80
N ARG D 77 28.39 12.37 17.10
CA ARG D 77 29.23 13.07 18.06
C ARG D 77 30.67 12.60 17.96
N ASP D 78 30.87 11.29 18.10
CA ASP D 78 32.19 10.68 18.05
C ASP D 78 32.55 10.19 16.64
N LYS D 79 32.17 10.93 15.61
CA LYS D 79 32.50 10.48 14.26
C LYS D 79 33.99 10.52 13.90
N GLU D 80 34.72 11.49 14.44
CA GLU D 80 36.15 11.59 14.15
C GLU D 80 36.93 10.52 14.91
N LYS D 81 36.58 10.31 16.18
CA LYS D 81 37.22 9.31 17.02
C LYS D 81 37.15 7.96 16.31
N ILE D 82 35.92 7.51 16.05
CA ILE D 82 35.67 6.24 15.38
C ILE D 82 36.30 6.20 13.98
N GLY D 83 36.16 7.30 13.23
CA GLY D 83 36.72 7.35 11.89
C GLY D 83 38.24 7.17 11.87
N ALA D 84 38.92 7.81 12.79
CA ALA D 84 40.36 7.70 12.87
C ALA D 84 40.83 6.24 12.97
N ILE D 85 40.16 5.45 13.83
CA ILE D 85 40.52 4.05 13.99
C ILE D 85 40.07 3.21 12.81
N LEU D 86 38.79 3.30 12.46
CA LEU D 86 38.25 2.54 11.34
C LEU D 86 39.14 2.72 10.10
N SER D 87 39.64 3.94 9.92
CA SER D 87 40.50 4.25 8.79
C SER D 87 41.75 3.40 8.80
N LYS D 88 42.31 3.22 10.00
CA LYS D 88 43.53 2.46 10.22
C LYS D 88 43.32 0.96 10.12
N GLU D 89 42.26 0.49 10.77
CA GLU D 89 41.95 -0.92 10.81
C GLU D 89 41.73 -1.57 9.45
N VAL D 90 41.10 -0.86 8.52
CA VAL D 90 40.85 -1.46 7.21
C VAL D 90 41.45 -0.71 6.02
N ALA D 91 42.47 0.10 6.27
CA ALA D 91 43.17 0.88 5.23
C ALA D 91 42.25 1.71 4.35
N LYS D 92 41.31 2.40 4.98
CA LYS D 92 40.37 3.23 4.27
C LYS D 92 40.78 4.68 4.51
N GLY D 93 40.59 5.55 3.52
CA GLY D 93 40.96 6.94 3.69
C GLY D 93 40.25 7.59 4.88
N TYR D 94 40.95 8.45 5.62
CA TYR D 94 40.35 9.09 6.79
C TYR D 94 38.96 9.70 6.57
N LYS D 95 38.88 10.68 5.69
CA LYS D 95 37.61 11.34 5.38
C LYS D 95 36.53 10.31 5.06
N SER D 96 36.86 9.38 4.18
CA SER D 96 35.94 8.33 3.78
C SER D 96 35.48 7.47 4.96
N ALA D 97 36.41 7.18 5.86
CA ALA D 97 36.08 6.39 7.03
C ALA D 97 35.07 7.13 7.89
N VAL D 98 35.21 8.45 7.95
CA VAL D 98 34.30 9.28 8.74
C VAL D 98 32.94 9.28 8.08
N SER D 99 32.93 9.25 6.76
CA SER D 99 31.67 9.23 6.02
C SER D 99 30.90 7.95 6.37
N GLU D 100 31.62 6.83 6.48
CA GLU D 100 30.98 5.57 6.83
C GLU D 100 30.23 5.66 8.16
N VAL D 101 30.83 6.34 9.14
CA VAL D 101 30.19 6.54 10.44
C VAL D 101 28.95 7.42 10.30
N VAL D 102 29.03 8.44 9.44
CA VAL D 102 27.89 9.34 9.24
C VAL D 102 26.74 8.61 8.55
N ARG D 103 27.03 7.91 7.47
CA ARG D 103 26.01 7.18 6.73
C ARG D 103 25.34 6.12 7.61
N THR D 104 26.07 5.63 8.63
CA THR D 104 25.53 4.64 9.54
C THR D 104 24.49 5.32 10.43
N ALA D 105 24.80 6.55 10.88
CA ALA D 105 23.88 7.29 11.73
C ALA D 105 22.61 7.53 10.91
N GLU D 106 22.80 7.88 9.64
CA GLU D 106 21.67 8.13 8.75
C GLU D 106 20.75 6.89 8.68
N ILE D 107 21.33 5.74 8.33
CA ILE D 107 20.57 4.50 8.23
C ILE D 107 19.86 4.14 9.54
N ILE D 108 20.54 4.37 10.67
CA ILE D 108 19.94 4.09 11.98
C ILE D 108 18.71 4.95 12.23
N ASN D 109 18.82 6.25 11.94
CA ASN D 109 17.71 7.18 12.12
C ASN D 109 16.59 6.84 11.13
N TYR D 110 16.94 6.63 9.87
CA TYR D 110 15.94 6.32 8.85
C TYR D 110 15.18 5.06 9.18
N ALA D 111 15.92 4.05 9.65
CA ALA D 111 15.33 2.78 10.05
C ALA D 111 14.39 3.00 11.22
N ALA D 112 14.78 3.87 12.15
CA ALA D 112 13.97 4.17 13.33
C ALA D 112 12.59 4.75 13.00
N GLU D 113 12.56 5.74 12.12
CA GLU D 113 11.30 6.37 11.73
C GLU D 113 10.48 5.54 10.78
N GLU D 114 11.15 4.77 9.92
CA GLU D 114 10.47 3.92 8.95
C GLU D 114 9.77 2.78 9.70
N GLY D 115 10.36 2.38 10.81
CA GLY D 115 9.83 1.29 11.59
C GLY D 115 8.54 1.53 12.33
N LEU D 116 8.31 2.74 12.82
CA LEU D 116 7.11 3.00 13.57
C LEU D 116 5.90 3.37 12.69
N ARG D 117 6.13 3.41 11.39
CA ARG D 117 5.06 3.72 10.45
C ARG D 117 4.73 2.50 9.60
N MET D 118 5.19 1.32 10.03
CA MET D 118 4.94 0.06 9.32
C MET D 118 3.60 -0.43 9.84
N GLU D 119 2.62 -0.58 8.95
CA GLU D 119 1.28 -0.98 9.38
C GLU D 119 0.72 -2.29 8.87
N GLY D 120 -0.41 -2.69 9.47
CA GLY D 120 -1.09 -3.93 9.13
C GLY D 120 -2.20 -3.74 8.15
N GLU D 121 -3.00 -4.79 7.96
CA GLU D 121 -4.12 -4.77 7.02
C GLU D 121 -5.31 -5.56 7.54
N VAL D 122 -6.50 -5.24 7.05
CA VAL D 122 -7.73 -5.92 7.44
C VAL D 122 -8.28 -6.54 6.16
N LEU D 123 -8.58 -7.84 6.18
CA LEU D 123 -9.07 -8.51 4.99
C LEU D 123 -10.54 -9.00 5.11
N GLU D 124 -11.25 -8.98 3.98
CA GLU D 124 -12.66 -9.37 3.94
C GLU D 124 -12.89 -10.80 3.48
N GLY D 125 -13.66 -11.56 4.25
CA GLY D 125 -13.95 -12.92 3.84
C GLY D 125 -14.81 -12.89 2.60
N GLY D 126 -15.60 -11.82 2.48
CA GLY D 126 -16.50 -11.63 1.34
C GLY D 126 -15.84 -11.38 -0.01
N SER D 127 -14.54 -11.08 -0.02
CA SER D 127 -13.81 -10.87 -1.26
C SER D 127 -13.59 -12.23 -1.92
N PHE D 128 -13.58 -13.31 -1.12
CA PHE D 128 -13.34 -14.65 -1.62
C PHE D 128 -14.60 -15.46 -1.77
N GLU D 129 -15.42 -15.49 -0.73
CA GLU D 129 -16.66 -16.22 -0.80
C GLU D 129 -17.76 -15.65 0.09
N ALA D 130 -18.91 -15.43 -0.55
CA ALA D 130 -20.08 -14.84 0.08
C ALA D 130 -20.36 -15.33 1.48
N ALA D 131 -20.32 -16.63 1.67
CA ALA D 131 -20.61 -17.24 2.95
C ALA D 131 -19.70 -16.77 4.09
N SER D 132 -18.57 -16.19 3.75
CA SER D 132 -17.63 -15.73 4.77
C SER D 132 -17.56 -14.20 4.81
N LYS D 133 -18.62 -13.55 4.34
CA LYS D 133 -18.65 -12.09 4.31
C LYS D 133 -18.51 -11.38 5.63
N LYS D 134 -18.90 -12.03 6.72
CA LYS D 134 -18.80 -11.43 8.05
C LYS D 134 -17.52 -11.79 8.77
N LYS D 135 -16.62 -12.46 8.06
CA LYS D 135 -15.36 -12.92 8.63
C LYS D 135 -14.25 -11.99 8.18
N ILE D 136 -13.47 -11.49 9.16
CA ILE D 136 -12.38 -10.58 8.82
C ILE D 136 -11.06 -10.98 9.46
N ALA D 137 -9.96 -10.59 8.80
CA ALA D 137 -8.63 -10.93 9.28
C ALA D 137 -7.81 -9.69 9.60
N VAL D 138 -7.54 -9.49 10.88
CA VAL D 138 -6.76 -8.36 11.35
C VAL D 138 -5.29 -8.78 11.37
N VAL D 139 -4.56 -8.43 10.32
CA VAL D 139 -3.16 -8.82 10.19
C VAL D 139 -2.15 -7.78 10.67
N ARG D 140 -1.32 -8.14 11.66
CA ARG D 140 -0.29 -7.23 12.17
C ARG D 140 1.08 -7.89 12.13
N ARG D 141 2.13 -7.08 11.93
CA ARG D 141 3.49 -7.61 11.85
C ARG D 141 4.05 -7.95 13.23
N GLU D 142 5.05 -8.83 13.28
CA GLU D 142 5.71 -9.24 14.51
C GLU D 142 7.19 -9.53 14.22
N PRO D 143 8.06 -9.42 15.23
CA PRO D 143 9.48 -9.68 15.00
C PRO D 143 9.74 -11.19 14.91
N VAL D 144 10.86 -11.58 14.31
CA VAL D 144 11.18 -12.99 14.20
C VAL D 144 11.88 -13.50 15.46
N GLY D 145 12.49 -12.58 16.21
CA GLY D 145 13.17 -12.98 17.44
C GLY D 145 14.60 -12.49 17.56
N LEU D 146 15.55 -13.42 17.51
CA LEU D 146 16.97 -13.11 17.62
C LEU D 146 17.52 -13.02 16.21
N VAL D 147 18.20 -11.94 15.88
CA VAL D 147 18.78 -11.75 14.56
C VAL D 147 20.31 -11.70 14.67
N LEU D 148 20.98 -12.48 13.83
CA LEU D 148 22.44 -12.54 13.81
C LEU D 148 22.91 -11.70 12.66
N ALA D 149 23.65 -10.63 12.97
CA ALA D 149 24.17 -9.74 11.93
C ALA D 149 25.67 -9.92 11.83
N ILE D 150 26.14 -10.11 10.59
CA ILE D 150 27.56 -10.29 10.30
C ILE D 150 27.97 -9.29 9.20
N SER D 151 28.76 -8.28 9.57
CA SER D 151 29.22 -7.26 8.61
C SER D 151 30.56 -7.60 7.95
N PRO D 152 30.84 -7.03 6.77
CA PRO D 152 32.07 -7.23 6.00
C PRO D 152 33.23 -6.33 6.45
N PHE D 153 34.43 -6.57 5.90
CA PHE D 153 35.59 -5.79 6.33
C PHE D 153 35.61 -4.40 5.68
N ASN D 154 35.01 -4.29 4.50
CA ASN D 154 35.04 -2.99 3.76
C ASN D 154 34.01 -1.96 4.33
N TYR D 155 33.01 -2.46 5.02
CA TYR D 155 32.00 -1.63 5.74
C TYR D 155 31.74 -2.31 7.09
N PRO D 156 32.63 -2.37 8.02
CA PRO D 156 32.37 -3.05 9.28
C PRO D 156 31.28 -2.39 10.09
N VAL D 157 31.12 -1.09 9.90
CA VAL D 157 30.14 -0.30 10.66
C VAL D 157 28.88 -0.03 9.84
N ASN D 158 28.99 0.58 8.65
CA ASN D 158 27.84 0.87 7.80
C ASN D 158 26.97 -0.35 7.49
N LEU D 159 27.61 -1.45 7.11
CA LEU D 159 26.88 -2.68 6.78
C LEU D 159 26.54 -3.50 8.02
N ALA D 160 26.61 -2.86 9.19
CA ALA D 160 26.27 -3.50 10.44
C ALA D 160 25.00 -2.80 10.92
N GLY D 161 25.01 -1.47 10.85
CA GLY D 161 23.86 -0.68 11.24
C GLY D 161 22.71 -0.94 10.30
N SER D 162 23.04 -1.17 9.04
CA SER D 162 22.02 -1.42 8.04
C SER D 162 21.21 -2.69 8.35
N LYS D 163 21.72 -3.51 9.27
CA LYS D 163 21.06 -4.76 9.68
C LYS D 163 20.50 -4.60 11.09
N ILE D 164 21.28 -3.96 11.96
CA ILE D 164 20.92 -3.73 13.36
C ILE D 164 19.68 -2.85 13.58
N ALA D 165 19.69 -1.64 13.02
CA ALA D 165 18.57 -0.72 13.18
C ALA D 165 17.22 -1.26 12.65
N PRO D 166 17.15 -1.75 11.40
CA PRO D 166 15.86 -2.26 10.91
C PRO D 166 15.35 -3.42 11.75
N ALA D 167 16.28 -4.20 12.30
CA ALA D 167 15.91 -5.36 13.11
C ALA D 167 15.37 -4.97 14.48
N LEU D 168 16.08 -4.08 15.17
CA LEU D 168 15.68 -3.66 16.50
C LEU D 168 14.37 -2.87 16.58
N ILE D 169 14.13 -1.97 15.64
CA ILE D 169 12.91 -1.18 15.66
C ILE D 169 11.64 -2.03 15.58
N ALA D 170 11.75 -3.17 14.92
CA ALA D 170 10.63 -4.09 14.75
C ALA D 170 10.34 -4.94 15.99
N GLY D 171 11.29 -5.02 16.91
CA GLY D 171 11.11 -5.82 18.10
C GLY D 171 12.04 -7.03 18.23
N ASN D 172 13.02 -7.16 17.33
CA ASN D 172 13.97 -8.27 17.37
C ASN D 172 15.12 -7.90 18.29
N VAL D 173 15.93 -8.89 18.68
CA VAL D 173 17.13 -8.67 19.50
C VAL D 173 18.32 -8.97 18.59
N ILE D 174 19.49 -8.43 18.92
CA ILE D 174 20.65 -8.60 18.07
C ILE D 174 21.92 -9.17 18.68
N ALA D 175 22.64 -9.93 17.85
CA ALA D 175 23.92 -10.53 18.19
C ALA D 175 24.82 -10.13 17.02
N PHE D 176 25.62 -9.09 17.23
CA PHE D 176 26.52 -8.55 16.20
C PHE D 176 27.88 -9.24 16.13
N LYS D 177 28.19 -9.75 14.94
CA LYS D 177 29.47 -10.40 14.70
C LYS D 177 30.23 -9.66 13.59
N PRO D 178 31.08 -8.69 13.94
CA PRO D 178 31.86 -7.92 12.97
C PRO D 178 33.01 -8.76 12.37
N PRO D 179 33.62 -8.30 11.27
CA PRO D 179 34.72 -9.08 10.71
C PRO D 179 35.91 -8.92 11.66
N THR D 180 36.77 -9.93 11.79
CA THR D 180 37.93 -9.84 12.67
C THR D 180 38.73 -8.60 12.29
N GLN D 181 38.98 -8.42 11.00
CA GLN D 181 39.69 -7.22 10.54
C GLN D 181 38.58 -6.18 10.42
N GLY D 182 38.36 -5.45 11.50
CA GLY D 182 37.31 -4.45 11.53
C GLY D 182 36.51 -4.68 12.80
N SER D 183 37.05 -5.53 13.68
CA SER D 183 36.39 -5.85 14.95
C SER D 183 36.55 -4.78 16.03
N ILE D 184 37.55 -3.93 15.89
CA ILE D 184 37.73 -2.84 16.84
C ILE D 184 36.64 -1.83 16.51
N SER D 185 36.55 -1.47 15.22
CA SER D 185 35.55 -0.53 14.73
C SER D 185 34.16 -1.06 15.05
N GLY D 186 33.98 -2.38 14.90
CA GLY D 186 32.71 -2.99 15.19
C GLY D 186 32.37 -2.83 16.66
N LEU D 187 33.38 -2.93 17.52
CA LEU D 187 33.19 -2.79 18.95
C LEU D 187 33.06 -1.31 19.33
N LEU D 188 33.61 -0.43 18.49
CA LEU D 188 33.49 1.02 18.73
C LEU D 188 32.02 1.39 18.48
N LEU D 189 31.37 0.71 17.54
CA LEU D 189 29.96 0.94 17.25
C LEU D 189 29.14 0.46 18.43
N ALA D 190 29.50 -0.71 18.98
CA ALA D 190 28.77 -1.27 20.12
C ALA D 190 28.78 -0.30 21.30
N GLU D 191 29.82 0.52 21.39
CA GLU D 191 29.91 1.49 22.47
C GLU D 191 28.73 2.47 22.43
N ALA D 192 28.31 2.82 21.20
CA ALA D 192 27.20 3.73 20.98
C ALA D 192 25.91 3.13 21.48
N PHE D 193 25.72 1.83 21.21
CA PHE D 193 24.51 1.14 21.66
C PHE D 193 24.52 1.00 23.17
N ALA D 194 25.71 0.95 23.75
CA ALA D 194 25.84 0.81 25.19
C ALA D 194 25.47 2.13 25.88
N GLU D 195 26.02 3.24 25.37
CA GLU D 195 25.74 4.58 25.93
C GLU D 195 24.25 4.96 25.78
N ALA D 196 23.67 4.63 24.63
CA ALA D 196 22.27 4.93 24.37
C ALA D 196 21.37 4.35 25.46
N GLY D 197 21.89 3.38 26.20
CA GLY D 197 21.13 2.77 27.26
C GLY D 197 20.06 1.72 26.97
N LEU D 198 20.10 1.06 25.81
CA LEU D 198 19.11 0.04 25.50
C LEU D 198 19.13 -1.02 26.61
N PRO D 199 17.99 -1.67 26.88
CA PRO D 199 17.92 -2.70 27.92
C PRO D 199 18.97 -3.81 27.72
N ALA D 200 19.54 -4.30 28.81
CA ALA D 200 20.56 -5.36 28.75
C ALA D 200 20.01 -6.57 28.04
N GLY D 201 20.81 -7.12 27.12
CA GLY D 201 20.42 -8.29 26.37
C GLY D 201 19.81 -8.02 25.01
N VAL D 202 19.40 -6.76 24.78
CA VAL D 202 18.80 -6.38 23.49
C VAL D 202 19.81 -6.33 22.35
N PHE D 203 21.00 -5.77 22.61
CA PHE D 203 22.05 -5.68 21.61
C PHE D 203 23.32 -6.31 22.17
N ASN D 204 23.87 -7.28 21.43
CA ASN D 204 25.08 -7.96 21.87
C ASN D 204 26.08 -8.15 20.75
N THR D 205 27.36 -8.23 21.11
CA THR D 205 28.42 -8.46 20.14
C THR D 205 29.10 -9.81 20.40
N ILE D 206 29.61 -10.42 19.33
CA ILE D 206 30.31 -11.68 19.38
C ILE D 206 31.55 -11.52 18.52
N THR D 207 32.72 -11.68 19.10
CA THR D 207 33.96 -11.59 18.35
C THR D 207 34.74 -12.87 18.53
N GLY D 208 35.63 -13.14 17.58
CA GLY D 208 36.43 -14.34 17.66
C GLY D 208 36.72 -14.90 16.30
N ARG D 209 37.61 -15.88 16.29
CA ARG D 209 38.04 -16.56 15.08
C ARG D 209 36.88 -17.09 14.26
N GLY D 210 36.62 -16.43 13.11
CA GLY D 210 35.55 -16.83 12.22
C GLY D 210 35.62 -18.29 11.85
N SER D 211 36.75 -18.92 12.14
CA SER D 211 36.96 -20.35 11.86
C SER D 211 36.57 -21.09 13.12
N GLU D 212 37.16 -20.69 14.25
CA GLU D 212 36.85 -21.32 15.54
C GLU D 212 35.37 -21.28 15.90
N ILE D 213 34.69 -20.18 15.62
CA ILE D 213 33.28 -20.06 15.97
C ILE D 213 32.28 -19.83 14.84
N GLY D 214 32.78 -19.62 13.62
CA GLY D 214 31.90 -19.38 12.48
C GLY D 214 30.61 -20.21 12.35
N ASP D 215 30.74 -21.49 11.98
CA ASP D 215 29.57 -22.35 11.80
C ASP D 215 28.75 -22.46 13.07
N TYR D 216 29.43 -22.44 14.21
CA TYR D 216 28.76 -22.56 15.49
C TYR D 216 27.67 -21.51 15.70
N ILE D 217 28.03 -20.24 15.48
CA ILE D 217 27.09 -19.13 15.67
C ILE D 217 25.92 -19.14 14.71
N VAL D 218 26.13 -19.64 13.49
CA VAL D 218 25.06 -19.69 12.51
C VAL D 218 24.13 -20.88 12.78
N GLU D 219 24.72 -22.06 13.03
CA GLU D 219 23.93 -23.28 13.26
C GLU D 219 23.16 -23.34 14.56
N HIS D 220 23.55 -22.50 15.51
CA HIS D 220 22.89 -22.44 16.82
C HIS D 220 21.38 -22.33 16.66
N GLN D 221 20.65 -23.15 17.41
CA GLN D 221 19.18 -23.16 17.33
C GLN D 221 18.47 -21.91 17.88
N ALA D 222 19.21 -21.08 18.60
CA ALA D 222 18.64 -19.85 19.17
C ALA D 222 18.45 -18.73 18.15
N VAL D 223 19.26 -18.75 17.09
CA VAL D 223 19.20 -17.76 16.02
C VAL D 223 18.01 -17.99 15.11
N ASN D 224 17.16 -16.98 14.94
CA ASN D 224 15.97 -17.10 14.10
C ASN D 224 16.11 -16.54 12.69
N PHE D 225 17.11 -15.71 12.47
CA PHE D 225 17.33 -15.09 11.17
C PHE D 225 18.81 -14.79 11.01
N ILE D 226 19.39 -15.12 9.86
CA ILE D 226 20.81 -14.83 9.63
C ILE D 226 20.99 -13.77 8.56
N ASN D 227 21.53 -12.63 8.97
CA ASN D 227 21.76 -11.48 8.08
C ASN D 227 23.27 -11.39 7.86
N PHE D 228 23.70 -11.71 6.64
CA PHE D 228 25.12 -11.77 6.32
C PHE D 228 25.56 -10.99 5.11
N THR D 229 26.80 -10.50 5.16
CA THR D 229 27.40 -9.78 4.05
C THR D 229 28.87 -10.19 3.96
N GLY D 230 29.22 -10.87 2.88
CA GLY D 230 30.58 -11.34 2.69
C GLY D 230 30.74 -12.06 1.36
N SER D 231 31.66 -13.03 1.31
CA SER D 231 31.93 -13.77 0.06
C SER D 231 30.85 -14.79 -0.27
N THR D 232 30.82 -15.18 -1.55
CA THR D 232 29.84 -16.15 -2.02
C THR D 232 30.02 -17.48 -1.32
N GLY D 233 31.28 -17.86 -1.12
CA GLY D 233 31.60 -19.09 -0.44
C GLY D 233 30.92 -19.27 0.90
N ILE D 234 31.05 -18.29 1.79
CA ILE D 234 30.40 -18.40 3.10
C ILE D 234 28.90 -18.25 2.97
N GLY D 235 28.46 -17.35 2.08
CA GLY D 235 27.06 -17.14 1.89
C GLY D 235 26.35 -18.44 1.59
N GLU D 236 26.97 -19.22 0.71
CA GLU D 236 26.42 -20.51 0.34
C GLU D 236 26.33 -21.45 1.54
N ARG D 237 27.39 -21.50 2.35
CA ARG D 237 27.41 -22.35 3.54
C ARG D 237 26.29 -21.95 4.48
N ILE D 238 26.10 -20.64 4.63
CA ILE D 238 25.07 -20.09 5.50
C ILE D 238 23.67 -20.47 5.03
N GLY D 239 23.48 -20.51 3.72
CA GLY D 239 22.19 -20.87 3.18
C GLY D 239 21.79 -22.29 3.52
N LYS D 240 22.78 -23.14 3.72
CA LYS D 240 22.58 -24.54 4.05
C LYS D 240 22.47 -24.70 5.57
N MET D 241 23.35 -24.01 6.29
CA MET D 241 23.35 -24.07 7.75
C MET D 241 22.12 -23.42 8.35
N ALA D 242 21.49 -22.55 7.57
CA ALA D 242 20.28 -21.86 8.01
C ALA D 242 19.15 -22.85 8.10
N GLY D 243 19.15 -23.82 7.18
CA GLY D 243 18.11 -24.83 7.17
C GLY D 243 16.89 -24.22 6.51
N MET D 244 15.81 -24.07 7.26
CA MET D 244 14.62 -23.44 6.71
C MET D 244 14.34 -22.11 7.40
N ARG D 245 15.34 -21.64 8.16
CA ARG D 245 15.27 -20.36 8.86
C ARG D 245 15.53 -19.30 7.79
N PRO D 246 14.91 -18.12 7.95
CA PRO D 246 15.08 -17.01 7.00
C PRO D 246 16.48 -16.42 7.02
N ILE D 247 16.91 -15.91 5.86
CA ILE D 247 18.23 -15.30 5.72
C ILE D 247 18.22 -14.08 4.78
N MET D 248 19.30 -13.32 4.84
CA MET D 248 19.50 -12.16 3.99
C MET D 248 20.98 -12.26 3.65
N LEU D 249 21.29 -12.38 2.38
CA LEU D 249 22.69 -12.53 1.97
C LEU D 249 23.09 -11.58 0.85
N GLU D 250 24.15 -10.82 1.06
CA GLU D 250 24.64 -9.92 0.01
C GLU D 250 26.02 -10.44 -0.28
N LEU D 251 26.13 -11.18 -1.37
CA LEU D 251 27.40 -11.80 -1.74
C LEU D 251 28.20 -10.93 -2.70
N GLY D 252 28.97 -11.55 -3.60
CA GLY D 252 29.79 -10.78 -4.51
C GLY D 252 29.11 -10.18 -5.72
N GLY D 253 29.91 -9.59 -6.60
CA GLY D 253 29.38 -9.01 -7.80
C GLY D 253 30.45 -8.70 -8.84
N LYS D 254 30.05 -8.67 -10.10
CA LYS D 254 30.94 -8.37 -11.22
C LYS D 254 30.14 -7.43 -12.15
N ASP D 255 29.70 -6.30 -11.57
CA ASP D 255 28.88 -5.31 -12.25
C ASP D 255 29.43 -4.79 -13.55
N SER D 256 28.63 -4.89 -14.60
CA SER D 256 29.03 -4.39 -15.91
C SER D 256 28.52 -2.98 -16.14
N ALA D 257 29.12 -2.31 -17.12
CA ALA D 257 28.74 -0.94 -17.50
C ALA D 257 28.66 -0.97 -19.01
N ILE D 258 27.44 -1.07 -19.52
CA ILE D 258 27.23 -1.15 -20.96
C ILE D 258 27.28 0.25 -21.56
N VAL D 259 28.15 0.46 -22.52
CA VAL D 259 28.29 1.76 -23.16
C VAL D 259 27.89 1.71 -24.62
N LEU D 260 26.73 2.28 -24.94
CA LEU D 260 26.23 2.32 -26.30
C LEU D 260 26.88 3.43 -27.15
N GLU D 261 26.75 3.31 -28.47
CA GLU D 261 27.35 4.26 -29.40
C GLU D 261 26.91 5.70 -29.27
N ASP D 262 25.78 5.95 -28.60
CA ASP D 262 25.30 7.32 -28.44
C ASP D 262 25.54 7.92 -27.07
N ALA D 263 26.29 7.20 -26.23
CA ALA D 263 26.60 7.64 -24.87
C ALA D 263 27.47 8.90 -24.78
N ASP D 264 27.40 9.57 -23.64
CA ASP D 264 28.20 10.76 -23.35
C ASP D 264 29.53 10.25 -22.80
N LEU D 265 30.48 9.97 -23.69
CA LEU D 265 31.77 9.42 -23.32
C LEU D 265 32.49 10.11 -22.16
N GLU D 266 32.32 11.42 -22.02
CA GLU D 266 32.98 12.13 -20.91
C GLU D 266 32.24 11.81 -19.62
N LEU D 267 30.92 11.94 -19.67
CA LEU D 267 30.07 11.65 -18.51
C LEU D 267 30.30 10.19 -18.14
N THR D 268 30.45 9.34 -19.15
CA THR D 268 30.66 7.92 -18.94
C THR D 268 32.03 7.63 -18.31
N ALA D 269 33.09 8.20 -18.88
CA ALA D 269 34.45 7.99 -18.36
C ALA D 269 34.53 8.40 -16.90
N LYS D 270 33.85 9.50 -16.56
CA LYS D 270 33.83 10.01 -15.19
C LYS D 270 33.18 9.02 -14.21
N ASN D 271 32.01 8.51 -14.59
CA ASN D 271 31.27 7.57 -13.75
C ASN D 271 31.95 6.21 -13.60
N ILE D 272 32.50 5.71 -14.71
CA ILE D 272 33.19 4.42 -14.70
C ILE D 272 34.44 4.44 -13.83
N ILE D 273 35.17 5.56 -13.82
CA ILE D 273 36.38 5.66 -12.99
C ILE D 273 36.03 5.66 -11.50
N ALA D 274 35.07 6.48 -11.12
CA ALA D 274 34.64 6.61 -9.73
C ALA D 274 34.02 5.34 -9.18
N GLY D 275 33.43 4.54 -10.08
CA GLY D 275 32.82 3.30 -9.65
C GLY D 275 33.82 2.19 -9.57
N ALA D 276 34.58 2.02 -10.64
CA ALA D 276 35.59 0.98 -10.72
C ALA D 276 36.70 1.10 -9.68
N PHE D 277 37.26 2.30 -9.54
CA PHE D 277 38.36 2.50 -8.60
C PHE D 277 38.05 2.98 -7.19
N GLY D 278 36.79 2.92 -6.79
CA GLY D 278 36.44 3.35 -5.45
C GLY D 278 36.91 2.35 -4.41
N TYR D 279 37.70 2.81 -3.44
CA TYR D 279 38.23 1.98 -2.38
C TYR D 279 39.10 0.86 -2.96
N SER D 280 39.84 1.22 -4.02
CA SER D 280 40.74 0.28 -4.68
C SER D 280 40.00 -0.92 -5.23
N GLY D 281 38.76 -0.73 -5.65
CA GLY D 281 38.00 -1.83 -6.18
C GLY D 281 37.45 -2.78 -5.12
N GLN D 282 37.64 -2.44 -3.86
CA GLN D 282 37.16 -3.27 -2.77
C GLN D 282 35.72 -2.97 -2.37
N ARG D 283 34.84 -2.98 -3.38
CA ARG D 283 33.40 -2.71 -3.22
C ARG D 283 32.64 -3.71 -4.09
N SER D 284 31.64 -4.38 -3.50
CA SER D 284 30.86 -5.35 -4.25
C SER D 284 30.04 -4.71 -5.32
N THR D 285 29.72 -3.42 -5.13
CA THR D 285 28.91 -2.68 -6.10
C THR D 285 29.72 -1.80 -7.05
N ALA D 286 31.02 -2.05 -7.16
CA ALA D 286 31.85 -1.28 -8.07
C ALA D 286 31.69 -1.77 -9.51
N VAL D 287 31.99 -0.91 -10.47
CA VAL D 287 31.93 -1.23 -11.90
C VAL D 287 33.11 -2.14 -12.14
N LYS D 288 32.86 -3.42 -12.37
CA LYS D 288 33.96 -4.36 -12.58
C LYS D 288 34.29 -4.80 -14.01
N ARG D 289 33.53 -4.33 -14.99
CA ARG D 289 33.79 -4.67 -16.38
C ARG D 289 33.02 -3.74 -17.31
N VAL D 290 33.70 -3.25 -18.33
CA VAL D 290 33.08 -2.35 -19.30
C VAL D 290 32.79 -3.09 -20.61
N LEU D 291 31.52 -3.08 -21.02
CA LEU D 291 31.12 -3.72 -22.27
C LEU D 291 30.77 -2.57 -23.19
N VAL D 292 31.78 -2.07 -23.90
CA VAL D 292 31.61 -0.93 -24.81
C VAL D 292 31.54 -1.30 -26.29
N MET D 293 30.62 -0.64 -27.00
CA MET D 293 30.44 -0.86 -28.44
C MET D 293 31.73 -0.40 -29.12
N GLU D 294 32.27 -1.27 -29.97
CA GLU D 294 33.53 -1.01 -30.67
C GLU D 294 33.73 0.40 -31.21
N SER D 295 32.73 0.93 -31.92
CA SER D 295 32.86 2.26 -32.51
C SER D 295 33.27 3.40 -31.56
N VAL D 296 32.98 3.27 -30.27
CA VAL D 296 33.36 4.30 -29.30
C VAL D 296 34.38 3.83 -28.27
N ALA D 297 34.83 2.58 -28.38
CA ALA D 297 35.80 1.99 -27.48
C ALA D 297 37.11 2.79 -27.38
N ASP D 298 37.73 3.10 -28.52
CA ASP D 298 38.99 3.83 -28.53
C ASP D 298 38.93 5.17 -27.80
N GLU D 299 37.94 5.99 -28.15
CA GLU D 299 37.79 7.31 -27.53
C GLU D 299 37.52 7.23 -26.04
N LEU D 300 36.59 6.36 -25.67
CA LEU D 300 36.22 6.14 -24.28
C LEU D 300 37.43 5.70 -23.48
N VAL D 301 38.08 4.64 -23.94
CA VAL D 301 39.24 4.12 -23.26
C VAL D 301 40.32 5.18 -22.99
N GLU D 302 40.56 6.07 -23.95
CA GLU D 302 41.56 7.12 -23.75
C GLU D 302 41.20 8.04 -22.59
N LYS D 303 39.91 8.37 -22.48
CA LYS D 303 39.43 9.23 -21.39
C LYS D 303 39.72 8.53 -20.07
N ILE D 304 39.24 7.29 -19.95
CA ILE D 304 39.44 6.50 -18.75
C ILE D 304 40.92 6.43 -18.39
N ARG D 305 41.76 6.26 -19.40
CA ARG D 305 43.20 6.16 -19.21
C ARG D 305 43.79 7.39 -18.58
N GLU D 306 43.43 8.55 -19.12
CA GLU D 306 43.94 9.80 -18.61
C GLU D 306 43.44 10.03 -17.20
N LYS D 307 42.18 9.70 -16.98
CA LYS D 307 41.56 9.87 -15.67
C LYS D 307 42.20 8.99 -14.59
N VAL D 308 42.62 7.78 -14.98
CA VAL D 308 43.26 6.85 -14.04
C VAL D 308 44.56 7.49 -13.56
N LEU D 309 45.28 8.08 -14.50
CA LEU D 309 46.55 8.76 -14.21
C LEU D 309 46.41 9.91 -13.22
N ALA D 310 45.18 10.24 -12.85
CA ALA D 310 44.95 11.33 -11.91
C ALA D 310 44.60 10.85 -10.50
N LEU D 311 44.41 9.53 -10.36
CA LEU D 311 44.08 8.95 -9.06
C LEU D 311 45.29 8.96 -8.14
N THR D 312 45.11 9.51 -6.95
CA THR D 312 46.19 9.57 -5.96
C THR D 312 46.39 8.17 -5.39
N ILE D 313 47.64 7.83 -5.12
CA ILE D 313 48.01 6.51 -4.60
C ILE D 313 48.81 6.67 -3.33
N GLY D 314 48.39 6.02 -2.25
CA GLY D 314 49.14 6.14 -1.02
C GLY D 314 48.49 5.67 0.27
N ASN D 315 48.74 6.43 1.34
CA ASN D 315 48.24 6.11 2.67
C ASN D 315 46.89 6.69 3.08
N PRO D 316 46.16 5.94 3.92
CA PRO D 316 44.84 6.30 4.44
C PRO D 316 44.82 7.73 5.01
N GLU D 317 45.73 7.98 5.94
CA GLU D 317 45.83 9.29 6.57
C GLU D 317 45.98 10.41 5.53
N ASP D 318 46.35 10.05 4.31
CA ASP D 318 46.51 11.05 3.25
C ASP D 318 45.35 11.05 2.27
N ASP D 319 44.26 10.36 2.62
CA ASP D 319 43.10 10.30 1.75
C ASP D 319 43.46 9.98 0.29
N ALA D 320 44.30 8.96 0.11
CA ALA D 320 44.72 8.55 -1.21
C ALA D 320 43.55 7.86 -1.87
N ASP D 321 43.42 8.00 -3.19
CA ASP D 321 42.34 7.34 -3.90
C ASP D 321 42.57 5.84 -3.79
N ILE D 322 43.80 5.42 -4.08
CA ILE D 322 44.18 4.03 -4.03
C ILE D 322 45.08 3.78 -2.83
N THR D 323 44.58 2.94 -1.91
CA THR D 323 45.32 2.58 -0.69
C THR D 323 45.63 1.07 -0.69
N PRO D 324 46.48 0.62 0.25
CA PRO D 324 46.85 -0.79 0.35
C PRO D 324 45.64 -1.70 0.53
N LEU D 325 45.63 -2.83 -0.19
CA LEU D 325 44.54 -3.79 -0.11
C LEU D 325 44.51 -4.35 1.30
N ILE D 326 43.34 -4.86 1.70
CA ILE D 326 43.16 -5.38 3.06
C ILE D 326 44.26 -6.30 3.57
N ASP D 327 44.80 -7.16 2.70
CA ASP D 327 45.89 -8.07 3.09
C ASP D 327 46.65 -8.69 1.91
N THR D 328 47.69 -9.45 2.25
CA THR D 328 48.54 -10.10 1.25
C THR D 328 47.85 -11.19 0.45
N LYS D 329 47.10 -12.04 1.14
CA LYS D 329 46.37 -13.10 0.47
C LYS D 329 45.55 -12.49 -0.68
N SER D 330 45.01 -11.30 -0.42
CA SER D 330 44.19 -10.57 -1.39
C SER D 330 45.01 -9.98 -2.52
N ALA D 331 46.00 -9.17 -2.17
CA ALA D 331 46.86 -8.53 -3.17
C ALA D 331 47.48 -9.58 -4.09
N ASP D 332 47.73 -10.77 -3.55
CA ASP D 332 48.29 -11.87 -4.34
C ASP D 332 47.25 -12.30 -5.38
N TYR D 333 46.03 -12.61 -4.91
CA TYR D 333 44.95 -13.03 -5.79
C TYR D 333 44.77 -12.06 -6.96
N VAL D 334 44.78 -10.77 -6.65
CA VAL D 334 44.62 -9.75 -7.68
C VAL D 334 45.75 -9.88 -8.68
N GLU D 335 46.96 -10.03 -8.16
CA GLU D 335 48.15 -10.18 -8.99
C GLU D 335 48.02 -11.33 -9.98
N GLY D 336 47.31 -12.37 -9.55
CA GLY D 336 47.09 -13.53 -10.39
C GLY D 336 46.26 -13.16 -11.59
N LEU D 337 45.13 -12.52 -11.32
CA LEU D 337 44.20 -12.09 -12.35
C LEU D 337 44.89 -11.16 -13.36
N ILE D 338 45.75 -10.29 -12.83
CA ILE D 338 46.48 -9.35 -13.67
C ILE D 338 47.35 -10.09 -14.69
N ASN D 339 48.24 -10.94 -14.19
CA ASN D 339 49.13 -11.76 -15.01
C ASN D 339 48.37 -12.54 -16.07
N ASP D 340 47.43 -13.38 -15.65
CA ASP D 340 46.64 -14.18 -16.57
C ASP D 340 46.16 -13.38 -17.77
N ALA D 341 45.55 -12.23 -17.50
CA ALA D 341 45.01 -11.38 -18.54
C ALA D 341 46.14 -10.90 -19.41
N ASN D 342 47.18 -10.38 -18.76
CA ASN D 342 48.36 -9.88 -19.44
C ASN D 342 48.95 -10.95 -20.35
N ASP D 343 49.15 -12.15 -19.82
CA ASP D 343 49.69 -13.29 -20.56
C ASP D 343 48.81 -13.61 -21.77
N LYS D 344 47.50 -13.61 -21.57
CA LYS D 344 46.57 -13.90 -22.64
C LYS D 344 46.41 -12.83 -23.72
N GLY D 345 47.16 -11.74 -23.59
CA GLY D 345 47.07 -10.70 -24.60
C GLY D 345 46.40 -9.39 -24.22
N ALA D 346 45.83 -9.31 -23.01
CA ALA D 346 45.20 -8.06 -22.58
C ALA D 346 46.24 -6.95 -22.72
N THR D 347 45.79 -5.70 -22.74
CA THR D 347 46.71 -4.58 -22.91
C THR D 347 46.63 -3.58 -21.76
N ALA D 348 47.62 -3.61 -20.86
CA ALA D 348 47.64 -2.69 -19.73
C ALA D 348 48.00 -1.29 -20.23
N LEU D 349 47.07 -0.35 -20.11
CA LEU D 349 47.30 1.02 -20.56
C LEU D 349 47.94 1.84 -19.46
N THR D 350 47.91 1.32 -18.23
CA THR D 350 48.54 2.00 -17.10
C THR D 350 49.56 1.01 -16.52
N GLU D 351 50.53 1.52 -15.77
CA GLU D 351 51.59 0.70 -15.19
C GLU D 351 51.19 -0.36 -14.18
N ILE D 352 51.70 -1.58 -14.39
CA ILE D 352 51.46 -2.67 -13.47
C ILE D 352 52.57 -2.55 -12.43
N LYS D 353 52.22 -2.37 -11.17
CA LYS D 353 53.23 -2.21 -10.12
C LYS D 353 52.65 -2.46 -8.73
N ARG D 354 53.35 -3.25 -7.91
CA ARG D 354 52.87 -3.55 -6.56
C ARG D 354 53.94 -3.21 -5.53
N GLU D 355 53.55 -2.42 -4.54
CA GLU D 355 54.45 -2.02 -3.46
C GLU D 355 53.88 -2.62 -2.17
N GLY D 356 54.37 -3.80 -1.81
CA GLY D 356 53.85 -4.45 -0.63
C GLY D 356 52.49 -5.00 -0.95
N ASN D 357 51.45 -4.30 -0.49
CA ASN D 357 50.09 -4.72 -0.76
C ASN D 357 49.38 -3.62 -1.53
N LEU D 358 50.16 -2.63 -1.94
CA LEU D 358 49.63 -1.49 -2.69
C LEU D 358 49.81 -1.76 -4.17
N ILE D 359 48.73 -2.15 -4.83
CA ILE D 359 48.75 -2.38 -6.25
C ILE D 359 48.21 -1.11 -6.93
N CYS D 360 48.98 -0.56 -7.86
CA CYS D 360 48.57 0.64 -8.58
C CYS D 360 47.43 0.28 -9.51
N PRO D 361 46.52 1.24 -9.78
CA PRO D 361 45.35 1.07 -10.66
C PRO D 361 45.69 0.75 -12.10
N ILE D 362 45.21 -0.40 -12.56
CA ILE D 362 45.48 -0.88 -13.91
C ILE D 362 44.25 -0.84 -14.79
N LEU D 363 44.46 -0.42 -16.04
CA LEU D 363 43.40 -0.37 -17.03
C LEU D 363 43.81 -1.35 -18.12
N PHE D 364 43.06 -2.45 -18.24
CA PHE D 364 43.32 -3.48 -19.25
C PHE D 364 42.34 -3.35 -20.40
N ASP D 365 42.85 -3.00 -21.56
CA ASP D 365 42.01 -2.89 -22.74
C ASP D 365 42.20 -4.24 -23.43
N LYS D 366 41.35 -4.53 -24.41
CA LYS D 366 41.44 -5.77 -25.16
C LYS D 366 41.25 -7.06 -24.35
N VAL D 367 40.60 -6.95 -23.19
CA VAL D 367 40.32 -8.14 -22.38
C VAL D 367 39.29 -8.95 -23.12
N THR D 368 39.35 -10.27 -22.96
CA THR D 368 38.41 -11.16 -23.64
C THR D 368 37.77 -12.14 -22.69
N THR D 369 36.78 -12.84 -23.22
CA THR D 369 36.02 -13.81 -22.48
C THR D 369 36.86 -14.96 -21.92
N ASP D 370 38.02 -15.21 -22.52
CA ASP D 370 38.92 -16.30 -22.13
C ASP D 370 39.87 -15.92 -21.02
N MET D 371 39.68 -14.74 -20.45
CA MET D 371 40.54 -14.28 -19.36
C MET D 371 39.80 -14.34 -18.03
N ARG D 372 40.53 -14.62 -16.96
CA ARG D 372 39.91 -14.72 -15.64
C ARG D 372 39.36 -13.38 -15.21
N LEU D 373 40.06 -12.31 -15.58
CA LEU D 373 39.66 -10.95 -15.24
C LEU D 373 38.29 -10.58 -15.80
N ALA D 374 37.88 -11.24 -16.88
CA ALA D 374 36.59 -10.97 -17.48
C ALA D 374 35.40 -11.49 -16.67
N TRP D 375 35.65 -12.37 -15.69
CA TRP D 375 34.56 -12.96 -14.89
C TRP D 375 34.73 -12.96 -13.38
N GLU D 376 35.94 -13.24 -12.92
CA GLU D 376 36.24 -13.30 -11.49
C GLU D 376 36.30 -11.93 -10.82
N GLU D 377 35.73 -11.84 -9.62
CA GLU D 377 35.70 -10.60 -8.83
C GLU D 377 37.06 -10.38 -8.16
N PRO D 378 37.85 -9.43 -8.68
CA PRO D 378 39.17 -9.15 -8.11
C PRO D 378 39.20 -8.55 -6.70
N PHE D 379 38.48 -7.44 -6.52
CA PHE D 379 38.44 -6.70 -5.25
C PHE D 379 39.80 -6.04 -5.10
N GLY D 380 40.24 -5.46 -6.21
CA GLY D 380 41.51 -4.76 -6.32
C GLY D 380 41.35 -3.74 -7.44
N PRO D 381 42.26 -2.77 -7.58
CA PRO D 381 42.16 -1.75 -8.64
C PRO D 381 42.52 -2.17 -10.05
N VAL D 382 41.71 -3.04 -10.65
CA VAL D 382 41.96 -3.53 -12.00
C VAL D 382 40.65 -3.47 -12.76
N LEU D 383 40.67 -2.85 -13.94
CA LEU D 383 39.44 -2.70 -14.73
C LEU D 383 39.60 -3.20 -16.15
N PRO D 384 38.84 -4.24 -16.52
CA PRO D 384 38.89 -4.79 -17.88
C PRO D 384 37.90 -4.12 -18.81
N ILE D 385 38.33 -3.86 -20.04
CA ILE D 385 37.47 -3.26 -21.06
C ILE D 385 37.17 -4.32 -22.13
N ILE D 386 35.94 -4.80 -22.18
CA ILE D 386 35.58 -5.81 -23.20
C ILE D 386 34.80 -5.11 -24.32
N ARG D 387 35.36 -5.12 -25.53
CA ARG D 387 34.74 -4.49 -26.68
C ARG D 387 33.72 -5.38 -27.39
N VAL D 388 32.47 -4.92 -27.48
CA VAL D 388 31.45 -5.70 -28.17
C VAL D 388 31.07 -5.03 -29.48
N THR D 389 30.28 -5.71 -30.29
CA THR D 389 29.86 -5.15 -31.57
C THR D 389 28.35 -5.04 -31.66
N SER D 390 27.66 -5.26 -30.55
CA SER D 390 26.19 -5.16 -30.52
C SER D 390 25.61 -5.21 -29.10
N VAL D 391 24.52 -4.47 -28.89
CA VAL D 391 23.84 -4.40 -27.61
C VAL D 391 23.42 -5.81 -27.24
N GLU D 392 23.11 -6.58 -28.27
CA GLU D 392 22.68 -7.97 -28.12
C GLU D 392 23.78 -8.81 -27.46
N GLU D 393 25.01 -8.63 -27.94
CA GLU D 393 26.17 -9.32 -27.43
C GLU D 393 26.51 -8.89 -26.01
N ALA D 394 26.46 -7.59 -25.76
CA ALA D 394 26.76 -7.02 -24.44
C ALA D 394 25.83 -7.63 -23.39
N ILE D 395 24.54 -7.77 -23.73
CA ILE D 395 23.54 -8.35 -22.81
C ILE D 395 23.91 -9.80 -22.54
N GLU D 396 24.22 -10.53 -23.61
CA GLU D 396 24.62 -11.94 -23.56
C GLU D 396 25.82 -12.12 -22.64
N ILE D 397 26.88 -11.34 -22.86
CA ILE D 397 28.08 -11.41 -22.04
C ILE D 397 27.80 -10.99 -20.61
N SER D 398 26.99 -9.95 -20.43
CA SER D 398 26.68 -9.48 -19.08
C SER D 398 25.95 -10.56 -18.28
N ASN D 399 24.91 -11.14 -18.86
CA ASN D 399 24.11 -12.17 -18.20
C ASN D 399 24.87 -13.48 -17.93
N LYS D 400 25.91 -13.73 -18.70
CA LYS D 400 26.70 -14.95 -18.56
C LYS D 400 27.31 -15.11 -17.17
N SER D 401 27.75 -13.99 -16.58
CA SER D 401 28.32 -14.00 -15.24
C SER D 401 27.42 -14.65 -14.21
N GLU D 402 28.08 -15.30 -13.27
CA GLU D 402 27.45 -15.98 -12.15
C GLU D 402 26.86 -14.98 -11.14
N TYR D 403 27.18 -13.71 -11.33
CA TYR D 403 26.73 -12.65 -10.45
C TYR D 403 25.59 -11.78 -11.03
N GLY D 404 24.93 -11.02 -10.16
CA GLY D 404 23.84 -10.18 -10.61
C GLY D 404 23.44 -9.08 -9.64
N LEU D 405 24.41 -8.32 -9.14
CA LEU D 405 24.12 -7.25 -8.20
C LEU D 405 23.46 -6.06 -8.89
N GLN D 406 24.23 -5.33 -9.70
CA GLN D 406 23.74 -4.16 -10.44
C GLN D 406 24.38 -4.04 -11.82
N ALA D 407 23.92 -3.09 -12.61
CA ALA D 407 24.46 -2.87 -13.95
C ALA D 407 24.25 -1.42 -14.30
N SER D 408 24.97 -0.96 -15.33
CA SER D 408 24.87 0.43 -15.78
C SER D 408 24.70 0.46 -17.28
N ILE D 409 23.91 1.42 -17.75
CA ILE D 409 23.74 1.58 -19.17
C ILE D 409 23.95 3.05 -19.50
N PHE D 410 24.96 3.35 -20.31
CA PHE D 410 25.24 4.71 -20.70
C PHE D 410 24.77 4.92 -22.14
N THR D 411 23.64 5.60 -22.27
CA THR D 411 23.03 5.85 -23.58
C THR D 411 22.08 7.05 -23.45
N ASN D 412 21.57 7.53 -24.57
CA ASN D 412 20.63 8.66 -24.59
C ASN D 412 19.22 8.16 -24.89
N ASP D 413 19.15 6.96 -25.49
CA ASP D 413 17.88 6.32 -25.85
C ASP D 413 17.33 5.64 -24.60
N PHE D 414 16.55 6.37 -23.81
CA PHE D 414 15.98 5.83 -22.59
C PHE D 414 15.03 4.68 -22.74
N PRO D 415 14.11 4.75 -23.72
CA PRO D 415 13.18 3.62 -23.87
C PRO D 415 13.96 2.34 -24.14
N ARG D 416 15.10 2.49 -24.83
CA ARG D 416 15.96 1.36 -25.12
C ARG D 416 16.61 0.92 -23.81
N ALA D 417 17.26 1.87 -23.12
CA ALA D 417 17.90 1.59 -21.85
C ALA D 417 16.94 0.84 -20.94
N PHE D 418 15.68 1.25 -20.95
CA PHE D 418 14.67 0.63 -20.10
C PHE D 418 14.35 -0.77 -20.56
N GLY D 419 14.41 -0.99 -21.87
CA GLY D 419 14.13 -2.30 -22.44
C GLY D 419 15.26 -3.27 -22.14
N ILE D 420 16.51 -2.79 -22.26
CA ILE D 420 17.71 -3.58 -21.98
C ILE D 420 17.67 -3.97 -20.50
N ALA D 421 17.38 -2.98 -19.66
CA ALA D 421 17.32 -3.19 -18.23
C ALA D 421 16.44 -4.39 -17.83
N GLU D 422 15.37 -4.64 -18.59
CA GLU D 422 14.47 -5.75 -18.26
C GLU D 422 15.12 -7.09 -18.52
N GLN D 423 16.12 -7.08 -19.40
CA GLN D 423 16.85 -8.29 -19.79
C GLN D 423 18.06 -8.63 -18.94
N LEU D 424 18.65 -7.63 -18.32
CA LEU D 424 19.82 -7.84 -17.48
C LEU D 424 19.42 -8.53 -16.18
N GLU D 425 20.09 -9.63 -15.86
CA GLU D 425 19.82 -10.41 -14.65
C GLU D 425 20.45 -9.82 -13.41
N VAL D 426 20.07 -8.59 -13.09
CA VAL D 426 20.62 -7.88 -11.93
C VAL D 426 19.49 -7.40 -11.03
N GLY D 427 19.85 -6.85 -9.89
CA GLY D 427 18.85 -6.33 -8.99
C GLY D 427 18.50 -4.87 -9.30
N THR D 428 19.47 -4.13 -9.83
CA THR D 428 19.29 -2.73 -10.16
C THR D 428 20.08 -2.30 -11.38
N VAL D 429 19.46 -1.44 -12.19
CA VAL D 429 20.11 -0.90 -13.37
C VAL D 429 20.12 0.62 -13.25
N HIS D 430 21.31 1.21 -13.42
CA HIS D 430 21.48 2.65 -13.37
C HIS D 430 21.65 3.16 -14.80
N ILE D 431 20.80 4.08 -15.23
CA ILE D 431 20.88 4.63 -16.59
C ILE D 431 21.65 5.93 -16.47
N ASN D 432 22.88 5.93 -16.98
CA ASN D 432 23.79 7.07 -16.95
C ASN D 432 24.22 7.49 -15.55
N ASN D 433 25.08 6.66 -14.96
CA ASN D 433 25.67 6.83 -13.63
C ASN D 433 26.32 5.50 -13.20
N LYS D 434 27.41 5.59 -12.44
CA LYS D 434 28.11 4.40 -11.96
C LYS D 434 27.22 3.67 -10.98
N THR D 435 27.42 2.37 -10.84
CA THR D 435 26.62 1.60 -9.91
C THR D 435 26.96 2.04 -8.49
N GLN D 436 25.94 2.08 -7.65
CA GLN D 436 26.06 2.49 -6.25
C GLN D 436 24.87 1.91 -5.50
N ARG D 437 24.96 1.82 -4.17
CA ARG D 437 23.83 1.33 -3.40
C ARG D 437 22.69 2.38 -3.53
N GLY D 438 23.08 3.64 -3.79
CA GLY D 438 22.18 4.77 -4.00
C GLY D 438 21.04 5.01 -3.03
N THR D 439 21.29 5.84 -2.01
CA THR D 439 20.31 6.16 -0.96
C THR D 439 19.69 4.88 -0.42
N ASP D 440 20.06 4.58 0.82
CA ASP D 440 19.60 3.38 1.48
C ASP D 440 18.10 3.21 1.70
N ASN D 441 17.30 4.00 1.00
CA ASN D 441 15.85 3.88 1.13
C ASN D 441 15.33 3.05 -0.05
N PHE D 442 16.09 3.06 -1.16
CA PHE D 442 15.77 2.29 -2.37
C PHE D 442 16.02 0.80 -2.08
N PRO D 443 15.32 -0.11 -2.80
CA PRO D 443 15.57 -1.54 -2.56
C PRO D 443 16.94 -1.93 -3.11
N PHE D 444 17.63 -2.83 -2.40
CA PHE D 444 18.94 -3.31 -2.83
C PHE D 444 18.91 -4.83 -2.81
N LEU D 445 19.23 -5.44 -3.94
CA LEU D 445 19.22 -6.89 -4.04
C LEU D 445 20.16 -7.39 -5.14
N GLY D 446 20.38 -8.69 -5.17
CA GLY D 446 21.24 -9.26 -6.20
C GLY D 446 20.68 -10.55 -6.81
N ALA D 447 20.82 -10.71 -8.12
CA ALA D 447 20.34 -11.91 -8.78
C ALA D 447 21.43 -12.98 -8.72
N LYS D 448 21.05 -14.21 -9.03
CA LYS D 448 21.98 -15.34 -9.06
C LYS D 448 22.82 -15.52 -7.79
N LYS D 449 24.10 -15.78 -7.95
CA LYS D 449 24.98 -15.98 -6.79
C LYS D 449 25.29 -14.75 -5.98
N SER D 450 24.66 -13.62 -6.32
CA SER D 450 24.93 -12.39 -5.60
C SER D 450 24.18 -12.21 -4.29
N GLY D 451 23.31 -13.16 -3.97
CA GLY D 451 22.61 -13.04 -2.71
C GLY D 451 21.23 -13.69 -2.63
N ALA D 452 20.55 -13.38 -1.53
CA ALA D 452 19.21 -13.86 -1.24
C ALA D 452 18.54 -12.83 -0.31
N GLY D 453 17.40 -12.31 -0.74
CA GLY D 453 16.69 -11.30 0.03
C GLY D 453 16.79 -9.90 -0.54
N ILE D 454 15.90 -9.00 -0.11
CA ILE D 454 15.89 -7.61 -0.58
C ILE D 454 16.23 -6.67 0.57
N GLN D 455 17.16 -5.75 0.32
CA GLN D 455 17.59 -4.79 1.33
C GLN D 455 17.10 -3.38 1.07
N GLY D 456 17.54 -2.46 1.90
CA GLY D 456 17.08 -1.08 1.83
C GLY D 456 16.25 -0.99 3.11
N VAL D 457 16.36 0.12 3.83
CA VAL D 457 15.66 0.27 5.11
C VAL D 457 14.27 -0.37 5.24
N LYS D 458 13.37 -0.03 4.34
CA LYS D 458 12.01 -0.58 4.41
C LYS D 458 11.93 -2.09 4.22
N TYR D 459 12.62 -2.57 3.19
CA TYR D 459 12.65 -3.98 2.85
C TYR D 459 13.34 -4.83 3.91
N SER D 460 14.36 -4.27 4.56
CA SER D 460 15.08 -4.97 5.62
C SER D 460 14.13 -5.20 6.78
N ILE D 461 13.31 -4.21 7.06
CA ILE D 461 12.36 -4.29 8.15
C ILE D 461 11.29 -5.33 7.88
N GLU D 462 10.81 -5.41 6.65
CA GLU D 462 9.78 -6.39 6.32
C GLU D 462 10.35 -7.82 6.37
N ALA D 463 11.60 -7.95 5.95
CA ALA D 463 12.32 -9.22 5.92
C ALA D 463 12.48 -9.85 7.30
N MET D 464 12.92 -9.07 8.27
CA MET D 464 13.15 -9.58 9.60
C MET D 464 11.91 -9.50 10.48
N THR D 465 10.74 -9.59 9.84
CA THR D 465 9.47 -9.59 10.57
C THR D 465 8.54 -10.61 9.95
N THR D 466 7.63 -11.10 10.77
CA THR D 466 6.65 -12.07 10.34
C THR D 466 5.28 -11.42 10.51
N VAL D 467 4.22 -12.21 10.40
CA VAL D 467 2.88 -11.68 10.48
C VAL D 467 1.98 -12.57 11.33
N LYS D 468 1.16 -11.97 12.17
CA LYS D 468 0.23 -12.73 13.02
C LYS D 468 -1.11 -12.27 12.53
N SER D 469 -2.04 -13.21 12.30
CA SER D 469 -3.37 -12.87 11.79
C SER D 469 -4.50 -13.36 12.66
N VAL D 470 -5.20 -12.44 13.30
CA VAL D 470 -6.32 -12.79 14.17
C VAL D 470 -7.63 -12.72 13.38
N VAL D 471 -8.32 -13.84 13.22
CA VAL D 471 -9.56 -13.88 12.46
C VAL D 471 -10.77 -14.04 13.36
N PHE D 472 -11.78 -13.19 13.14
CA PHE D 472 -13.02 -13.25 13.92
C PHE D 472 -14.27 -12.90 13.11
N ASP D 473 -15.42 -13.29 13.62
CA ASP D 473 -16.70 -13.07 12.95
C ASP D 473 -17.50 -11.95 13.57
N ILE D 474 -17.88 -10.99 12.72
CA ILE D 474 -18.65 -9.84 13.14
C ILE D 474 -20.11 -10.23 13.25
N LYS D 475 -20.73 -9.91 14.38
CA LYS D 475 -22.14 -10.23 14.58
C LYS D 475 -23.02 -9.07 14.14
PA NAP E . -22.74 19.76 -20.70
O1A NAP E . -21.79 19.92 -19.61
O2A NAP E . -24.03 20.48 -20.67
O5B NAP E . -23.08 18.20 -20.98
C5B NAP E . -22.88 17.19 -19.98
C4B NAP E . -24.10 16.84 -19.12
O4B NAP E . -24.59 18.02 -18.48
C3B NAP E . -25.32 16.31 -19.86
O3B NAP E . -25.74 15.10 -19.24
C2B NAP E . -26.41 17.37 -19.74
O2B NAP E . -27.72 16.78 -19.89
C1B NAP E . -26.00 17.82 -18.34
N9A NAP E . -26.67 19.00 -17.73
C8A NAP E . -26.82 20.23 -18.27
N7A NAP E . -27.20 21.10 -17.34
C5A NAP E . -27.28 20.39 -16.21
C6A NAP E . -27.38 20.93 -14.93
N6A NAP E . -27.81 22.16 -14.71
N1A NAP E . -27.14 20.08 -13.90
C2A NAP E . -26.87 18.79 -14.12
N3A NAP E . -26.78 18.29 -15.35
C4A NAP E . -26.95 19.08 -16.43
O3 NAP E . -22.03 20.13 -22.01
PN NAP E . -22.60 20.37 -23.45
O1N NAP E . -22.15 21.73 -23.85
O2N NAP E . -24.04 20.05 -23.48
O5D NAP E . -21.83 19.27 -24.41
C5D NAP E . -21.34 18.01 -23.91
C4D NAP E . -19.96 18.25 -23.37
O4D NAP E . -19.18 17.04 -23.26
C3D NAP E . -19.05 19.19 -24.18
O3D NAP E . -19.39 20.60 -24.30
C2D NAP E . -17.71 18.94 -23.47
O2D NAP E . -17.27 20.05 -22.68
C1D NAP E . -18.06 17.70 -22.65
N1N NAP E . -16.86 16.91 -22.34
C2N NAP E . -16.92 15.50 -22.44
C3N NAP E . -15.81 14.75 -22.03
C7N NAP E . -15.93 13.41 -22.06
O7N NAP E . -16.99 12.95 -22.49
N7N NAP E . -14.84 12.67 -21.80
C4N NAP E . -14.71 15.40 -21.51
C5N NAP E . -14.66 16.77 -21.44
C6N NAP E . -15.71 17.55 -21.88
P2B NAP E . -28.41 17.47 -21.21
O1X NAP E . -27.61 17.16 -22.40
O2X NAP E . -29.85 17.16 -21.21
O3X NAP E . -28.35 19.03 -20.90
O1 G3H F . -13.77 12.66 -24.43
C1 G3H F . -13.29 11.92 -23.48
C2 G3H F . -12.65 10.58 -23.81
O2 G3H F . -12.62 9.76 -22.65
C3 G3H F . -11.23 10.82 -24.31
O1P G3H F . -10.95 10.05 -25.50
O2P G3H F . -10.09 7.97 -24.35
O3P G3H F . -9.87 8.16 -26.75
O4P G3H F . -8.47 9.47 -25.31
P G3H F . -9.83 8.90 -25.47
PA NAP G . -16.60 30.14 13.57
O1A NAP G . -17.57 29.09 13.34
O2A NAP G . -16.63 31.32 12.70
O5B NAP G . -15.14 29.49 13.46
C5B NAP G . -13.97 30.23 13.80
C4B NAP G . -13.05 30.41 12.61
O4B NAP G . -13.82 30.89 11.49
C3B NAP G . -12.08 31.54 12.89
O3B NAP G . -10.79 31.29 12.33
C2B NAP G . -12.77 32.72 12.24
O2B NAP G . -11.98 33.90 12.15
C1B NAP G . -13.14 32.04 10.94
N9A NAP G . -14.05 32.77 10.03
C8A NAP G . -15.28 33.19 10.35
N7A NAP G . -16.01 33.44 9.25
C5A NAP G . -15.20 33.16 8.25
C6A NAP G . -15.52 33.26 6.90
N6A NAP G . -16.70 33.68 6.45
N1A NAP G . -14.53 32.97 6.04
C2A NAP G . -13.31 32.64 6.47
N3A NAP G . -13.02 32.55 7.76
C4A NAP G . -13.95 32.78 8.70
O3 NAP G . -16.81 30.70 15.01
PN NAP G . -16.80 30.10 16.48
O1N NAP G . -18.02 29.24 16.56
O2N NAP G . -16.62 31.15 17.54
O5D NAP G . -15.36 29.37 16.16
C5D NAP G . -14.70 28.46 17.02
C4D NAP G . -14.99 27.07 16.52
O4D NAP G . -14.52 25.90 17.19
C3D NAP G . -16.47 26.83 16.35
O3D NAP G . -16.68 27.01 14.96
C2D NAP G . -16.75 25.38 16.65
O2D NAP G . -17.79 24.89 15.80
C1D NAP G . -15.31 25.03 16.37
N1N NAP G . -15.02 23.62 16.23
C2N NAP G . -13.85 23.17 16.83
C3N NAP G . -13.47 21.84 16.67
C7N NAP G . -12.30 21.32 17.04
O7N NAP G . -11.37 22.13 17.15
N7N NAP G . -12.21 20.01 17.25
C4N NAP G . -14.21 21.02 15.84
C5N NAP G . -15.40 21.48 15.30
C6N NAP G . -15.86 22.74 15.54
P2B NAP G . -12.60 34.93 13.26
O1X NAP G . -14.06 34.96 13.13
O2X NAP G . -12.01 34.68 14.58
O3X NAP G . -11.92 36.27 12.69
O1 G3P H . -12.19 19.96 20.62
C1 G3P H . -12.12 19.16 19.61
C2 G3P H . -10.77 18.92 18.95
O2 G3P H . -10.95 18.21 17.72
C3 G3P H . -9.88 18.12 19.91
O1P G3P H . -10.58 16.97 20.43
O4P G3P H . -10.65 14.81 21.70
O2P G3P H . -8.51 15.66 21.00
O3P G3P H . -9.72 16.75 22.77
P G3P H . -9.85 16.03 21.49
PA NAP I . 5.57 -35.92 2.77
O1A NAP I . 6.64 -35.17 3.47
O2A NAP I . 5.91 -37.14 2.02
O5B NAP I . 4.78 -34.92 1.83
C5B NAP I . 4.21 -35.40 0.62
C4B NAP I . 4.68 -34.71 -0.65
O4B NAP I . 6.12 -34.58 -0.69
C3B NAP I . 4.32 -35.68 -1.73
O3B NAP I . 4.16 -35.08 -3.00
C2B NAP I . 5.54 -36.57 -1.72
O2B NAP I . 5.50 -37.42 -2.87
C1B NAP I . 6.63 -35.52 -1.65
N9A NAP I . 8.00 -35.97 -1.22
C8A NAP I . 8.38 -36.97 -0.42
N7A NAP I . 9.71 -37.00 -0.26
C5A NAP I . 10.13 -35.98 -0.98
C6A NAP I . 11.44 -35.54 -1.11
N6A NAP I . 12.51 -36.21 -0.68
N1A NAP I . 11.61 -34.42 -1.83
C2A NAP I . 10.60 -33.77 -2.39
N3A NAP I . 9.34 -34.20 -2.28
C4A NAP I . 9.09 -35.31 -1.57
O3 NAP I . 4.55 -36.38 3.84
PN NAP I . 3.43 -37.42 3.72
O1N NAP I . 4.04 -38.75 3.91
O2N NAP I . 2.66 -37.08 2.49
O5D NAP I . 2.48 -37.22 4.95
C5D NAP I . 1.41 -36.27 4.78
C4D NAP I . 1.75 -34.93 5.42
O4D NAP I . 0.88 -33.88 4.94
C3D NAP I . 1.63 -34.96 6.96
O3D NAP I . 2.73 -35.48 7.71
C2D NAP I . 1.41 -33.49 7.28
O2D NAP I . 2.48 -32.95 8.09
C1D NAP I . 1.29 -32.89 5.88
N1N NAP I . 0.42 -31.72 5.93
C2N NAP I . -0.67 -31.60 5.03
C3N NAP I . -1.45 -30.42 5.02
C7N NAP I . -2.35 -30.11 4.20
O7N NAP I . -2.29 -29.04 3.62
N7N NAP I . -3.33 -30.97 3.95
C4N NAP I . -1.07 -29.40 5.87
C5N NAP I . -0.04 -29.55 6.81
C6N NAP I . 0.70 -30.71 6.85
P2B NAP I . 5.24 -38.91 -2.30
O1X NAP I . 5.89 -39.05 -0.97
O2X NAP I . 3.83 -39.29 -2.46
O3X NAP I . 6.07 -39.70 -3.37
O1 G3H J . -5.21 -30.24 5.28
C1 G3H J . -5.05 -29.16 5.97
C2 G3H J . -5.94 -27.94 5.71
O2 G3H J . -5.14 -26.80 5.48
C3 G3H J . -6.84 -27.69 6.94
O1P G3H J . -8.24 -27.85 6.61
O2P G3H J . -10.44 -26.96 5.71
O3P G3H J . -9.28 -25.65 7.36
O4P G3H J . -8.39 -25.84 5.15
P G3H J . -9.11 -26.56 6.20
PA NAP K . 33.85 -13.58 3.98
O1A NAP K . 32.78 -14.25 3.24
O2A NAP K . 34.66 -14.32 4.97
O5B NAP K . 33.13 -12.43 4.77
C5B NAP K . 33.63 -11.98 6.04
C4B NAP K . 32.59 -12.08 7.12
O4B NAP K . 32.14 -13.46 7.19
C3B NAP K . 33.31 -11.80 8.41
O3B NAP K . 32.48 -11.10 9.37
C2B NAP K . 33.83 -13.21 8.73
O2B NAP K . 34.42 -13.46 10.01
C1B NAP K . 32.54 -13.99 8.48
N9A NAP K . 32.60 -15.47 8.49
C8A NAP K . 33.58 -16.23 7.92
N7A NAP K . 33.26 -17.54 7.93
C5A NAP K . 32.08 -17.57 8.52
C6A NAP K . 31.34 -18.72 8.75
N6A NAP K . 31.66 -19.87 8.18
N1A NAP K . 30.16 -18.57 9.35
C2A NAP K . 29.72 -17.35 9.68
N3A NAP K . 30.43 -16.24 9.45
C4A NAP K . 31.64 -16.30 8.88
O3 NAP K . 34.85 -12.95 3.02
PN NAP K . 36.12 -12.05 3.33
O1N NAP K . 37.00 -11.94 2.13
O2N NAP K . 36.71 -12.55 4.59
O5D NAP K . 35.31 -10.56 3.53
C5D NAP K . 35.23 -9.63 2.46
C4D NAP K . 34.40 -10.23 1.37
O4D NAP K . 33.41 -9.24 1.18
C3D NAP K . 35.08 -10.38 -0.01
O3D NAP K . 35.51 -11.70 -0.42
C2D NAP K . 34.00 -9.95 -0.99
O2D NAP K . 33.77 -10.92 -2.02
C1D NAP K . 32.83 -9.64 -0.06
N1N NAP K . 31.88 -8.62 -0.54
C2N NAP K . 31.73 -7.41 0.18
C3N NAP K . 30.70 -6.53 -0.18
C7N NAP K . 30.54 -5.33 0.41
O7N NAP K . 30.75 -5.20 1.62
N7N NAP K . 29.86 -4.45 -0.31
C4N NAP K . 29.79 -6.90 -1.18
C5N NAP K . 29.93 -8.08 -1.89
C6N NAP K . 31.00 -8.92 -1.59
P2B NAP K . 36.05 -13.20 9.91
O1X NAP K . 36.37 -12.02 9.06
O2X NAP K . 36.53 -13.21 11.31
O3X NAP K . 36.63 -14.53 9.19
O1 G3H L . 30.75 -1.51 -0.21
C1 G3H L . 29.55 -1.89 -0.45
C2 G3H L . 29.06 -1.95 -1.88
O2 G3H L . 30.17 -2.01 -2.77
C3 G3H L . 28.20 -0.69 -2.18
O1P G3H L . 29.01 0.42 -2.60
O2P G3H L . 29.63 2.78 -1.93
O3P G3H L . 27.89 2.48 -3.55
O4P G3H L . 27.47 1.91 -1.24
P G3H L . 28.50 1.92 -2.32
#